data_2KBS
#
_entry.id   2KBS
#
loop_
_entity.id
_entity.type
_entity.pdbx_description
1 polymer Harmonin
2 polymer 'octameric peptide from Cadherin-23'
#
loop_
_entity_poly.entity_id
_entity_poly.type
_entity_poly.pdbx_seq_one_letter_code
_entity_poly.pdbx_strand_id
1 'polypeptide(L)'
;KEKKVFISLVGSRGLGCSISSGPIQKPGIFISHVKPGSLSAEVGLEIGDQIVEVNGVDFSNLDHKEAVNVLKSSRSLTIS
IVAAAGRELFMT
;
A
2 'polypeptide(L)' TPLEITEL B
#
# COMPACT_ATOMS: atom_id res chain seq x y z
N LYS A 1 13.11 2.02 7.93
CA LYS A 1 12.45 3.11 8.68
C LYS A 1 10.93 2.99 8.63
N GLU A 2 10.35 2.51 9.73
CA GLU A 2 8.91 2.34 9.83
C GLU A 2 8.19 3.68 9.70
N LYS A 3 7.42 3.84 8.63
CA LYS A 3 6.68 5.08 8.39
C LYS A 3 5.19 4.90 8.69
N LYS A 4 4.55 5.95 9.17
CA LYS A 4 3.13 5.92 9.50
C LYS A 4 2.31 6.72 8.50
N VAL A 5 1.17 6.18 8.10
CA VAL A 5 0.29 6.85 7.15
C VAL A 5 -1.18 6.61 7.49
N PHE A 6 -1.94 7.70 7.57
CA PHE A 6 -3.37 7.61 7.90
C PHE A 6 -4.23 8.05 6.72
N ILE A 7 -5.02 7.13 6.19
CA ILE A 7 -5.89 7.44 5.06
C ILE A 7 -7.33 7.58 5.51
N SER A 8 -7.94 8.71 5.21
CA SER A 8 -9.32 8.98 5.59
C SER A 8 -10.09 9.65 4.45
N LEU A 9 -11.20 9.04 4.05
CA LEU A 9 -12.02 9.59 2.96
C LEU A 9 -12.86 10.77 3.46
N VAL A 10 -12.22 11.92 3.58
CA VAL A 10 -12.91 13.12 4.04
C VAL A 10 -13.91 13.62 3.00
N GLY A 11 -13.59 13.38 1.72
CA GLY A 11 -14.47 13.79 0.65
C GLY A 11 -15.24 12.63 0.04
N SER A 12 -15.05 12.43 -1.27
CA SER A 12 -15.74 11.36 -1.97
C SER A 12 -14.83 10.75 -3.04
N ARG A 13 -13.57 10.53 -2.69
CA ARG A 13 -12.61 9.95 -3.62
C ARG A 13 -11.69 8.97 -2.91
N GLY A 14 -11.21 7.98 -3.66
CA GLY A 14 -10.33 6.98 -3.08
C GLY A 14 -9.05 7.58 -2.53
N LEU A 15 -8.08 6.73 -2.21
CA LEU A 15 -6.80 7.20 -1.68
C LEU A 15 -5.92 7.75 -2.79
N GLY A 16 -5.92 7.07 -3.93
CA GLY A 16 -5.11 7.52 -5.05
C GLY A 16 -3.83 6.73 -5.24
N CYS A 17 -3.78 5.53 -4.68
CA CYS A 17 -2.58 4.69 -4.81
C CYS A 17 -2.93 3.27 -5.22
N SER A 18 -1.95 2.58 -5.77
CA SER A 18 -2.12 1.19 -6.19
C SER A 18 -1.23 0.29 -5.35
N ILE A 19 -1.38 -1.02 -5.52
CA ILE A 19 -0.57 -1.97 -4.77
C ILE A 19 -0.19 -3.19 -5.60
N SER A 20 1.00 -3.70 -5.34
CA SER A 20 1.52 -4.86 -6.06
C SER A 20 2.02 -5.92 -5.08
N SER A 21 2.16 -7.15 -5.56
CA SER A 21 2.63 -8.24 -4.71
C SER A 21 4.09 -8.57 -5.02
N GLY A 22 4.85 -8.92 -3.98
CA GLY A 22 6.25 -9.23 -4.16
C GLY A 22 6.49 -10.69 -4.48
N PRO A 23 7.75 -11.06 -4.76
CA PRO A 23 8.13 -12.44 -5.08
C PRO A 23 8.02 -13.37 -3.89
N ILE A 24 8.70 -14.51 -3.96
CA ILE A 24 8.68 -15.49 -2.88
C ILE A 24 9.73 -15.17 -1.83
N GLN A 25 10.80 -14.50 -2.24
CA GLN A 25 11.87 -14.13 -1.33
C GLN A 25 11.39 -13.12 -0.30
N LYS A 26 10.45 -12.26 -0.71
CA LYS A 26 9.91 -11.24 0.18
C LYS A 26 8.47 -10.90 -0.22
N PRO A 27 7.52 -11.83 0.02
CA PRO A 27 6.11 -11.62 -0.32
C PRO A 27 5.44 -10.63 0.62
N GLY A 28 4.63 -9.74 0.06
CA GLY A 28 3.94 -8.75 0.86
C GLY A 28 3.18 -7.74 0.01
N ILE A 29 2.59 -6.75 0.67
CA ILE A 29 1.83 -5.72 -0.03
C ILE A 29 2.72 -4.52 -0.36
N PHE A 30 2.90 -4.25 -1.65
CA PHE A 30 3.72 -3.14 -2.10
C PHE A 30 2.86 -2.00 -2.61
N ILE A 31 3.50 -0.86 -2.86
CA ILE A 31 2.79 0.32 -3.36
C ILE A 31 3.13 0.58 -4.82
N SER A 32 2.09 0.85 -5.62
CA SER A 32 2.26 1.13 -7.03
C SER A 32 2.07 2.62 -7.31
N HIS A 33 1.99 2.96 -8.58
CA HIS A 33 1.80 4.36 -9.00
C HIS A 33 0.63 4.99 -8.25
N VAL A 34 0.71 6.29 -8.02
CA VAL A 34 -0.34 7.02 -7.32
C VAL A 34 -0.75 8.27 -8.08
N LYS A 35 -1.97 8.73 -7.87
CA LYS A 35 -2.47 9.92 -8.54
C LYS A 35 -2.30 11.16 -7.67
N PRO A 36 -2.07 12.33 -8.30
CA PRO A 36 -1.88 13.60 -7.57
C PRO A 36 -3.20 14.18 -7.09
N GLY A 37 -3.18 14.81 -5.92
CA GLY A 37 -4.38 15.41 -5.37
C GLY A 37 -5.12 14.48 -4.44
N SER A 38 -4.91 13.18 -4.61
CA SER A 38 -5.56 12.17 -3.78
C SER A 38 -4.94 12.13 -2.39
N LEU A 39 -5.44 11.24 -1.54
CA LEU A 39 -4.93 11.10 -0.18
C LEU A 39 -3.52 10.49 -0.19
N SER A 40 -3.30 9.57 -1.13
CA SER A 40 -2.01 8.90 -1.25
C SER A 40 -0.87 9.91 -1.35
N ALA A 41 -1.02 10.87 -2.27
CA ALA A 41 -0.01 11.90 -2.46
C ALA A 41 0.06 12.82 -1.26
N GLU A 42 -1.09 13.04 -0.63
CA GLU A 42 -1.17 13.91 0.54
C GLU A 42 -0.41 13.32 1.72
N VAL A 43 -0.36 11.99 1.79
CA VAL A 43 0.34 11.32 2.87
C VAL A 43 1.81 11.09 2.52
N GLY A 44 2.12 11.11 1.23
CA GLY A 44 3.49 10.91 0.81
C GLY A 44 3.73 9.49 0.32
N LEU A 45 2.74 8.95 -0.40
CA LEU A 45 2.83 7.59 -0.93
C LEU A 45 3.44 7.60 -2.33
N GLU A 46 3.95 6.44 -2.74
CA GLU A 46 4.57 6.29 -4.06
C GLU A 46 5.09 4.88 -4.25
N ILE A 47 5.50 4.56 -5.47
CA ILE A 47 6.02 3.24 -5.80
C ILE A 47 7.26 2.92 -4.96
N GLY A 48 7.42 1.64 -4.64
CA GLY A 48 8.57 1.23 -3.84
C GLY A 48 8.19 0.93 -2.39
N ASP A 49 7.35 1.79 -1.82
CA ASP A 49 6.92 1.62 -0.44
C ASP A 49 6.31 0.23 -0.23
N GLN A 50 6.09 -0.13 1.04
CA GLN A 50 5.51 -1.42 1.37
C GLN A 50 4.71 -1.34 2.67
N ILE A 51 3.40 -1.52 2.57
CA ILE A 51 2.52 -1.47 3.73
C ILE A 51 2.75 -2.68 4.63
N VAL A 52 3.10 -2.41 5.88
CA VAL A 52 3.35 -3.47 6.85
C VAL A 52 2.28 -3.52 7.93
N GLU A 53 1.22 -2.74 7.77
CA GLU A 53 0.14 -2.72 8.75
C GLU A 53 -1.04 -1.89 8.24
N VAL A 54 -2.25 -2.29 8.64
CA VAL A 54 -3.46 -1.59 8.24
C VAL A 54 -4.57 -1.79 9.28
N ASN A 55 -4.77 -0.78 10.12
CA ASN A 55 -5.79 -0.84 11.15
C ASN A 55 -5.50 -1.96 12.15
N GLY A 56 -4.21 -2.24 12.36
CA GLY A 56 -3.83 -3.29 13.28
C GLY A 56 -3.42 -4.57 12.58
N VAL A 57 -4.01 -4.81 11.41
CA VAL A 57 -3.71 -6.00 10.64
C VAL A 57 -2.29 -5.95 10.07
N ASP A 58 -1.45 -6.91 10.48
CA ASP A 58 -0.07 -6.97 10.02
C ASP A 58 -0.02 -7.33 8.54
N PHE A 59 0.63 -6.48 7.75
CA PHE A 59 0.75 -6.70 6.31
C PHE A 59 2.12 -7.30 5.97
N SER A 60 2.78 -7.89 6.97
CA SER A 60 4.09 -8.49 6.76
C SER A 60 4.00 -9.63 5.75
N ASN A 61 2.94 -10.43 5.85
CA ASN A 61 2.73 -11.54 4.95
C ASN A 61 1.26 -11.64 4.54
N LEU A 62 0.58 -10.51 4.54
CA LEU A 62 -0.84 -10.46 4.17
C LEU A 62 -1.01 -10.69 2.68
N ASP A 63 -2.06 -11.44 2.33
CA ASP A 63 -2.34 -11.74 0.93
C ASP A 63 -2.69 -10.47 0.15
N HIS A 64 -2.47 -10.50 -1.15
CA HIS A 64 -2.77 -9.35 -2.01
C HIS A 64 -4.23 -8.97 -1.91
N LYS A 65 -5.11 -9.93 -2.17
CA LYS A 65 -6.55 -9.69 -2.11
C LYS A 65 -6.96 -9.17 -0.75
N GLU A 66 -6.36 -9.72 0.30
CA GLU A 66 -6.67 -9.31 1.66
C GLU A 66 -6.37 -7.82 1.85
N ALA A 67 -5.26 -7.36 1.29
CA ALA A 67 -4.86 -5.96 1.39
C ALA A 67 -5.88 -5.05 0.73
N VAL A 68 -6.29 -5.42 -0.48
CA VAL A 68 -7.26 -4.63 -1.22
C VAL A 68 -8.64 -4.71 -0.57
N ASN A 69 -8.97 -5.88 -0.02
CA ASN A 69 -10.26 -6.08 0.62
C ASN A 69 -10.42 -5.16 1.84
N VAL A 70 -9.52 -5.29 2.80
CA VAL A 70 -9.57 -4.46 3.99
C VAL A 70 -9.53 -2.97 3.65
N LEU A 71 -8.70 -2.62 2.68
CA LEU A 71 -8.58 -1.23 2.25
C LEU A 71 -9.87 -0.75 1.59
N LYS A 72 -10.56 -1.67 0.93
CA LYS A 72 -11.82 -1.35 0.25
C LYS A 72 -12.97 -1.31 1.25
N SER A 73 -12.91 -2.17 2.25
CA SER A 73 -13.95 -2.24 3.27
C SER A 73 -14.05 -0.93 4.05
N SER A 74 -12.94 -0.53 4.67
CA SER A 74 -12.91 0.71 5.45
C SER A 74 -12.32 1.85 4.63
N ARG A 75 -13.11 2.89 4.42
CA ARG A 75 -12.66 4.06 3.66
C ARG A 75 -11.57 4.80 4.40
N SER A 76 -11.72 4.91 5.72
CA SER A 76 -10.74 5.60 6.56
C SER A 76 -10.05 4.60 7.49
N LEU A 77 -8.79 4.30 7.19
CA LEU A 77 -8.03 3.36 8.01
C LEU A 77 -6.56 3.78 8.10
N THR A 78 -5.94 3.50 9.25
CA THR A 78 -4.54 3.83 9.47
C THR A 78 -3.65 2.72 8.92
N ILE A 79 -2.76 3.07 8.01
CA ILE A 79 -1.86 2.09 7.41
C ILE A 79 -0.40 2.41 7.72
N SER A 80 0.31 1.43 8.25
CA SER A 80 1.72 1.59 8.59
C SER A 80 2.59 1.07 7.46
N ILE A 81 3.30 1.98 6.79
CA ILE A 81 4.17 1.62 5.69
C ILE A 81 5.64 1.86 6.04
N VAL A 82 6.53 1.04 5.47
CA VAL A 82 7.95 1.17 5.73
C VAL A 82 8.72 1.40 4.44
N ALA A 83 9.34 2.57 4.33
CA ALA A 83 10.11 2.93 3.15
C ALA A 83 11.20 1.90 2.86
N ALA A 84 11.36 1.56 1.57
CA ALA A 84 12.37 0.60 1.14
C ALA A 84 11.90 -0.84 1.28
N ALA A 85 10.86 -1.06 2.09
CA ALA A 85 10.33 -2.40 2.30
C ALA A 85 9.91 -3.04 0.97
N GLY A 86 9.64 -2.19 -0.02
CA GLY A 86 9.23 -2.67 -1.32
C GLY A 86 10.22 -2.31 -2.42
N ARG A 87 10.90 -1.19 -2.24
CA ARG A 87 11.88 -0.72 -3.23
C ARG A 87 12.93 -1.79 -3.49
N GLU A 88 13.29 -2.53 -2.45
CA GLU A 88 14.29 -3.59 -2.59
C GLU A 88 13.86 -4.58 -3.67
N LEU A 89 12.58 -4.92 -3.67
CA LEU A 89 12.03 -5.86 -4.65
C LEU A 89 11.97 -5.21 -6.04
N PHE A 90 11.41 -4.00 -6.09
CA PHE A 90 11.29 -3.27 -7.35
C PHE A 90 12.61 -3.24 -8.12
N MET A 91 13.72 -3.18 -7.37
CA MET A 91 15.04 -3.16 -7.99
C MET A 91 15.38 -4.50 -8.63
N THR A 92 14.72 -4.78 -9.75
CA THR A 92 14.94 -6.03 -10.47
C THR A 92 15.94 -5.85 -11.60
N THR B 1 8.24 -12.59 -14.86
CA THR B 1 7.10 -11.79 -15.30
C THR B 1 6.70 -10.78 -14.24
N PRO B 2 6.16 -9.62 -14.65
CA PRO B 2 5.75 -8.56 -13.72
C PRO B 2 4.77 -9.09 -12.66
N LEU B 3 4.78 -8.45 -11.49
CA LEU B 3 3.91 -8.85 -10.40
C LEU B 3 2.52 -8.22 -10.56
N GLU B 4 1.51 -8.86 -9.99
CA GLU B 4 0.14 -8.36 -10.07
C GLU B 4 0.03 -6.98 -9.40
N ILE B 5 -0.88 -6.17 -9.91
CA ILE B 5 -1.09 -4.83 -9.36
C ILE B 5 -2.58 -4.52 -9.22
N THR B 6 -2.91 -3.67 -8.27
CA THR B 6 -4.30 -3.29 -8.03
C THR B 6 -4.43 -1.78 -7.84
N GLU B 7 -5.56 -1.23 -8.26
CA GLU B 7 -5.81 0.20 -8.14
C GLU B 7 -6.73 0.50 -6.96
N LEU B 8 -6.31 1.40 -6.09
CA LEU B 8 -7.10 1.78 -4.92
C LEU B 8 -7.43 3.26 -4.94
N LYS A 1 12.78 3.44 9.50
CA LYS A 1 12.27 3.53 10.89
C LYS A 1 10.75 3.39 10.93
N GLU A 2 10.20 2.71 9.94
CA GLU A 2 8.75 2.50 9.86
C GLU A 2 8.02 3.84 9.73
N LYS A 3 7.34 4.03 8.61
CA LYS A 3 6.60 5.26 8.37
C LYS A 3 5.10 5.09 8.68
N LYS A 4 4.48 6.15 9.18
CA LYS A 4 3.06 6.11 9.52
C LYS A 4 2.24 6.84 8.45
N VAL A 5 1.10 6.26 8.11
CA VAL A 5 0.22 6.85 7.11
C VAL A 5 -1.26 6.59 7.44
N PHE A 6 -2.10 7.56 7.12
CA PHE A 6 -3.54 7.44 7.38
C PHE A 6 -4.34 7.82 6.14
N ILE A 7 -5.16 6.88 5.67
CA ILE A 7 -5.99 7.12 4.49
C ILE A 7 -7.46 7.27 4.87
N SER A 8 -8.09 8.34 4.40
CA SER A 8 -9.49 8.60 4.68
C SER A 8 -10.24 8.98 3.42
N LEU A 9 -11.50 8.56 3.31
CA LEU A 9 -12.32 8.87 2.16
C LEU A 9 -13.10 10.16 2.37
N VAL A 10 -12.39 11.23 2.73
CA VAL A 10 -13.00 12.53 2.96
C VAL A 10 -12.27 13.63 2.21
N GLY A 11 -12.93 14.18 1.19
CA GLY A 11 -12.33 15.24 0.41
C GLY A 11 -11.67 14.72 -0.85
N SER A 12 -11.25 13.46 -0.82
CA SER A 12 -10.60 12.84 -1.98
C SER A 12 -11.37 11.59 -2.42
N ARG A 13 -10.80 10.87 -3.38
CA ARG A 13 -11.43 9.65 -3.89
C ARG A 13 -10.65 8.41 -3.45
N GLY A 14 -11.28 7.60 -2.59
CA GLY A 14 -10.64 6.39 -2.11
C GLY A 14 -9.26 6.63 -1.55
N LEU A 15 -8.23 6.26 -2.32
CA LEU A 15 -6.85 6.43 -1.89
C LEU A 15 -6.06 7.23 -2.92
N GLY A 16 -5.87 6.64 -4.10
CA GLY A 16 -5.13 7.30 -5.16
C GLY A 16 -3.82 6.60 -5.47
N CYS A 17 -3.78 5.30 -5.21
CA CYS A 17 -2.57 4.51 -5.46
C CYS A 17 -2.92 3.06 -5.70
N SER A 18 -2.03 2.36 -6.40
CA SER A 18 -2.25 0.94 -6.70
C SER A 18 -1.18 0.09 -6.01
N ILE A 19 -1.59 -1.01 -5.40
CA ILE A 19 -0.65 -1.88 -4.70
C ILE A 19 -0.30 -3.10 -5.53
N SER A 20 0.94 -3.57 -5.37
CA SER A 20 1.42 -4.74 -6.11
C SER A 20 2.04 -5.75 -5.16
N SER A 21 2.17 -6.99 -5.63
CA SER A 21 2.76 -8.05 -4.81
C SER A 21 4.17 -8.37 -5.28
N GLY A 22 5.04 -8.71 -4.34
CA GLY A 22 6.42 -9.03 -4.67
C GLY A 22 6.61 -10.50 -4.98
N PRO A 23 7.81 -10.89 -5.43
CA PRO A 23 8.12 -12.28 -5.77
C PRO A 23 8.20 -13.17 -4.53
N ILE A 24 8.71 -14.39 -4.72
CA ILE A 24 8.86 -15.33 -3.63
C ILE A 24 9.92 -14.88 -2.64
N GLN A 25 10.89 -14.12 -3.13
CA GLN A 25 11.97 -13.62 -2.29
C GLN A 25 11.46 -12.62 -1.26
N LYS A 26 10.35 -11.95 -1.59
CA LYS A 26 9.76 -10.96 -0.69
C LYS A 26 8.26 -10.80 -0.95
N PRO A 27 7.45 -11.77 -0.49
CA PRO A 27 6.00 -11.73 -0.68
C PRO A 27 5.31 -10.77 0.29
N GLY A 28 4.41 -9.94 -0.23
CA GLY A 28 3.71 -9.00 0.61
C GLY A 28 3.03 -7.90 -0.19
N ILE A 29 2.36 -6.99 0.51
CA ILE A 29 1.66 -5.89 -0.14
C ILE A 29 2.58 -4.69 -0.34
N PHE A 30 2.87 -4.36 -1.59
CA PHE A 30 3.74 -3.23 -1.89
C PHE A 30 2.96 -2.07 -2.50
N ILE A 31 3.63 -0.95 -2.70
CA ILE A 31 3.00 0.24 -3.25
C ILE A 31 3.46 0.49 -4.69
N SER A 32 2.49 0.73 -5.57
CA SER A 32 2.77 0.99 -6.97
C SER A 32 2.57 2.48 -7.28
N HIS A 33 2.56 2.81 -8.57
CA HIS A 33 2.38 4.19 -9.01
C HIS A 33 1.23 4.86 -8.27
N VAL A 34 1.42 6.13 -7.92
CA VAL A 34 0.40 6.88 -7.21
C VAL A 34 -0.23 7.94 -8.10
N LYS A 35 -1.44 8.36 -7.76
CA LYS A 35 -2.17 9.36 -8.54
C LYS A 35 -2.21 10.70 -7.79
N PRO A 36 -1.68 11.78 -8.40
CA PRO A 36 -1.68 13.11 -7.78
C PRO A 36 -3.08 13.56 -7.39
N GLY A 37 -3.16 14.39 -6.35
CA GLY A 37 -4.45 14.89 -5.89
C GLY A 37 -5.31 13.78 -5.29
N SER A 38 -4.75 13.07 -4.32
CA SER A 38 -5.47 11.98 -3.67
C SER A 38 -4.97 11.79 -2.24
N LEU A 39 -5.38 10.70 -1.61
CA LEU A 39 -4.97 10.40 -0.25
C LEU A 39 -3.53 9.90 -0.22
N SER A 40 -3.23 8.97 -1.11
CA SER A 40 -1.89 8.39 -1.20
C SER A 40 -0.84 9.49 -1.41
N ALA A 41 -1.17 10.45 -2.27
CA ALA A 41 -0.25 11.55 -2.56
C ALA A 41 -0.15 12.50 -1.37
N GLU A 42 -1.29 12.74 -0.71
CA GLU A 42 -1.33 13.63 0.44
C GLU A 42 -0.49 13.09 1.59
N VAL A 43 -0.48 11.77 1.74
CA VAL A 43 0.29 11.13 2.81
C VAL A 43 1.77 11.07 2.46
N GLY A 44 2.08 11.04 1.17
CA GLY A 44 3.46 10.98 0.74
C GLY A 44 3.87 9.60 0.24
N LEU A 45 2.90 8.87 -0.32
CA LEU A 45 3.17 7.54 -0.84
C LEU A 45 3.91 7.60 -2.17
N GLU A 46 4.44 6.46 -2.60
CA GLU A 46 5.18 6.39 -3.86
C GLU A 46 5.66 4.96 -4.11
N ILE A 47 5.89 4.63 -5.37
CA ILE A 47 6.36 3.31 -5.75
C ILE A 47 7.61 2.92 -4.97
N GLY A 48 7.61 1.72 -4.40
CA GLY A 48 8.74 1.26 -3.63
C GLY A 48 8.40 1.01 -2.18
N ASP A 49 7.36 1.69 -1.70
CA ASP A 49 6.92 1.54 -0.32
C ASP A 49 6.30 0.16 -0.11
N GLN A 50 6.11 -0.22 1.16
CA GLN A 50 5.53 -1.52 1.49
C GLN A 50 4.72 -1.44 2.78
N ILE A 51 3.42 -1.65 2.66
CA ILE A 51 2.53 -1.61 3.82
C ILE A 51 2.79 -2.79 4.74
N VAL A 52 3.21 -2.50 5.97
CA VAL A 52 3.51 -3.54 6.95
C VAL A 52 2.35 -3.73 7.92
N GLU A 53 1.43 -2.78 7.96
CA GLU A 53 0.28 -2.87 8.85
C GLU A 53 -0.87 -1.98 8.36
N VAL A 54 -2.09 -2.34 8.75
CA VAL A 54 -3.28 -1.58 8.36
C VAL A 54 -4.38 -1.72 9.39
N ASN A 55 -4.57 -0.68 10.20
CA ASN A 55 -5.60 -0.68 11.23
C ASN A 55 -5.36 -1.82 12.23
N GLY A 56 -4.09 -2.16 12.43
CA GLY A 56 -3.76 -3.22 13.36
C GLY A 56 -3.54 -4.55 12.67
N VAL A 57 -4.21 -4.74 11.53
CA VAL A 57 -4.08 -5.97 10.77
C VAL A 57 -2.66 -6.17 10.27
N ASP A 58 -2.07 -7.33 10.57
CA ASP A 58 -0.71 -7.63 10.16
C ASP A 58 -0.62 -7.73 8.63
N PHE A 59 0.09 -6.79 8.03
CA PHE A 59 0.26 -6.77 6.58
C PHE A 59 1.60 -7.38 6.17
N SER A 60 2.27 -8.03 7.11
CA SER A 60 3.56 -8.66 6.83
C SER A 60 3.38 -9.91 5.97
N ASN A 61 2.39 -10.72 6.32
CA ASN A 61 2.11 -11.94 5.58
C ASN A 61 0.66 -11.95 5.08
N LEU A 62 0.12 -10.76 4.82
CA LEU A 62 -1.24 -10.63 4.33
C LEU A 62 -1.32 -10.87 2.83
N ASP A 63 -2.43 -11.45 2.38
CA ASP A 63 -2.63 -11.73 0.96
C ASP A 63 -2.90 -10.44 0.19
N HIS A 64 -2.85 -10.54 -1.14
CA HIS A 64 -3.08 -9.39 -2.00
C HIS A 64 -4.53 -8.92 -1.90
N LYS A 65 -5.46 -9.84 -2.13
CA LYS A 65 -6.89 -9.51 -2.07
C LYS A 65 -7.25 -9.00 -0.68
N GLU A 66 -6.67 -9.61 0.34
CA GLU A 66 -6.94 -9.21 1.72
C GLU A 66 -6.54 -7.75 1.94
N ALA A 67 -5.45 -7.34 1.33
CA ALA A 67 -4.96 -5.97 1.47
C ALA A 67 -5.93 -4.99 0.83
N VAL A 68 -6.39 -5.31 -0.38
CA VAL A 68 -7.32 -4.45 -1.10
C VAL A 68 -8.69 -4.44 -0.42
N ASN A 69 -9.14 -5.61 0.00
CA ASN A 69 -10.44 -5.73 0.66
C ASN A 69 -10.52 -4.82 1.88
N VAL A 70 -9.58 -4.96 2.80
CA VAL A 70 -9.56 -4.14 4.01
C VAL A 70 -9.47 -2.66 3.66
N LEU A 71 -8.60 -2.32 2.71
CA LEU A 71 -8.42 -0.94 2.29
C LEU A 71 -9.69 -0.41 1.62
N LYS A 72 -10.42 -1.31 0.95
CA LYS A 72 -11.65 -0.94 0.27
C LYS A 72 -12.83 -0.91 1.25
N SER A 73 -12.76 -1.73 2.28
CA SER A 73 -13.82 -1.80 3.29
C SER A 73 -13.85 -0.54 4.14
N SER A 74 -12.81 -0.34 4.93
CA SER A 74 -12.72 0.83 5.80
C SER A 74 -12.32 2.08 5.01
N ARG A 75 -12.99 3.18 5.29
CA ARG A 75 -12.71 4.45 4.61
C ARG A 75 -11.56 5.17 5.29
N SER A 76 -11.65 5.33 6.60
CA SER A 76 -10.61 6.00 7.37
C SER A 76 -9.80 4.99 8.18
N LEU A 77 -8.82 4.38 7.53
CA LEU A 77 -7.98 3.38 8.20
C LEU A 77 -6.53 3.85 8.27
N THR A 78 -5.88 3.59 9.40
CA THR A 78 -4.49 3.98 9.59
C THR A 78 -3.56 2.85 9.14
N ILE A 79 -2.76 3.11 8.12
CA ILE A 79 -1.83 2.11 7.60
C ILE A 79 -0.39 2.47 7.88
N SER A 80 0.36 1.54 8.46
CA SER A 80 1.76 1.75 8.77
C SER A 80 2.65 1.18 7.67
N ILE A 81 3.27 2.05 6.90
CA ILE A 81 4.15 1.63 5.81
C ILE A 81 5.61 1.93 6.13
N VAL A 82 6.50 1.08 5.66
CA VAL A 82 7.93 1.26 5.89
C VAL A 82 8.68 1.48 4.58
N ALA A 83 9.20 2.69 4.41
CA ALA A 83 9.94 3.04 3.21
C ALA A 83 11.11 2.09 2.97
N ALA A 84 11.37 1.78 1.70
CA ALA A 84 12.47 0.89 1.31
C ALA A 84 12.05 -0.58 1.42
N ALA A 85 11.00 -0.85 2.19
CA ALA A 85 10.52 -2.22 2.37
C ALA A 85 10.14 -2.84 1.02
N GLY A 86 9.89 -1.99 0.03
CA GLY A 86 9.51 -2.46 -1.29
C GLY A 86 10.53 -2.10 -2.35
N ARG A 87 11.21 -0.96 -2.14
CA ARG A 87 12.22 -0.48 -3.09
C ARG A 87 13.30 -1.52 -3.32
N GLU A 88 13.63 -2.29 -2.29
CA GLU A 88 14.66 -3.33 -2.41
C GLU A 88 14.43 -4.18 -3.65
N LEU A 89 13.21 -4.67 -3.80
CA LEU A 89 12.85 -5.50 -4.95
C LEU A 89 12.81 -4.66 -6.23
N PHE A 90 12.21 -3.48 -6.14
CA PHE A 90 12.10 -2.58 -7.28
C PHE A 90 13.47 -2.23 -7.84
N MET A 91 14.26 -1.50 -7.05
CA MET A 91 15.59 -1.10 -7.47
C MET A 91 16.47 -2.31 -7.76
N THR A 92 17.30 -2.20 -8.79
CA THR A 92 18.20 -3.28 -9.18
C THR A 92 19.66 -2.85 -9.07
N THR B 1 6.75 -14.03 -15.00
CA THR B 1 5.51 -13.34 -15.36
C THR B 1 5.27 -12.12 -14.48
N PRO B 2 4.47 -11.16 -14.96
CA PRO B 2 4.17 -9.94 -14.20
C PRO B 2 3.50 -10.23 -12.87
N LEU B 3 3.57 -9.27 -11.95
CA LEU B 3 2.98 -9.42 -10.62
C LEU B 3 1.56 -8.88 -10.59
N GLU B 4 0.82 -9.21 -9.55
CA GLU B 4 -0.55 -8.74 -9.39
C GLU B 4 -0.59 -7.30 -8.91
N ILE B 5 -1.49 -6.51 -9.48
CA ILE B 5 -1.63 -5.11 -9.09
C ILE B 5 -3.09 -4.70 -8.97
N THR B 6 -3.41 -3.96 -7.91
CA THR B 6 -4.77 -3.51 -7.68
C THR B 6 -4.80 -2.00 -7.40
N GLU B 7 -5.71 -1.29 -8.07
CA GLU B 7 -5.84 0.15 -7.89
C GLU B 7 -6.79 0.47 -6.74
N LEU B 8 -6.47 1.52 -5.99
CA LEU B 8 -7.30 1.94 -4.87
C LEU B 8 -7.71 3.40 -5.01
N LYS A 1 12.81 2.92 11.08
CA LYS A 1 12.00 4.03 11.68
C LYS A 1 10.52 3.81 11.43
N GLU A 2 10.18 3.20 10.30
CA GLU A 2 8.79 2.94 9.96
C GLU A 2 8.01 4.24 9.78
N LYS A 3 7.40 4.40 8.62
CA LYS A 3 6.61 5.59 8.33
C LYS A 3 5.13 5.35 8.57
N LYS A 4 4.47 6.30 9.22
CA LYS A 4 3.05 6.19 9.52
C LYS A 4 2.21 6.88 8.44
N VAL A 5 1.09 6.25 8.08
CA VAL A 5 0.21 6.80 7.06
C VAL A 5 -1.26 6.49 7.38
N PHE A 6 -2.12 7.49 7.19
CA PHE A 6 -3.55 7.32 7.45
C PHE A 6 -4.37 7.67 6.22
N ILE A 7 -5.07 6.68 5.68
CA ILE A 7 -5.89 6.88 4.49
C ILE A 7 -7.37 7.02 4.86
N SER A 8 -7.99 8.08 4.38
CA SER A 8 -9.40 8.34 4.66
C SER A 8 -10.12 8.79 3.39
N LEU A 9 -11.26 8.16 3.11
CA LEU A 9 -12.05 8.50 1.92
C LEU A 9 -12.37 9.99 1.88
N VAL A 10 -13.24 10.42 2.79
CA VAL A 10 -13.65 11.82 2.87
C VAL A 10 -13.84 12.45 1.49
N GLY A 11 -15.06 12.35 0.97
CA GLY A 11 -15.37 12.91 -0.34
C GLY A 11 -15.46 11.84 -1.42
N SER A 12 -15.81 10.62 -1.01
CA SER A 12 -15.94 9.52 -1.96
C SER A 12 -14.64 9.32 -2.74
N ARG A 13 -13.52 9.72 -2.16
CA ARG A 13 -12.23 9.58 -2.81
C ARG A 13 -11.45 8.41 -2.22
N GLY A 14 -11.31 7.34 -3.00
CA GLY A 14 -10.59 6.17 -2.53
C GLY A 14 -9.25 6.50 -1.90
N LEU A 15 -8.18 6.41 -2.69
CA LEU A 15 -6.84 6.70 -2.20
C LEU A 15 -6.03 7.45 -3.26
N GLY A 16 -5.93 6.84 -4.43
CA GLY A 16 -5.17 7.45 -5.52
C GLY A 16 -3.84 6.77 -5.75
N CYS A 17 -3.75 5.50 -5.35
CA CYS A 17 -2.51 4.74 -5.52
C CYS A 17 -2.82 3.28 -5.82
N SER A 18 -1.81 2.55 -6.29
CA SER A 18 -1.96 1.14 -6.62
C SER A 18 -1.09 0.29 -5.69
N ILE A 19 -1.24 -1.03 -5.79
CA ILE A 19 -0.45 -1.94 -4.96
C ILE A 19 -0.05 -3.19 -5.73
N SER A 20 1.13 -3.70 -5.42
CA SER A 20 1.65 -4.89 -6.09
C SER A 20 2.08 -5.94 -5.06
N SER A 21 2.22 -7.18 -5.51
CA SER A 21 2.64 -8.27 -4.62
C SER A 21 4.09 -8.65 -4.89
N GLY A 22 4.82 -8.97 -3.82
CA GLY A 22 6.21 -9.34 -3.96
C GLY A 22 6.41 -10.84 -4.08
N PRO A 23 7.65 -11.29 -4.35
CA PRO A 23 7.97 -12.71 -4.50
C PRO A 23 7.84 -13.48 -3.18
N ILE A 24 8.38 -14.69 -3.16
CA ILE A 24 8.33 -15.53 -1.97
C ILE A 24 9.42 -15.14 -0.97
N GLN A 25 10.50 -14.55 -1.47
CA GLN A 25 11.60 -14.14 -0.62
C GLN A 25 11.28 -12.85 0.13
N LYS A 26 10.13 -12.26 -0.18
CA LYS A 26 9.71 -11.02 0.47
C LYS A 26 8.26 -10.68 0.10
N PRO A 27 7.31 -11.58 0.41
CA PRO A 27 5.89 -11.37 0.10
C PRO A 27 5.27 -10.26 0.95
N GLY A 28 4.35 -9.51 0.35
CA GLY A 28 3.69 -8.44 1.06
C GLY A 28 3.00 -7.46 0.12
N ILE A 29 2.29 -6.50 0.69
CA ILE A 29 1.58 -5.51 -0.11
C ILE A 29 2.47 -4.31 -0.39
N PHE A 30 2.80 -4.11 -1.67
CA PHE A 30 3.65 -3.01 -2.07
C PHE A 30 2.83 -1.88 -2.69
N ILE A 31 3.48 -0.75 -2.95
CA ILE A 31 2.81 0.39 -3.54
C ILE A 31 3.24 0.61 -4.98
N SER A 32 2.26 0.89 -5.84
CA SER A 32 2.52 1.14 -7.25
C SER A 32 2.37 2.62 -7.57
N HIS A 33 2.36 2.95 -8.85
CA HIS A 33 2.23 4.35 -9.30
C HIS A 33 1.14 5.07 -8.52
N VAL A 34 1.34 6.35 -8.27
CA VAL A 34 0.37 7.16 -7.54
C VAL A 34 -0.25 8.23 -8.43
N LYS A 35 -1.47 8.61 -8.12
CA LYS A 35 -2.18 9.63 -8.90
C LYS A 35 -2.24 10.96 -8.15
N PRO A 36 -1.73 12.04 -8.75
CA PRO A 36 -1.74 13.37 -8.12
C PRO A 36 -3.13 13.79 -7.66
N GLY A 37 -3.19 14.73 -6.74
CA GLY A 37 -4.48 15.21 -6.24
C GLY A 37 -5.31 14.09 -5.64
N SER A 38 -4.70 13.31 -4.74
CA SER A 38 -5.38 12.20 -4.10
C SER A 38 -4.98 12.10 -2.63
N LEU A 39 -5.45 11.04 -1.97
CA LEU A 39 -5.14 10.83 -0.56
C LEU A 39 -3.73 10.28 -0.40
N SER A 40 -3.36 9.33 -1.25
CA SER A 40 -2.03 8.72 -1.19
C SER A 40 -0.95 9.80 -1.22
N ALA A 41 -1.16 10.82 -2.04
CA ALA A 41 -0.22 11.91 -2.15
C ALA A 41 -0.26 12.80 -0.90
N GLU A 42 -1.46 12.98 -0.36
CA GLU A 42 -1.65 13.79 0.83
C GLU A 42 -0.87 13.22 2.00
N VAL A 43 -0.81 11.90 2.09
CA VAL A 43 -0.08 11.22 3.15
C VAL A 43 1.41 11.13 2.84
N GLY A 44 1.73 11.05 1.55
CA GLY A 44 3.11 10.95 1.13
C GLY A 44 3.49 9.56 0.67
N LEU A 45 2.71 9.01 -0.26
CA LEU A 45 2.96 7.68 -0.77
C LEU A 45 3.72 7.75 -2.10
N GLU A 46 4.28 6.61 -2.51
CA GLU A 46 5.03 6.55 -3.76
C GLU A 46 5.48 5.12 -4.04
N ILE A 47 5.85 4.85 -5.29
CA ILE A 47 6.29 3.52 -5.69
C ILE A 47 7.49 3.08 -4.87
N GLY A 48 7.53 1.80 -4.50
CA GLY A 48 8.61 1.28 -3.71
C GLY A 48 8.20 0.98 -2.27
N ASP A 49 7.33 1.82 -1.72
CA ASP A 49 6.85 1.65 -0.36
C ASP A 49 6.14 0.30 -0.22
N GLN A 50 6.09 -0.20 1.01
CA GLN A 50 5.44 -1.48 1.28
C GLN A 50 4.66 -1.44 2.58
N ILE A 51 3.35 -1.65 2.49
CA ILE A 51 2.50 -1.64 3.67
C ILE A 51 2.79 -2.85 4.55
N VAL A 52 3.24 -2.59 5.78
CA VAL A 52 3.57 -3.67 6.70
C VAL A 52 2.45 -3.87 7.74
N GLU A 53 1.57 -2.88 7.85
CA GLU A 53 0.46 -2.97 8.81
C GLU A 53 -0.70 -2.08 8.37
N VAL A 54 -1.92 -2.51 8.70
CA VAL A 54 -3.12 -1.76 8.34
C VAL A 54 -4.20 -1.93 9.41
N ASN A 55 -4.40 -0.89 10.21
CA ASN A 55 -5.41 -0.93 11.26
C ASN A 55 -5.20 -2.11 12.20
N GLY A 56 -3.94 -2.48 12.40
CA GLY A 56 -3.61 -3.59 13.27
C GLY A 56 -3.62 -4.93 12.55
N VAL A 57 -3.43 -4.88 11.22
CA VAL A 57 -3.41 -6.10 10.41
C VAL A 57 -2.03 -6.36 9.86
N ASP A 58 -1.46 -7.51 10.21
CA ASP A 58 -0.13 -7.88 9.74
C ASP A 58 -0.12 -8.09 8.23
N PHE A 59 0.57 -7.19 7.52
CA PHE A 59 0.66 -7.27 6.07
C PHE A 59 1.93 -7.99 5.64
N SER A 60 2.52 -8.75 6.54
CA SER A 60 3.75 -9.49 6.23
C SER A 60 3.43 -10.73 5.39
N ASN A 61 2.34 -11.40 5.74
CA ASN A 61 1.92 -12.60 5.02
C ASN A 61 0.50 -12.45 4.51
N LEU A 62 0.10 -11.20 4.25
CA LEU A 62 -1.25 -10.92 3.76
C LEU A 62 -1.32 -11.09 2.24
N ASP A 63 -2.48 -11.49 1.75
CA ASP A 63 -2.68 -11.69 0.32
C ASP A 63 -3.07 -10.39 -0.36
N HIS A 64 -2.97 -10.36 -1.69
CA HIS A 64 -3.32 -9.18 -2.47
C HIS A 64 -4.78 -8.79 -2.24
N LYS A 65 -5.67 -9.77 -2.35
CA LYS A 65 -7.10 -9.53 -2.16
C LYS A 65 -7.39 -9.02 -0.75
N GLU A 66 -6.71 -9.61 0.23
CA GLU A 66 -6.90 -9.21 1.63
C GLU A 66 -6.56 -7.74 1.82
N ALA A 67 -5.44 -7.31 1.24
CA ALA A 67 -4.99 -5.93 1.36
C ALA A 67 -6.03 -4.97 0.79
N VAL A 68 -6.52 -5.29 -0.40
CA VAL A 68 -7.52 -4.45 -1.07
C VAL A 68 -8.84 -4.48 -0.30
N ASN A 69 -9.25 -5.68 0.13
CA ASN A 69 -10.50 -5.84 0.87
C ASN A 69 -10.53 -4.95 2.11
N VAL A 70 -9.56 -5.13 2.99
CA VAL A 70 -9.47 -4.35 4.21
C VAL A 70 -9.44 -2.85 3.90
N LEU A 71 -8.61 -2.48 2.93
CA LEU A 71 -8.48 -1.08 2.53
C LEU A 71 -9.79 -0.55 1.96
N LYS A 72 -10.55 -1.44 1.32
CA LYS A 72 -11.83 -1.07 0.73
C LYS A 72 -12.94 -1.07 1.78
N SER A 73 -12.80 -1.93 2.78
CA SER A 73 -13.78 -2.04 3.85
C SER A 73 -13.83 -0.77 4.69
N SER A 74 -12.72 -0.48 5.37
CA SER A 74 -12.63 0.71 6.21
C SER A 74 -12.17 1.92 5.40
N ARG A 75 -12.88 3.03 5.55
CA ARG A 75 -12.54 4.26 4.83
C ARG A 75 -11.35 4.96 5.49
N SER A 76 -11.49 5.25 6.78
CA SER A 76 -10.42 5.90 7.53
C SER A 76 -9.62 4.89 8.34
N LEU A 77 -8.66 4.25 7.68
CA LEU A 77 -7.84 3.24 8.34
C LEU A 77 -6.38 3.71 8.43
N THR A 78 -5.74 3.39 9.55
CA THR A 78 -4.34 3.77 9.76
C THR A 78 -3.42 2.67 9.25
N ILE A 79 -2.62 3.00 8.24
CA ILE A 79 -1.69 2.03 7.66
C ILE A 79 -0.24 2.43 7.90
N SER A 80 0.54 1.51 8.46
CA SER A 80 1.95 1.75 8.73
C SER A 80 2.81 1.20 7.59
N ILE A 81 3.61 2.06 6.99
CA ILE A 81 4.47 1.65 5.89
C ILE A 81 5.92 2.04 6.15
N VAL A 82 6.84 1.20 5.67
CA VAL A 82 8.27 1.47 5.83
C VAL A 82 8.90 1.78 4.48
N ALA A 83 9.58 2.91 4.40
CA ALA A 83 10.23 3.34 3.17
C ALA A 83 11.36 2.38 2.78
N ALA A 84 11.37 1.98 1.51
CA ALA A 84 12.39 1.09 0.96
C ALA A 84 12.07 -0.38 1.19
N ALA A 85 11.19 -0.68 2.15
CA ALA A 85 10.82 -2.06 2.43
C ALA A 85 10.36 -2.78 1.16
N GLY A 86 9.88 -2.00 0.19
CA GLY A 86 9.41 -2.56 -1.06
C GLY A 86 10.31 -2.20 -2.23
N ARG A 87 10.95 -1.03 -2.15
CA ARG A 87 11.82 -0.56 -3.22
C ARG A 87 12.93 -1.57 -3.51
N GLU A 88 13.40 -2.26 -2.47
CA GLU A 88 14.46 -3.26 -2.63
C GLU A 88 14.13 -4.22 -3.76
N LEU A 89 12.91 -4.76 -3.73
CA LEU A 89 12.46 -5.69 -4.76
C LEU A 89 12.20 -4.97 -6.08
N PHE A 90 11.60 -3.79 -5.99
CA PHE A 90 11.28 -2.99 -7.17
C PHE A 90 12.53 -2.73 -8.02
N MET A 91 13.59 -2.26 -7.37
CA MET A 91 14.84 -1.98 -8.07
C MET A 91 15.36 -3.22 -8.80
N THR A 92 16.12 -3.00 -9.86
CA THR A 92 16.67 -4.09 -10.65
C THR A 92 17.42 -3.58 -11.88
N THR B 1 5.38 -12.37 -17.34
CA THR B 1 5.02 -10.98 -17.04
C THR B 1 5.28 -10.67 -15.57
N PRO B 2 5.38 -9.37 -15.24
CA PRO B 2 5.63 -8.93 -13.86
C PRO B 2 4.46 -9.26 -12.93
N LEU B 3 4.59 -8.88 -11.66
CA LEU B 3 3.54 -9.15 -10.67
C LEU B 3 2.29 -8.32 -10.98
N GLU B 4 1.16 -8.75 -10.43
CA GLU B 4 -0.10 -8.06 -10.65
C GLU B 4 -0.12 -6.73 -9.88
N ILE B 5 -1.06 -5.86 -10.24
CA ILE B 5 -1.19 -4.57 -9.60
C ILE B 5 -2.66 -4.15 -9.49
N THR B 6 -3.03 -3.67 -8.31
CA THR B 6 -4.41 -3.23 -8.07
C THR B 6 -4.47 -1.71 -7.89
N GLU B 7 -5.56 -1.11 -8.36
CA GLU B 7 -5.74 0.33 -8.25
C GLU B 7 -6.63 0.67 -7.06
N LEU B 8 -6.03 1.31 -6.04
CA LEU B 8 -6.77 1.69 -4.85
C LEU B 8 -7.24 3.13 -4.95
N LYS A 1 12.53 4.45 10.78
CA LYS A 1 12.49 3.61 9.55
C LYS A 1 11.06 3.42 9.07
N GLU A 2 10.17 3.04 9.99
CA GLU A 2 8.77 2.83 9.66
C GLU A 2 8.06 4.15 9.40
N LYS A 3 7.33 4.20 8.29
CA LYS A 3 6.60 5.41 7.91
C LYS A 3 5.11 5.26 8.24
N LYS A 4 4.62 6.10 9.14
CA LYS A 4 3.22 6.06 9.54
C LYS A 4 2.37 6.90 8.59
N VAL A 5 1.26 6.32 8.13
CA VAL A 5 0.37 7.02 7.22
C VAL A 5 -1.10 6.72 7.54
N PHE A 6 -1.96 7.70 7.26
CA PHE A 6 -3.39 7.55 7.52
C PHE A 6 -4.20 7.89 6.27
N ILE A 7 -5.14 7.02 5.92
CA ILE A 7 -5.98 7.24 4.75
C ILE A 7 -7.45 7.26 5.13
N SER A 8 -8.17 8.28 4.65
CA SER A 8 -9.59 8.43 4.93
C SER A 8 -10.36 8.84 3.68
N LEU A 9 -11.65 8.54 3.66
CA LEU A 9 -12.50 8.88 2.52
C LEU A 9 -13.19 10.23 2.74
N VAL A 10 -12.43 11.22 3.18
CA VAL A 10 -12.97 12.55 3.42
C VAL A 10 -12.92 13.40 2.16
N GLY A 11 -13.90 13.19 1.29
CA GLY A 11 -13.96 13.95 0.05
C GLY A 11 -14.68 13.20 -1.06
N SER A 12 -13.93 12.78 -2.07
CA SER A 12 -14.50 12.04 -3.20
C SER A 12 -13.50 11.07 -3.78
N ARG A 13 -12.61 10.55 -2.93
CA ARG A 13 -11.60 9.60 -3.36
C ARG A 13 -11.23 8.64 -2.24
N GLY A 14 -10.91 7.41 -2.60
CA GLY A 14 -10.55 6.42 -1.61
C GLY A 14 -9.14 6.62 -1.08
N LEU A 15 -8.18 6.67 -1.98
CA LEU A 15 -6.78 6.86 -1.60
C LEU A 15 -6.02 7.62 -2.68
N GLY A 16 -5.91 7.01 -3.85
CA GLY A 16 -5.20 7.63 -4.95
C GLY A 16 -3.87 6.96 -5.24
N CYS A 17 -3.83 5.64 -5.09
CA CYS A 17 -2.62 4.87 -5.31
C CYS A 17 -2.96 3.40 -5.55
N SER A 18 -2.02 2.67 -6.15
CA SER A 18 -2.22 1.25 -6.43
C SER A 18 -1.25 0.40 -5.61
N ILE A 19 -1.42 -0.91 -5.68
CA ILE A 19 -0.56 -1.83 -4.94
C ILE A 19 -0.12 -3.01 -5.81
N SER A 20 1.03 -3.58 -5.47
CA SER A 20 1.58 -4.71 -6.21
C SER A 20 2.00 -5.82 -5.25
N SER A 21 2.18 -7.02 -5.78
CA SER A 21 2.58 -8.15 -4.96
C SER A 21 4.06 -8.49 -5.17
N GLY A 22 4.75 -8.84 -4.09
CA GLY A 22 6.16 -9.17 -4.18
C GLY A 22 6.40 -10.64 -4.47
N PRO A 23 7.66 -11.03 -4.67
CA PRO A 23 8.02 -12.44 -4.97
C PRO A 23 7.85 -13.34 -3.75
N ILE A 24 8.39 -14.55 -3.85
CA ILE A 24 8.30 -15.52 -2.77
C ILE A 24 9.31 -15.22 -1.67
N GLN A 25 10.35 -14.47 -2.02
CA GLN A 25 11.40 -14.12 -1.06
C GLN A 25 10.88 -13.09 -0.06
N LYS A 26 9.95 -12.24 -0.49
CA LYS A 26 9.38 -11.23 0.38
C LYS A 26 7.92 -10.96 0.03
N PRO A 27 7.04 -11.96 0.21
CA PRO A 27 5.61 -11.83 -0.08
C PRO A 27 4.93 -10.80 0.82
N GLY A 28 4.46 -9.72 0.22
CA GLY A 28 3.80 -8.68 0.99
C GLY A 28 2.98 -7.75 0.12
N ILE A 29 2.72 -6.54 0.62
CA ILE A 29 1.94 -5.57 -0.13
C ILE A 29 2.81 -4.39 -0.57
N PHE A 30 2.92 -4.21 -1.87
CA PHE A 30 3.73 -3.13 -2.43
C PHE A 30 2.85 -1.96 -2.85
N ILE A 31 3.49 -0.86 -3.23
CA ILE A 31 2.77 0.33 -3.66
C ILE A 31 3.14 0.68 -5.10
N SER A 32 2.12 0.73 -5.96
CA SER A 32 2.32 1.05 -7.37
C SER A 32 2.18 2.55 -7.59
N HIS A 33 2.13 2.94 -8.87
CA HIS A 33 1.99 4.36 -9.23
C HIS A 33 0.78 4.98 -8.53
N VAL A 34 0.92 6.22 -8.11
CA VAL A 34 -0.15 6.93 -7.42
C VAL A 34 -0.56 8.18 -8.19
N LYS A 35 -1.82 8.59 -8.03
CA LYS A 35 -2.34 9.77 -8.71
C LYS A 35 -2.24 11.02 -7.81
N PRO A 36 -2.02 12.20 -8.41
CA PRO A 36 -1.91 13.45 -7.67
C PRO A 36 -3.27 13.96 -7.19
N GLY A 37 -3.24 15.02 -6.39
CA GLY A 37 -4.48 15.59 -5.88
C GLY A 37 -5.34 14.57 -5.17
N SER A 38 -4.72 13.50 -4.67
CA SER A 38 -5.45 12.46 -3.97
C SER A 38 -4.95 12.32 -2.53
N LEU A 39 -5.42 11.29 -1.84
CA LEU A 39 -5.02 11.06 -0.46
C LEU A 39 -3.62 10.44 -0.39
N SER A 40 -3.36 9.46 -1.25
CA SER A 40 -2.06 8.80 -1.29
C SER A 40 -0.95 9.82 -1.42
N ALA A 41 -1.13 10.77 -2.33
CA ALA A 41 -0.14 11.81 -2.56
C ALA A 41 -0.09 12.78 -1.38
N GLU A 42 -1.26 13.02 -0.80
CA GLU A 42 -1.37 13.92 0.35
C GLU A 42 -0.54 13.42 1.52
N VAL A 43 -0.52 12.09 1.71
CA VAL A 43 0.23 11.49 2.79
C VAL A 43 1.72 11.37 2.43
N GLY A 44 1.99 11.21 1.14
CA GLY A 44 3.37 11.08 0.69
C GLY A 44 3.69 9.68 0.21
N LEU A 45 2.71 9.05 -0.43
CA LEU A 45 2.89 7.70 -0.95
C LEU A 45 3.54 7.72 -2.34
N GLU A 46 4.09 6.58 -2.73
CA GLU A 46 4.75 6.46 -4.03
C GLU A 46 5.34 5.06 -4.21
N ILE A 47 5.71 4.73 -5.45
CA ILE A 47 6.29 3.42 -5.74
C ILE A 47 7.55 3.19 -4.91
N GLY A 48 7.76 1.94 -4.51
CA GLY A 48 8.93 1.60 -3.72
C GLY A 48 8.59 1.33 -2.26
N ASP A 49 7.38 1.71 -1.85
CA ASP A 49 6.94 1.52 -0.48
C ASP A 49 6.34 0.12 -0.29
N GLN A 50 6.23 -0.30 0.96
CA GLN A 50 5.69 -1.60 1.29
C GLN A 50 4.85 -1.55 2.57
N ILE A 51 3.55 -1.79 2.44
CA ILE A 51 2.65 -1.76 3.59
C ILE A 51 2.93 -2.93 4.53
N VAL A 52 3.34 -2.60 5.75
CA VAL A 52 3.65 -3.62 6.74
C VAL A 52 2.57 -3.71 7.83
N GLU A 53 1.48 -2.96 7.66
CA GLU A 53 0.39 -2.97 8.62
C GLU A 53 -0.77 -2.09 8.15
N VAL A 54 -1.98 -2.46 8.56
CA VAL A 54 -3.17 -1.70 8.18
C VAL A 54 -4.28 -1.88 9.22
N ASN A 55 -4.61 -0.80 9.93
CA ASN A 55 -5.65 -0.84 10.94
C ASN A 55 -5.35 -1.89 11.99
N GLY A 56 -4.07 -2.15 12.22
CA GLY A 56 -3.67 -3.14 13.20
C GLY A 56 -3.43 -4.51 12.60
N VAL A 57 -4.09 -4.78 11.47
CA VAL A 57 -3.93 -6.06 10.79
C VAL A 57 -2.51 -6.25 10.30
N ASP A 58 -1.90 -7.37 10.71
CA ASP A 58 -0.53 -7.68 10.32
C ASP A 58 -0.44 -7.91 8.82
N PHE A 59 0.29 -7.03 8.13
CA PHE A 59 0.46 -7.14 6.68
C PHE A 59 1.76 -7.86 6.34
N SER A 60 2.28 -8.64 7.27
CA SER A 60 3.50 -9.39 7.06
C SER A 60 3.24 -10.62 6.19
N ASN A 61 2.28 -11.44 6.61
CA ASN A 61 1.93 -12.65 5.87
C ASN A 61 0.54 -12.52 5.27
N LEU A 62 0.14 -11.28 4.97
CA LEU A 62 -1.17 -11.02 4.39
C LEU A 62 -1.14 -11.22 2.88
N ASP A 63 -2.26 -11.67 2.32
CA ASP A 63 -2.36 -11.89 0.89
C ASP A 63 -2.69 -10.60 0.15
N HIS A 64 -2.47 -10.60 -1.16
CA HIS A 64 -2.74 -9.42 -1.99
C HIS A 64 -4.20 -9.02 -1.89
N LYS A 65 -5.10 -9.99 -2.11
CA LYS A 65 -6.53 -9.73 -2.05
C LYS A 65 -6.93 -9.20 -0.67
N GLU A 66 -6.30 -9.72 0.37
CA GLU A 66 -6.59 -9.30 1.73
C GLU A 66 -6.28 -7.82 1.91
N ALA A 67 -5.15 -7.39 1.37
CA ALA A 67 -4.74 -5.99 1.48
C ALA A 67 -5.74 -5.07 0.79
N VAL A 68 -6.15 -5.45 -0.41
CA VAL A 68 -7.11 -4.65 -1.17
C VAL A 68 -8.49 -4.67 -0.50
N ASN A 69 -8.91 -5.84 -0.06
CA ASN A 69 -10.22 -6.00 0.59
C ASN A 69 -10.34 -5.07 1.79
N VAL A 70 -9.42 -5.18 2.73
CA VAL A 70 -9.43 -4.35 3.93
C VAL A 70 -9.38 -2.87 3.56
N LEU A 71 -8.49 -2.52 2.65
CA LEU A 71 -8.34 -1.13 2.21
C LEU A 71 -9.62 -0.64 1.52
N LYS A 72 -10.35 -1.58 0.90
CA LYS A 72 -11.59 -1.24 0.21
C LYS A 72 -12.75 -1.17 1.19
N SER A 73 -12.72 -2.03 2.21
CA SER A 73 -13.78 -2.08 3.21
C SER A 73 -13.79 -0.82 4.07
N SER A 74 -12.76 -0.68 4.90
CA SER A 74 -12.64 0.48 5.79
C SER A 74 -12.22 1.73 5.02
N ARG A 75 -12.94 2.82 5.23
CA ARG A 75 -12.62 4.09 4.57
C ARG A 75 -11.51 4.82 5.31
N SER A 76 -11.67 4.96 6.62
CA SER A 76 -10.67 5.64 7.44
C SER A 76 -9.84 4.62 8.21
N LEU A 77 -8.77 4.14 7.58
CA LEU A 77 -7.89 3.15 8.20
C LEU A 77 -6.46 3.66 8.29
N THR A 78 -5.79 3.31 9.38
CA THR A 78 -4.41 3.72 9.60
C THR A 78 -3.47 2.65 9.06
N ILE A 79 -2.68 3.00 8.06
CA ILE A 79 -1.74 2.06 7.45
C ILE A 79 -0.29 2.40 7.80
N SER A 80 0.45 1.40 8.26
CA SER A 80 1.85 1.59 8.62
C SER A 80 2.77 0.99 7.57
N ILE A 81 3.36 1.86 6.74
CA ILE A 81 4.25 1.42 5.68
C ILE A 81 5.69 1.85 5.98
N VAL A 82 6.64 1.03 5.55
CA VAL A 82 8.06 1.33 5.77
C VAL A 82 8.77 1.60 4.46
N ALA A 83 9.16 2.85 4.25
CA ALA A 83 9.85 3.25 3.03
C ALA A 83 11.10 2.41 2.81
N ALA A 84 11.32 2.01 1.54
CA ALA A 84 12.48 1.20 1.17
C ALA A 84 12.22 -0.29 1.37
N ALA A 85 11.26 -0.63 2.23
CA ALA A 85 10.92 -2.01 2.49
C ALA A 85 10.46 -2.72 1.22
N GLY A 86 10.05 -1.92 0.22
CA GLY A 86 9.58 -2.46 -1.03
C GLY A 86 10.53 -2.18 -2.18
N ARG A 87 11.23 -1.07 -2.09
CA ARG A 87 12.16 -0.66 -3.15
C ARG A 87 13.20 -1.75 -3.43
N GLU A 88 13.60 -2.48 -2.39
CA GLU A 88 14.58 -3.55 -2.55
C GLU A 88 14.15 -4.53 -3.63
N LEU A 89 12.91 -4.99 -3.55
CA LEU A 89 12.38 -5.93 -4.54
C LEU A 89 12.12 -5.23 -5.87
N PHE A 90 11.43 -4.10 -5.82
CA PHE A 90 11.12 -3.32 -7.03
C PHE A 90 12.35 -3.15 -7.92
N MET A 91 13.43 -2.63 -7.33
CA MET A 91 14.66 -2.42 -8.07
C MET A 91 15.37 -3.73 -8.35
N THR A 92 15.55 -4.05 -9.63
CA THR A 92 16.22 -5.29 -10.02
C THR A 92 16.63 -5.24 -11.48
N THR B 1 6.13 -9.57 -18.55
CA THR B 1 5.13 -8.82 -17.81
C THR B 1 5.55 -8.65 -16.35
N PRO B 2 5.23 -7.49 -15.74
CA PRO B 2 5.58 -7.21 -14.35
C PRO B 2 4.69 -7.96 -13.36
N LEU B 3 4.76 -7.58 -12.09
CA LEU B 3 3.96 -8.21 -11.06
C LEU B 3 2.53 -7.69 -11.10
N GLU B 4 1.65 -8.35 -10.33
CA GLU B 4 0.24 -7.95 -10.27
C GLU B 4 0.09 -6.55 -9.71
N ILE B 5 -0.94 -5.84 -10.14
CA ILE B 5 -1.20 -4.49 -9.67
C ILE B 5 -2.69 -4.26 -9.43
N THR B 6 -3.01 -3.56 -8.35
CA THR B 6 -4.40 -3.27 -8.00
C THR B 6 -4.58 -1.79 -7.71
N GLU B 7 -5.77 -1.27 -8.00
CA GLU B 7 -6.07 0.14 -7.77
C GLU B 7 -6.79 0.34 -6.43
N LEU B 8 -6.48 1.44 -5.77
CA LEU B 8 -7.08 1.75 -4.47
C LEU B 8 -7.56 3.20 -4.43
N LYS A 1 13.16 4.48 9.22
CA LYS A 1 12.68 3.73 8.04
C LYS A 1 11.16 3.52 8.09
N GLU A 2 10.67 2.98 9.20
CA GLU A 2 9.25 2.73 9.36
C GLU A 2 8.46 4.04 9.31
N LYS A 3 7.47 4.10 8.42
CA LYS A 3 6.65 5.29 8.28
C LYS A 3 5.18 5.00 8.59
N LYS A 4 4.44 6.04 8.92
CA LYS A 4 3.02 5.90 9.24
C LYS A 4 2.17 6.74 8.30
N VAL A 5 1.02 6.20 7.90
CA VAL A 5 0.12 6.91 7.00
C VAL A 5 -1.34 6.68 7.38
N PHE A 6 -2.17 7.68 7.09
CA PHE A 6 -3.60 7.58 7.39
C PHE A 6 -4.43 7.91 6.15
N ILE A 7 -5.25 6.95 5.73
CA ILE A 7 -6.10 7.14 4.56
C ILE A 7 -7.57 7.25 4.96
N SER A 8 -8.14 8.43 4.76
CA SER A 8 -9.54 8.67 5.10
C SER A 8 -10.25 9.42 3.98
N LEU A 9 -11.48 9.01 3.69
CA LEU A 9 -12.26 9.64 2.63
C LEU A 9 -12.76 11.02 3.08
N VAL A 10 -12.40 12.04 2.31
CA VAL A 10 -12.81 13.40 2.62
C VAL A 10 -14.14 13.74 1.96
N GLY A 11 -14.28 13.38 0.69
CA GLY A 11 -15.49 13.64 -0.03
C GLY A 11 -15.90 12.50 -0.93
N SER A 12 -15.17 12.31 -2.02
CA SER A 12 -15.46 11.24 -2.97
C SER A 12 -14.18 10.68 -3.57
N ARG A 13 -13.10 10.70 -2.78
CA ARG A 13 -11.81 10.19 -3.24
C ARG A 13 -11.34 9.04 -2.35
N GLY A 14 -11.10 7.89 -2.98
CA GLY A 14 -10.64 6.73 -2.24
C GLY A 14 -9.26 6.93 -1.65
N LEU A 15 -8.23 6.61 -2.44
CA LEU A 15 -6.85 6.74 -1.99
C LEU A 15 -6.01 7.44 -3.05
N GLY A 16 -6.00 6.88 -4.26
CA GLY A 16 -5.21 7.46 -5.34
C GLY A 16 -3.89 6.75 -5.55
N CYS A 17 -3.86 5.47 -5.20
CA CYS A 17 -2.64 4.67 -5.35
C CYS A 17 -2.97 3.20 -5.51
N SER A 18 -2.03 2.44 -6.06
CA SER A 18 -2.23 1.01 -6.28
C SER A 18 -1.25 0.21 -5.40
N ILE A 19 -1.41 -1.11 -5.41
CA ILE A 19 -0.53 -1.98 -4.62
C ILE A 19 -0.10 -3.19 -5.42
N SER A 20 1.18 -3.54 -5.30
CA SER A 20 1.73 -4.69 -6.01
C SER A 20 2.18 -5.77 -5.04
N SER A 21 2.34 -6.99 -5.54
CA SER A 21 2.78 -8.11 -4.71
C SER A 21 4.24 -8.46 -4.99
N GLY A 22 4.95 -8.87 -3.94
CA GLY A 22 6.35 -9.21 -4.08
C GLY A 22 6.56 -10.68 -4.39
N PRO A 23 7.80 -11.08 -4.70
CA PRO A 23 8.13 -12.47 -5.03
C PRO A 23 8.08 -13.37 -3.79
N ILE A 24 8.63 -14.57 -3.92
CA ILE A 24 8.66 -15.53 -2.82
C ILE A 24 9.75 -15.18 -1.81
N GLN A 25 10.78 -14.48 -2.28
CA GLN A 25 11.88 -14.10 -1.41
C GLN A 25 11.44 -13.06 -0.37
N LYS A 26 10.42 -12.27 -0.72
CA LYS A 26 9.91 -11.26 0.19
C LYS A 26 8.47 -10.89 -0.15
N PRO A 27 7.53 -11.84 0.01
CA PRO A 27 6.11 -11.61 -0.29
C PRO A 27 5.50 -10.57 0.64
N GLY A 28 4.58 -9.77 0.10
CA GLY A 28 3.93 -8.75 0.90
C GLY A 28 3.22 -7.71 0.06
N ILE A 29 2.42 -6.87 0.71
CA ILE A 29 1.68 -5.82 0.01
C ILE A 29 2.56 -4.59 -0.21
N PHE A 30 2.85 -4.30 -1.47
CA PHE A 30 3.68 -3.15 -1.81
C PHE A 30 2.85 -2.04 -2.44
N ILE A 31 3.50 -0.91 -2.72
CA ILE A 31 2.83 0.24 -3.31
C ILE A 31 3.22 0.43 -4.77
N SER A 32 2.22 0.74 -5.59
CA SER A 32 2.43 0.97 -7.02
C SER A 32 2.33 2.46 -7.34
N HIS A 33 2.27 2.79 -8.62
CA HIS A 33 2.17 4.17 -9.06
C HIS A 33 1.10 4.93 -8.26
N VAL A 34 1.30 6.24 -8.10
CA VAL A 34 0.37 7.07 -7.36
C VAL A 34 -0.07 8.28 -8.19
N LYS A 35 -1.23 8.84 -7.85
CA LYS A 35 -1.75 10.00 -8.57
C LYS A 35 -1.96 11.17 -7.61
N PRO A 36 -1.67 12.40 -8.06
CA PRO A 36 -1.83 13.61 -7.23
C PRO A 36 -3.30 14.01 -7.06
N GLY A 37 -3.57 14.81 -6.03
CA GLY A 37 -4.92 15.24 -5.77
C GLY A 37 -5.72 14.24 -4.95
N SER A 38 -5.12 13.09 -4.67
CA SER A 38 -5.79 12.05 -3.88
C SER A 38 -5.24 12.01 -2.46
N LEU A 39 -5.55 10.93 -1.74
CA LEU A 39 -5.09 10.77 -0.37
C LEU A 39 -3.65 10.26 -0.34
N SER A 40 -3.36 9.28 -1.20
CA SER A 40 -2.02 8.71 -1.27
C SER A 40 -0.98 9.79 -1.55
N ALA A 41 -1.31 10.73 -2.42
CA ALA A 41 -0.41 11.81 -2.76
C ALA A 41 -0.22 12.76 -1.59
N GLU A 42 -1.30 13.02 -0.87
CA GLU A 42 -1.26 13.92 0.29
C GLU A 42 -0.40 13.34 1.41
N VAL A 43 -0.43 12.03 1.55
CA VAL A 43 0.34 11.35 2.59
C VAL A 43 1.81 11.22 2.19
N GLY A 44 2.08 11.35 0.90
CA GLY A 44 3.45 11.24 0.41
C GLY A 44 3.80 9.82 0.03
N LEU A 45 2.88 9.16 -0.67
CA LEU A 45 3.09 7.78 -1.11
C LEU A 45 3.77 7.73 -2.47
N GLU A 46 4.47 6.64 -2.74
CA GLU A 46 5.17 6.46 -4.00
C GLU A 46 5.60 5.01 -4.18
N ILE A 47 5.90 4.63 -5.42
CA ILE A 47 6.33 3.26 -5.72
C ILE A 47 7.55 2.89 -4.89
N GLY A 48 7.67 1.61 -4.56
CA GLY A 48 8.79 1.15 -3.76
C GLY A 48 8.42 0.94 -2.31
N ASP A 49 7.37 1.63 -1.86
CA ASP A 49 6.91 1.52 -0.49
C ASP A 49 6.25 0.16 -0.26
N GLN A 50 6.02 -0.18 1.00
CA GLN A 50 5.40 -1.46 1.35
C GLN A 50 4.66 -1.37 2.68
N ILE A 51 3.35 -1.60 2.64
CA ILE A 51 2.52 -1.56 3.84
C ILE A 51 2.85 -2.73 4.76
N VAL A 52 3.33 -2.42 5.95
CA VAL A 52 3.69 -3.45 6.92
C VAL A 52 2.54 -3.76 7.89
N GLU A 53 1.60 -2.83 7.99
CA GLU A 53 0.46 -3.03 8.89
C GLU A 53 -0.70 -2.11 8.51
N VAL A 54 -1.91 -2.51 8.91
CA VAL A 54 -3.12 -1.75 8.64
C VAL A 54 -4.14 -1.95 9.74
N ASN A 55 -4.49 -0.87 10.44
CA ASN A 55 -5.47 -0.93 11.53
C ASN A 55 -5.19 -2.12 12.45
N GLY A 56 -3.93 -2.28 12.84
CA GLY A 56 -3.55 -3.37 13.72
C GLY A 56 -3.68 -4.73 13.03
N VAL A 57 -3.65 -4.71 11.70
CA VAL A 57 -3.76 -5.93 10.91
C VAL A 57 -2.43 -6.28 10.25
N ASP A 58 -1.98 -7.52 10.48
CA ASP A 58 -0.72 -7.97 9.91
C ASP A 58 -0.78 -8.01 8.39
N PHE A 59 0.02 -7.17 7.74
CA PHE A 59 0.06 -7.10 6.28
C PHE A 59 1.25 -7.88 5.73
N SER A 60 2.25 -8.10 6.57
CA SER A 60 3.46 -8.83 6.16
C SER A 60 3.09 -10.18 5.56
N ASN A 61 2.19 -10.90 6.23
CA ASN A 61 1.76 -12.21 5.76
C ASN A 61 0.34 -12.13 5.20
N LEU A 62 0.02 -11.01 4.55
CA LEU A 62 -1.30 -10.81 3.97
C LEU A 62 -1.24 -10.95 2.45
N ASP A 63 -2.34 -11.40 1.87
CA ASP A 63 -2.42 -11.58 0.42
C ASP A 63 -2.78 -10.27 -0.27
N HIS A 64 -2.61 -10.22 -1.59
CA HIS A 64 -2.92 -9.04 -2.37
C HIS A 64 -4.40 -8.67 -2.23
N LYS A 65 -5.27 -9.63 -2.53
CA LYS A 65 -6.70 -9.41 -2.43
C LYS A 65 -7.10 -8.97 -1.03
N GLU A 66 -6.47 -9.59 -0.03
CA GLU A 66 -6.76 -9.26 1.36
C GLU A 66 -6.42 -7.81 1.66
N ALA A 67 -5.28 -7.35 1.16
CA ALA A 67 -4.85 -5.98 1.35
C ALA A 67 -5.88 -5.00 0.80
N VAL A 68 -6.36 -5.28 -0.41
CA VAL A 68 -7.35 -4.42 -1.05
C VAL A 68 -8.69 -4.51 -0.32
N ASN A 69 -9.05 -5.72 0.10
CA ASN A 69 -10.30 -5.94 0.81
C ASN A 69 -10.43 -5.03 2.03
N VAL A 70 -9.48 -5.15 2.95
CA VAL A 70 -9.48 -4.34 4.16
C VAL A 70 -9.44 -2.85 3.81
N LEU A 71 -8.57 -2.49 2.88
CA LEU A 71 -8.44 -1.10 2.46
C LEU A 71 -9.73 -0.60 1.83
N LYS A 72 -10.46 -1.51 1.17
CA LYS A 72 -11.72 -1.18 0.52
C LYS A 72 -12.86 -1.18 1.52
N SER A 73 -12.76 -2.04 2.53
CA SER A 73 -13.80 -2.15 3.55
C SER A 73 -13.92 -0.86 4.36
N SER A 74 -12.86 -0.52 5.08
CA SER A 74 -12.85 0.69 5.90
C SER A 74 -12.39 1.89 5.11
N ARG A 75 -13.11 3.01 5.25
CA ARG A 75 -12.77 4.24 4.55
C ARG A 75 -11.61 4.95 5.23
N SER A 76 -11.73 5.17 6.53
CA SER A 76 -10.68 5.82 7.31
C SER A 76 -9.88 4.79 8.10
N LEU A 77 -8.89 4.20 7.46
CA LEU A 77 -8.06 3.20 8.10
C LEU A 77 -6.60 3.65 8.22
N THR A 78 -5.95 3.25 9.29
CA THR A 78 -4.55 3.59 9.52
C THR A 78 -3.63 2.53 8.93
N ILE A 79 -2.81 2.94 7.96
CA ILE A 79 -1.90 2.02 7.30
C ILE A 79 -0.45 2.39 7.57
N SER A 80 0.30 1.46 8.14
CA SER A 80 1.71 1.67 8.45
C SER A 80 2.59 1.16 7.31
N ILE A 81 3.37 2.06 6.74
CA ILE A 81 4.25 1.70 5.63
C ILE A 81 5.70 2.02 5.95
N VAL A 82 6.61 1.17 5.48
CA VAL A 82 8.03 1.36 5.71
C VAL A 82 8.77 1.61 4.40
N ALA A 83 9.27 2.83 4.24
CA ALA A 83 9.99 3.21 3.03
C ALA A 83 11.17 2.29 2.76
N ALA A 84 11.36 1.94 1.49
CA ALA A 84 12.45 1.06 1.06
C ALA A 84 12.10 -0.42 1.23
N ALA A 85 11.07 -0.71 2.03
CA ALA A 85 10.65 -2.08 2.26
C ALA A 85 10.24 -2.76 0.95
N GLY A 86 9.95 -1.95 -0.06
CA GLY A 86 9.55 -2.48 -1.36
C GLY A 86 10.55 -2.17 -2.46
N ARG A 87 11.24 -1.04 -2.32
CA ARG A 87 12.22 -0.62 -3.32
C ARG A 87 13.29 -1.68 -3.53
N GLU A 88 13.64 -2.40 -2.46
CA GLU A 88 14.65 -3.44 -2.55
C GLU A 88 14.30 -4.45 -3.63
N LEU A 89 13.05 -4.94 -3.59
CA LEU A 89 12.58 -5.90 -4.57
C LEU A 89 12.37 -5.25 -5.93
N PHE A 90 11.79 -4.05 -5.92
CA PHE A 90 11.53 -3.31 -7.16
C PHE A 90 12.78 -3.23 -8.03
N MET A 91 13.92 -2.98 -7.39
CA MET A 91 15.19 -2.88 -8.12
C MET A 91 15.82 -4.26 -8.30
N THR A 92 16.20 -4.56 -9.53
CA THR A 92 16.82 -5.85 -9.84
C THR A 92 18.30 -5.86 -9.43
N THR B 1 7.13 -10.27 -17.06
CA THR B 1 5.91 -9.52 -16.78
C THR B 1 5.94 -8.95 -15.36
N PRO B 2 5.34 -7.78 -15.16
CA PRO B 2 5.30 -7.13 -13.84
C PRO B 2 4.33 -7.82 -12.89
N LEU B 3 4.61 -7.72 -11.59
CA LEU B 3 3.76 -8.34 -10.58
C LEU B 3 2.33 -7.80 -10.64
N GLU B 4 1.41 -8.49 -10.00
CA GLU B 4 0.01 -8.07 -9.99
C GLU B 4 -0.13 -6.66 -9.40
N ILE B 5 -1.07 -5.90 -9.94
CA ILE B 5 -1.30 -4.53 -9.47
C ILE B 5 -2.79 -4.24 -9.31
N THR B 6 -3.15 -3.56 -8.23
CA THR B 6 -4.55 -3.23 -7.96
C THR B 6 -4.68 -1.76 -7.57
N GLU B 7 -5.76 -1.13 -8.01
CA GLU B 7 -6.02 0.28 -7.70
C GLU B 7 -6.90 0.41 -6.48
N LEU B 8 -6.59 1.40 -5.64
CA LEU B 8 -7.36 1.65 -4.43
C LEU B 8 -7.77 3.12 -4.32
N LYS A 1 13.31 1.66 8.61
CA LYS A 1 12.62 2.97 8.80
C LYS A 1 11.12 2.84 8.56
N GLU A 2 10.41 2.35 9.56
CA GLU A 2 8.96 2.19 9.48
C GLU A 2 8.27 3.55 9.48
N LYS A 3 7.50 3.82 8.43
CA LYS A 3 6.78 5.09 8.31
C LYS A 3 5.28 4.89 8.56
N LYS A 4 4.66 5.90 9.15
CA LYS A 4 3.23 5.85 9.44
C LYS A 4 2.42 6.57 8.36
N VAL A 5 1.20 6.11 8.13
CA VAL A 5 0.33 6.72 7.13
C VAL A 5 -1.13 6.52 7.48
N PHE A 6 -1.94 7.54 7.23
CA PHE A 6 -3.38 7.48 7.51
C PHE A 6 -4.19 7.90 6.29
N ILE A 7 -5.09 7.02 5.85
CA ILE A 7 -5.93 7.30 4.70
C ILE A 7 -7.38 7.48 5.12
N SER A 8 -7.98 8.59 4.69
CA SER A 8 -9.37 8.89 5.03
C SER A 8 -10.08 9.54 3.84
N LEU A 9 -11.19 8.94 3.42
CA LEU A 9 -11.96 9.46 2.29
C LEU A 9 -12.58 10.79 2.64
N VAL A 10 -12.07 11.86 2.03
CA VAL A 10 -12.59 13.21 2.27
C VAL A 10 -13.30 13.76 1.05
N GLY A 11 -12.82 13.36 -0.13
CA GLY A 11 -13.44 13.82 -1.37
C GLY A 11 -14.30 12.77 -2.03
N SER A 12 -14.49 11.64 -1.35
CA SER A 12 -15.30 10.56 -1.90
C SER A 12 -14.76 10.08 -3.24
N ARG A 13 -13.45 10.17 -3.41
CA ARG A 13 -12.80 9.75 -4.65
C ARG A 13 -11.96 8.49 -4.43
N GLY A 14 -11.44 8.34 -3.21
CA GLY A 14 -10.63 7.18 -2.90
C GLY A 14 -9.27 7.56 -2.35
N LEU A 15 -8.30 6.65 -2.48
CA LEU A 15 -6.95 6.89 -2.00
C LEU A 15 -6.11 7.58 -3.07
N GLY A 16 -6.16 7.04 -4.28
CA GLY A 16 -5.40 7.62 -5.37
C GLY A 16 -4.04 6.96 -5.54
N CYS A 17 -3.97 5.67 -5.21
CA CYS A 17 -2.72 4.92 -5.31
C CYS A 17 -2.99 3.44 -5.56
N SER A 18 -2.00 2.75 -6.11
CA SER A 18 -2.12 1.32 -6.39
C SER A 18 -1.16 0.53 -5.51
N ILE A 19 -1.25 -0.79 -5.58
CA ILE A 19 -0.40 -1.65 -4.77
C ILE A 19 0.14 -2.81 -5.60
N SER A 20 1.01 -3.60 -4.98
CA SER A 20 1.62 -4.76 -5.64
C SER A 20 1.86 -5.88 -4.65
N SER A 21 2.06 -7.09 -5.16
CA SER A 21 2.30 -8.25 -4.30
C SER A 21 3.77 -8.64 -4.34
N GLY A 22 4.26 -9.18 -3.23
CA GLY A 22 5.66 -9.58 -3.16
C GLY A 22 5.89 -11.00 -3.62
N PRO A 23 7.11 -11.32 -4.09
CA PRO A 23 7.47 -12.66 -4.56
C PRO A 23 7.57 -13.66 -3.41
N ILE A 24 8.27 -14.76 -3.65
CA ILE A 24 8.43 -15.79 -2.64
C ILE A 24 9.53 -15.42 -1.64
N GLN A 25 10.49 -14.62 -2.09
CA GLN A 25 11.60 -14.20 -1.24
C GLN A 25 11.23 -12.96 -0.41
N LYS A 26 10.01 -12.48 -0.57
CA LYS A 26 9.55 -11.30 0.16
C LYS A 26 8.09 -10.99 -0.12
N PRO A 27 7.17 -11.90 0.29
CA PRO A 27 5.73 -11.73 0.08
C PRO A 27 5.17 -10.60 0.94
N GLY A 28 4.61 -9.58 0.29
CA GLY A 28 4.05 -8.46 1.01
C GLY A 28 3.24 -7.53 0.12
N ILE A 29 2.77 -6.43 0.69
CA ILE A 29 1.98 -5.45 -0.05
C ILE A 29 2.79 -4.21 -0.35
N PHE A 30 3.12 -4.00 -1.61
CA PHE A 30 3.90 -2.84 -2.03
C PHE A 30 3.00 -1.75 -2.61
N ILE A 31 3.60 -0.61 -2.92
CA ILE A 31 2.87 0.51 -3.48
C ILE A 31 3.21 0.71 -4.96
N SER A 32 2.19 0.99 -5.75
CA SER A 32 2.35 1.21 -7.18
C SER A 32 2.21 2.69 -7.52
N HIS A 33 2.12 3.01 -8.80
CA HIS A 33 1.98 4.39 -9.25
C HIS A 33 0.94 5.14 -8.43
N VAL A 34 1.27 6.38 -8.08
CA VAL A 34 0.37 7.21 -7.28
C VAL A 34 -0.24 8.33 -8.12
N LYS A 35 -1.38 8.85 -7.67
CA LYS A 35 -2.05 9.93 -8.39
C LYS A 35 -1.92 11.25 -7.63
N PRO A 36 -2.00 12.38 -8.35
CA PRO A 36 -1.89 13.71 -7.75
C PRO A 36 -3.21 14.19 -7.15
N GLY A 37 -3.11 15.07 -6.16
CA GLY A 37 -4.31 15.60 -5.52
C GLY A 37 -5.15 14.51 -4.88
N SER A 38 -4.50 13.41 -4.49
CA SER A 38 -5.20 12.30 -3.86
C SER A 38 -4.79 12.15 -2.40
N LEU A 39 -5.33 11.15 -1.73
CA LEU A 39 -5.02 10.91 -0.33
C LEU A 39 -3.61 10.35 -0.17
N SER A 40 -3.27 9.36 -1.00
CA SER A 40 -1.94 8.76 -0.96
C SER A 40 -0.86 9.83 -1.05
N ALA A 41 -1.10 10.83 -1.88
CA ALA A 41 -0.16 11.92 -2.06
C ALA A 41 -0.11 12.80 -0.82
N GLU A 42 -1.27 13.03 -0.22
CA GLU A 42 -1.39 13.84 0.98
C GLU A 42 -0.56 13.24 2.11
N VAL A 43 -0.60 11.91 2.22
CA VAL A 43 0.14 11.21 3.27
C VAL A 43 1.62 11.07 2.89
N GLY A 44 1.90 11.05 1.59
CA GLY A 44 3.26 10.94 1.13
C GLY A 44 3.59 9.54 0.61
N LEU A 45 2.71 9.02 -0.25
CA LEU A 45 2.91 7.69 -0.81
C LEU A 45 3.59 7.76 -2.17
N GLU A 46 4.28 6.69 -2.55
CA GLU A 46 4.98 6.64 -3.82
C GLU A 46 5.43 5.22 -4.13
N ILE A 47 5.83 4.98 -5.37
CA ILE A 47 6.30 3.67 -5.79
C ILE A 47 7.57 3.27 -5.04
N GLY A 48 7.63 2.01 -4.62
CA GLY A 48 8.79 1.54 -3.88
C GLY A 48 8.53 1.45 -2.39
N ASP A 49 7.25 1.46 -2.01
CA ASP A 49 6.87 1.38 -0.61
C ASP A 49 6.21 0.04 -0.30
N GLN A 50 6.18 -0.33 0.98
CA GLN A 50 5.58 -1.60 1.38
C GLN A 50 4.80 -1.44 2.69
N ILE A 51 3.48 -1.57 2.59
CA ILE A 51 2.63 -1.45 3.76
C ILE A 51 2.83 -2.63 4.71
N VAL A 52 3.28 -2.33 5.92
CA VAL A 52 3.53 -3.38 6.91
C VAL A 52 2.46 -3.40 8.01
N GLU A 53 1.35 -2.70 7.77
CA GLU A 53 0.27 -2.66 8.75
C GLU A 53 -0.92 -1.86 8.22
N VAL A 54 -2.13 -2.28 8.61
CA VAL A 54 -3.34 -1.61 8.18
C VAL A 54 -4.43 -1.72 9.24
N ASN A 55 -4.60 -0.68 10.04
CA ASN A 55 -5.61 -0.67 11.09
C ASN A 55 -5.40 -1.84 12.05
N GLY A 56 -4.16 -2.24 12.23
CA GLY A 56 -3.85 -3.34 13.12
C GLY A 56 -3.57 -4.64 12.37
N VAL A 57 -4.17 -4.78 11.19
CA VAL A 57 -3.99 -5.97 10.38
C VAL A 57 -2.53 -6.13 9.97
N ASP A 58 -1.98 -7.32 10.20
CA ASP A 58 -0.59 -7.59 9.85
C ASP A 58 -0.43 -7.74 8.34
N PHE A 59 0.23 -6.77 7.72
CA PHE A 59 0.45 -6.77 6.28
C PHE A 59 1.83 -7.33 5.94
N SER A 60 2.68 -7.48 6.94
CA SER A 60 4.03 -8.00 6.74
C SER A 60 4.01 -9.29 5.93
N ASN A 61 2.91 -10.03 6.03
CA ASN A 61 2.76 -11.28 5.30
C ASN A 61 1.31 -11.49 4.85
N LEU A 62 0.63 -10.39 4.58
CA LEU A 62 -0.76 -10.45 4.14
C LEU A 62 -0.85 -10.68 2.63
N ASP A 63 -1.84 -11.45 2.21
CA ASP A 63 -2.04 -11.74 0.79
C ASP A 63 -2.41 -10.48 0.01
N HIS A 64 -2.27 -10.54 -1.31
CA HIS A 64 -2.59 -9.40 -2.15
C HIS A 64 -4.09 -9.06 -2.07
N LYS A 65 -4.92 -10.06 -2.35
CA LYS A 65 -6.36 -9.87 -2.30
C LYS A 65 -6.81 -9.39 -0.92
N GLU A 66 -6.22 -9.97 0.12
CA GLU A 66 -6.54 -9.60 1.49
C GLU A 66 -6.26 -8.12 1.74
N ALA A 67 -5.21 -7.62 1.10
CA ALA A 67 -4.83 -6.22 1.24
C ALA A 67 -5.86 -5.29 0.59
N VAL A 68 -6.28 -5.66 -0.62
CA VAL A 68 -7.27 -4.86 -1.35
C VAL A 68 -8.63 -4.92 -0.67
N ASN A 69 -8.99 -6.10 -0.16
CA ASN A 69 -10.26 -6.30 0.51
C ASN A 69 -10.39 -5.37 1.72
N VAL A 70 -9.44 -5.46 2.64
CA VAL A 70 -9.44 -4.63 3.83
C VAL A 70 -9.42 -3.15 3.49
N LEU A 71 -8.56 -2.78 2.55
CA LEU A 71 -8.45 -1.39 2.11
C LEU A 71 -9.75 -0.92 1.48
N LYS A 72 -10.46 -1.85 0.85
CA LYS A 72 -11.73 -1.52 0.22
C LYS A 72 -12.88 -1.53 1.24
N SER A 73 -12.77 -2.39 2.23
CA SER A 73 -13.79 -2.50 3.27
C SER A 73 -13.93 -1.19 4.04
N SER A 74 -12.84 -0.78 4.69
CA SER A 74 -12.85 0.46 5.48
C SER A 74 -12.26 1.60 4.66
N ARG A 75 -13.00 2.71 4.59
CA ARG A 75 -12.55 3.88 3.84
C ARG A 75 -11.46 4.61 4.62
N SER A 76 -11.73 4.86 5.90
CA SER A 76 -10.76 5.55 6.75
C SER A 76 -9.97 4.56 7.59
N LEU A 77 -8.79 4.18 7.09
CA LEU A 77 -7.94 3.22 7.80
C LEU A 77 -6.49 3.70 7.81
N THR A 78 -5.83 3.49 8.94
CA THR A 78 -4.43 3.89 9.08
C THR A 78 -3.51 2.72 8.72
N ILE A 79 -2.50 3.00 7.91
CA ILE A 79 -1.56 1.96 7.49
C ILE A 79 -0.12 2.35 7.80
N SER A 80 0.65 1.36 8.25
CA SER A 80 2.05 1.57 8.58
C SER A 80 2.94 1.04 7.47
N ILE A 81 3.49 1.95 6.66
CA ILE A 81 4.35 1.56 5.56
C ILE A 81 5.81 1.89 5.85
N VAL A 82 6.72 1.03 5.40
CA VAL A 82 8.14 1.24 5.61
C VAL A 82 8.83 1.54 4.29
N ALA A 83 9.61 2.61 4.28
CA ALA A 83 10.33 3.03 3.08
C ALA A 83 11.39 2.02 2.67
N ALA A 84 11.40 1.67 1.38
CA ALA A 84 12.36 0.71 0.82
C ALA A 84 11.96 -0.75 1.06
N ALA A 85 11.04 -0.97 2.00
CA ALA A 85 10.59 -2.34 2.30
C ALA A 85 10.04 -2.99 1.04
N GLY A 86 9.62 -2.17 0.08
CA GLY A 86 9.08 -2.67 -1.17
C GLY A 86 9.95 -2.33 -2.36
N ARG A 87 10.64 -1.19 -2.28
CA ARG A 87 11.50 -0.73 -3.37
C ARG A 87 12.53 -1.79 -3.74
N GLU A 88 12.99 -2.54 -2.75
CA GLU A 88 13.98 -3.59 -2.99
C GLU A 88 13.48 -4.54 -4.06
N LEU A 89 12.18 -4.83 -4.02
CA LEU A 89 11.57 -5.73 -5.00
C LEU A 89 11.48 -5.05 -6.37
N PHE A 90 10.88 -3.87 -6.40
CA PHE A 90 10.73 -3.11 -7.64
C PHE A 90 12.06 -2.98 -8.38
N MET A 91 13.15 -2.94 -7.61
CA MET A 91 14.48 -2.82 -8.20
C MET A 91 14.78 -3.99 -9.13
N THR A 92 14.54 -5.19 -8.64
CA THR A 92 14.78 -6.40 -9.42
C THR A 92 16.26 -6.53 -9.79
N THR B 1 7.80 -11.97 -15.38
CA THR B 1 6.61 -11.14 -15.47
C THR B 1 6.48 -10.23 -14.25
N PRO B 2 5.85 -9.05 -14.40
CA PRO B 2 5.67 -8.11 -13.30
C PRO B 2 4.67 -8.62 -12.25
N LEU B 3 4.82 -8.15 -11.03
CA LEU B 3 3.94 -8.56 -9.93
C LEU B 3 2.55 -7.99 -10.12
N GLU B 4 1.55 -8.69 -9.61
CA GLU B 4 0.16 -8.25 -9.71
C GLU B 4 -0.03 -6.89 -9.07
N ILE B 5 -0.79 -6.02 -9.73
CA ILE B 5 -1.04 -4.68 -9.22
C ILE B 5 -2.54 -4.44 -9.01
N THR B 6 -2.87 -3.63 -8.02
CA THR B 6 -4.27 -3.33 -7.72
C THR B 6 -4.46 -1.83 -7.49
N GLU B 7 -5.62 -1.31 -7.89
CA GLU B 7 -5.92 0.10 -7.74
C GLU B 7 -6.73 0.35 -6.46
N LEU B 8 -6.26 1.28 -5.65
CA LEU B 8 -6.94 1.62 -4.40
C LEU B 8 -7.39 3.08 -4.40
N LYS A 1 13.36 4.29 7.45
CA LYS A 1 12.76 3.81 8.72
C LYS A 1 11.25 3.59 8.57
N GLU A 2 10.65 2.94 9.56
CA GLU A 2 9.22 2.67 9.54
C GLU A 2 8.42 3.97 9.47
N LYS A 3 7.56 4.08 8.47
CA LYS A 3 6.74 5.28 8.30
C LYS A 3 5.28 4.99 8.61
N LYS A 4 4.52 6.04 8.91
CA LYS A 4 3.10 5.90 9.23
C LYS A 4 2.26 6.74 8.28
N VAL A 5 1.12 6.18 7.86
CA VAL A 5 0.23 6.88 6.94
C VAL A 5 -1.23 6.56 7.26
N PHE A 6 -2.10 7.55 7.05
CA PHE A 6 -3.53 7.38 7.30
C PHE A 6 -4.33 7.71 6.04
N ILE A 7 -5.23 6.79 5.66
CA ILE A 7 -6.06 6.97 4.48
C ILE A 7 -7.54 6.98 4.85
N SER A 8 -8.24 8.03 4.45
CA SER A 8 -9.66 8.16 4.73
C SER A 8 -10.44 8.51 3.46
N LEU A 9 -11.41 7.68 3.11
CA LEU A 9 -12.22 7.92 1.93
C LEU A 9 -12.96 9.25 2.02
N VAL A 10 -13.90 9.48 1.10
CA VAL A 10 -14.67 10.71 1.07
C VAL A 10 -13.77 11.91 0.77
N GLY A 11 -14.23 12.79 -0.10
CA GLY A 11 -13.47 13.97 -0.46
C GLY A 11 -13.10 13.99 -1.93
N SER A 12 -12.76 12.82 -2.48
CA SER A 12 -12.39 12.71 -3.87
C SER A 12 -12.58 11.28 -4.37
N ARG A 13 -11.78 10.37 -3.85
CA ARG A 13 -11.86 8.96 -4.23
C ARG A 13 -11.25 8.07 -3.16
N GLY A 14 -11.14 6.78 -3.46
CA GLY A 14 -10.57 5.83 -2.52
C GLY A 14 -9.27 6.31 -1.89
N LEU A 15 -8.19 6.23 -2.65
CA LEU A 15 -6.88 6.66 -2.17
C LEU A 15 -6.10 7.36 -3.27
N GLY A 16 -6.13 6.80 -4.47
CA GLY A 16 -5.41 7.38 -5.59
C GLY A 16 -4.05 6.75 -5.79
N CYS A 17 -3.85 5.56 -5.22
CA CYS A 17 -2.59 4.86 -5.33
C CYS A 17 -2.82 3.37 -5.55
N SER A 18 -1.82 2.68 -6.09
CA SER A 18 -1.93 1.26 -6.36
C SER A 18 -0.95 0.46 -5.50
N ILE A 19 -1.06 -0.85 -5.56
CA ILE A 19 -0.18 -1.72 -4.78
C ILE A 19 0.17 -2.99 -5.56
N SER A 20 1.33 -3.56 -5.26
CA SER A 20 1.78 -4.77 -5.95
C SER A 20 2.35 -5.78 -4.97
N SER A 21 2.42 -7.04 -5.40
CA SER A 21 2.94 -8.11 -4.56
C SER A 21 4.33 -8.52 -5.04
N GLY A 22 5.12 -9.08 -4.14
CA GLY A 22 6.47 -9.51 -4.50
C GLY A 22 6.59 -11.01 -4.63
N PRO A 23 7.83 -11.54 -4.68
CA PRO A 23 8.07 -12.97 -4.81
C PRO A 23 7.70 -13.75 -3.55
N ILE A 24 8.18 -14.98 -3.46
CA ILE A 24 7.91 -15.83 -2.31
C ILE A 24 8.95 -15.65 -1.22
N GLN A 25 10.14 -15.21 -1.61
CA GLN A 25 11.23 -14.99 -0.66
C GLN A 25 10.98 -13.75 0.19
N LYS A 26 10.27 -12.78 -0.38
CA LYS A 26 9.96 -11.55 0.32
C LYS A 26 8.60 -11.00 -0.10
N PRO A 27 7.52 -11.76 0.17
CA PRO A 27 6.15 -11.35 -0.18
C PRO A 27 5.64 -10.23 0.71
N GLY A 28 4.91 -9.29 0.11
CA GLY A 28 4.37 -8.18 0.87
C GLY A 28 3.62 -7.19 -0.01
N ILE A 29 2.84 -6.32 0.62
CA ILE A 29 2.07 -5.32 -0.10
C ILE A 29 2.90 -4.07 -0.36
N PHE A 30 3.25 -3.86 -1.63
CA PHE A 30 4.05 -2.69 -2.01
C PHE A 30 3.18 -1.60 -2.60
N ILE A 31 3.78 -0.43 -2.82
CA ILE A 31 3.06 0.70 -3.37
C ILE A 31 3.47 0.96 -4.82
N SER A 32 2.47 1.24 -5.66
CA SER A 32 2.69 1.54 -7.06
C SER A 32 2.51 3.02 -7.33
N HIS A 33 2.46 3.40 -8.61
CA HIS A 33 2.29 4.80 -8.99
C HIS A 33 1.21 5.47 -8.16
N VAL A 34 1.36 6.76 -7.91
CA VAL A 34 0.39 7.52 -7.13
C VAL A 34 -0.16 8.70 -7.93
N LYS A 35 -1.34 9.17 -7.54
CA LYS A 35 -1.98 10.29 -8.22
C LYS A 35 -1.69 11.61 -7.50
N PRO A 36 -1.77 12.74 -8.20
CA PRO A 36 -1.51 14.06 -7.62
C PRO A 36 -2.52 14.41 -6.54
N GLY A 37 -3.80 14.28 -6.86
CA GLY A 37 -4.84 14.58 -5.89
C GLY A 37 -5.10 13.42 -4.96
N SER A 38 -6.35 12.97 -4.90
CA SER A 38 -6.72 11.85 -4.05
C SER A 38 -6.18 12.02 -2.63
N LEU A 39 -6.07 10.91 -1.90
CA LEU A 39 -5.56 10.95 -0.54
C LEU A 39 -4.12 10.46 -0.47
N SER A 40 -3.74 9.57 -1.38
CA SER A 40 -2.38 9.03 -1.42
C SER A 40 -1.36 10.16 -1.45
N ALA A 41 -1.51 11.08 -2.39
CA ALA A 41 -0.60 12.21 -2.51
C ALA A 41 -0.62 13.06 -1.24
N GLU A 42 -1.79 13.17 -0.65
CA GLU A 42 -1.98 13.97 0.56
C GLU A 42 -1.09 13.44 1.68
N VAL A 43 -1.02 12.12 1.80
CA VAL A 43 -0.20 11.49 2.85
C VAL A 43 1.26 11.43 2.43
N GLY A 44 1.50 11.34 1.13
CA GLY A 44 2.86 11.28 0.63
C GLY A 44 3.28 9.86 0.28
N LEU A 45 2.59 9.25 -0.67
CA LEU A 45 2.89 7.89 -1.09
C LEU A 45 3.71 7.89 -2.37
N GLU A 46 4.47 6.82 -2.59
CA GLU A 46 5.30 6.69 -3.77
C GLU A 46 5.73 5.24 -3.99
N ILE A 47 6.12 4.91 -5.21
CA ILE A 47 6.55 3.56 -5.53
C ILE A 47 7.70 3.11 -4.64
N GLY A 48 7.75 1.82 -4.34
CA GLY A 48 8.80 1.30 -3.49
C GLY A 48 8.35 1.08 -2.07
N ASP A 49 7.37 1.88 -1.63
CA ASP A 49 6.84 1.77 -0.28
C ASP A 49 6.17 0.41 -0.07
N GLN A 50 6.26 -0.10 1.16
CA GLN A 50 5.67 -1.40 1.49
C GLN A 50 4.85 -1.33 2.78
N ILE A 51 3.55 -1.59 2.66
CA ILE A 51 2.66 -1.55 3.81
C ILE A 51 2.96 -2.70 4.77
N VAL A 52 3.33 -2.37 5.99
CA VAL A 52 3.66 -3.36 7.00
C VAL A 52 2.48 -3.61 7.95
N GLU A 53 1.57 -2.65 8.04
CA GLU A 53 0.41 -2.78 8.91
C GLU A 53 -0.76 -1.93 8.40
N VAL A 54 -1.98 -2.34 8.78
CA VAL A 54 -3.17 -1.62 8.36
C VAL A 54 -4.29 -1.78 9.40
N ASN A 55 -4.41 -0.79 10.28
CA ASN A 55 -5.43 -0.80 11.32
C ASN A 55 -5.30 -2.06 12.19
N GLY A 56 -4.07 -2.46 12.45
CA GLY A 56 -3.82 -3.64 13.26
C GLY A 56 -3.60 -4.89 12.43
N VAL A 57 -4.19 -4.92 11.23
CA VAL A 57 -4.04 -6.06 10.34
C VAL A 57 -2.59 -6.26 9.94
N ASP A 58 -2.00 -7.38 10.36
CA ASP A 58 -0.62 -7.68 10.04
C ASP A 58 -0.43 -7.89 8.54
N PHE A 59 0.34 -7.01 7.92
CA PHE A 59 0.60 -7.09 6.49
C PHE A 59 1.93 -7.78 6.21
N SER A 60 2.36 -8.62 7.15
CA SER A 60 3.62 -9.35 7.00
C SER A 60 3.49 -10.43 5.93
N ASN A 61 2.49 -11.29 6.09
CA ASN A 61 2.24 -12.36 5.12
C ASN A 61 0.87 -12.22 4.49
N LEU A 62 0.38 -10.99 4.39
CA LEU A 62 -0.92 -10.72 3.81
C LEU A 62 -0.89 -10.87 2.29
N ASP A 63 -2.00 -11.28 1.72
CA ASP A 63 -2.10 -11.46 0.27
C ASP A 63 -2.40 -10.14 -0.43
N HIS A 64 -2.38 -10.16 -1.76
CA HIS A 64 -2.65 -8.97 -2.56
C HIS A 64 -4.11 -8.54 -2.40
N LYS A 65 -5.02 -9.45 -2.75
CA LYS A 65 -6.44 -9.16 -2.65
C LYS A 65 -6.83 -8.79 -1.23
N GLU A 66 -6.16 -9.41 -0.25
CA GLU A 66 -6.43 -9.13 1.16
C GLU A 66 -6.12 -7.67 1.48
N ALA A 67 -4.98 -7.19 1.00
CA ALA A 67 -4.57 -5.81 1.24
C ALA A 67 -5.59 -4.83 0.66
N VAL A 68 -6.03 -5.10 -0.56
CA VAL A 68 -7.00 -4.25 -1.23
C VAL A 68 -8.37 -4.34 -0.55
N ASN A 69 -8.78 -5.55 -0.23
CA ASN A 69 -10.07 -5.78 0.43
C ASN A 69 -10.19 -4.95 1.70
N VAL A 70 -9.24 -5.10 2.61
CA VAL A 70 -9.25 -4.37 3.86
C VAL A 70 -9.24 -2.87 3.61
N LEU A 71 -8.38 -2.42 2.70
CA LEU A 71 -8.27 -1.01 2.37
C LEU A 71 -9.56 -0.51 1.72
N LYS A 72 -10.23 -1.39 1.00
CA LYS A 72 -11.48 -1.05 0.34
C LYS A 72 -12.66 -1.14 1.30
N SER A 73 -12.53 -2.02 2.29
CA SER A 73 -13.58 -2.22 3.28
C SER A 73 -13.74 -0.98 4.17
N SER A 74 -12.70 -0.67 4.94
CA SER A 74 -12.74 0.47 5.84
C SER A 74 -12.35 1.76 5.10
N ARG A 75 -13.05 2.85 5.42
CA ARG A 75 -12.77 4.14 4.79
C ARG A 75 -11.55 4.79 5.43
N SER A 76 -11.63 5.03 6.73
CA SER A 76 -10.53 5.66 7.46
C SER A 76 -9.76 4.62 8.26
N LEU A 77 -8.60 4.20 7.73
CA LEU A 77 -7.78 3.20 8.40
C LEU A 77 -6.32 3.66 8.46
N THR A 78 -5.66 3.35 9.57
CA THR A 78 -4.26 3.72 9.76
C THR A 78 -3.35 2.63 9.19
N ILE A 79 -2.57 2.98 8.18
CA ILE A 79 -1.67 2.03 7.55
C ILE A 79 -0.21 2.37 7.82
N SER A 80 0.52 1.41 8.38
CA SER A 80 1.94 1.60 8.68
C SER A 80 2.79 1.09 7.52
N ILE A 81 3.49 2.02 6.86
CA ILE A 81 4.33 1.66 5.73
C ILE A 81 5.79 2.01 6.00
N VAL A 82 6.69 1.21 5.45
CA VAL A 82 8.13 1.44 5.63
C VAL A 82 8.77 1.74 4.28
N ALA A 83 9.62 2.77 4.27
CA ALA A 83 10.30 3.18 3.04
C ALA A 83 11.37 2.17 2.63
N ALA A 84 11.34 1.76 1.36
CA ALA A 84 12.31 0.82 0.80
C ALA A 84 11.95 -0.64 1.10
N ALA A 85 11.06 -0.88 2.06
CA ALA A 85 10.66 -2.23 2.41
C ALA A 85 10.13 -2.97 1.18
N GLY A 86 9.70 -2.23 0.18
CA GLY A 86 9.17 -2.81 -1.03
C GLY A 86 10.04 -2.53 -2.25
N ARG A 87 10.70 -1.38 -2.23
CA ARG A 87 11.55 -0.96 -3.35
C ARG A 87 12.61 -2.00 -3.67
N GLU A 88 13.17 -2.63 -2.63
CA GLU A 88 14.20 -3.65 -2.83
C GLU A 88 13.73 -4.70 -3.83
N LEU A 89 12.53 -5.22 -3.63
CA LEU A 89 11.96 -6.22 -4.51
C LEU A 89 11.56 -5.61 -5.85
N PHE A 90 11.07 -4.37 -5.80
CA PHE A 90 10.65 -3.65 -7.00
C PHE A 90 11.75 -3.63 -8.05
N MET A 91 12.99 -3.42 -7.61
CA MET A 91 14.12 -3.38 -8.52
C MET A 91 14.24 -4.66 -9.32
N THR A 92 14.07 -4.56 -10.63
CA THR A 92 14.14 -5.72 -11.52
C THR A 92 15.46 -6.45 -11.35
N THR B 1 7.08 -15.61 -13.29
CA THR B 1 5.75 -15.04 -13.25
C THR B 1 5.78 -13.57 -12.85
N PRO B 2 4.88 -12.74 -13.40
CA PRO B 2 4.82 -11.32 -13.10
C PRO B 2 4.08 -11.04 -11.79
N LEU B 3 4.07 -9.78 -11.38
CA LEU B 3 3.39 -9.38 -10.16
C LEU B 3 2.14 -8.55 -10.47
N GLU B 4 1.02 -8.94 -9.87
CA GLU B 4 -0.24 -8.25 -10.08
C GLU B 4 -0.24 -6.88 -9.40
N ILE B 5 -1.22 -6.06 -9.75
CA ILE B 5 -1.34 -4.72 -9.17
C ILE B 5 -2.79 -4.28 -9.09
N THR B 6 -3.18 -3.72 -7.94
CA THR B 6 -4.55 -3.26 -7.74
C THR B 6 -4.56 -1.78 -7.37
N GLU B 7 -5.58 -1.07 -7.86
CA GLU B 7 -5.72 0.36 -7.59
C GLU B 7 -6.50 0.59 -6.31
N LEU B 8 -6.17 1.67 -5.60
CA LEU B 8 -6.84 2.01 -4.35
C LEU B 8 -7.22 3.49 -4.32
N LYS A 1 12.72 5.05 9.44
CA LYS A 1 12.37 3.84 8.65
C LYS A 1 10.85 3.63 8.59
N GLU A 2 10.27 3.24 9.73
CA GLU A 2 8.84 3.01 9.80
C GLU A 2 8.07 4.32 9.61
N LYS A 3 7.30 4.39 8.52
CA LYS A 3 6.52 5.58 8.23
C LYS A 3 5.05 5.37 8.57
N LYS A 4 4.40 6.43 9.06
CA LYS A 4 2.99 6.36 9.43
C LYS A 4 2.12 7.07 8.38
N VAL A 5 1.06 6.39 7.94
CA VAL A 5 0.16 6.95 6.95
C VAL A 5 -1.30 6.66 7.31
N PHE A 6 -2.17 7.61 7.01
CA PHE A 6 -3.59 7.46 7.31
C PHE A 6 -4.44 7.80 6.08
N ILE A 7 -5.29 6.86 5.68
CA ILE A 7 -6.15 7.06 4.52
C ILE A 7 -7.62 7.14 4.92
N SER A 8 -8.26 8.27 4.62
CA SER A 8 -9.66 8.47 4.96
C SER A 8 -10.39 9.20 3.83
N LEU A 9 -11.58 8.71 3.49
CA LEU A 9 -12.38 9.32 2.43
C LEU A 9 -12.78 10.74 2.80
N VAL A 10 -12.13 11.72 2.17
CA VAL A 10 -12.44 13.12 2.43
C VAL A 10 -13.72 13.55 1.74
N GLY A 11 -13.98 12.96 0.57
CA GLY A 11 -15.18 13.29 -0.18
C GLY A 11 -15.45 12.32 -1.31
N SER A 12 -14.89 12.61 -2.48
CA SER A 12 -15.07 11.76 -3.65
C SER A 12 -13.73 11.28 -4.20
N ARG A 13 -12.81 10.96 -3.29
CA ARG A 13 -11.48 10.49 -3.68
C ARG A 13 -11.08 9.26 -2.88
N GLY A 14 -10.85 8.16 -3.58
CA GLY A 14 -10.46 6.93 -2.92
C GLY A 14 -9.18 7.08 -2.12
N LEU A 15 -8.07 6.63 -2.70
CA LEU A 15 -6.77 6.71 -2.05
C LEU A 15 -5.80 7.51 -2.91
N GLY A 16 -5.61 7.08 -4.16
CA GLY A 16 -4.71 7.78 -5.05
C GLY A 16 -3.49 6.97 -5.43
N CYS A 17 -3.36 5.77 -4.88
CA CYS A 17 -2.22 4.91 -5.18
C CYS A 17 -2.66 3.46 -5.34
N SER A 18 -1.76 2.64 -5.89
CA SER A 18 -2.05 1.22 -6.10
C SER A 18 -1.14 0.35 -5.23
N ILE A 19 -1.39 -0.96 -5.24
CA ILE A 19 -0.58 -1.89 -4.45
C ILE A 19 -0.36 -3.19 -5.22
N SER A 20 0.75 -3.85 -4.94
CA SER A 20 1.09 -5.10 -5.60
C SER A 20 1.85 -6.05 -4.67
N SER A 21 1.87 -7.33 -5.04
CA SER A 21 2.57 -8.34 -4.23
C SER A 21 3.87 -8.75 -4.89
N GLY A 22 4.87 -9.06 -4.08
CA GLY A 22 6.17 -9.45 -4.60
C GLY A 22 6.33 -10.96 -4.73
N PRO A 23 7.56 -11.43 -4.98
CA PRO A 23 7.85 -12.86 -5.13
C PRO A 23 7.81 -13.61 -3.80
N ILE A 24 8.36 -14.82 -3.80
CA ILE A 24 8.39 -15.66 -2.61
C ILE A 24 9.56 -15.29 -1.71
N GLN A 25 10.63 -14.77 -2.31
CA GLN A 25 11.81 -14.37 -1.56
C GLN A 25 11.48 -13.25 -0.58
N LYS A 26 10.48 -12.44 -0.92
CA LYS A 26 10.07 -11.33 -0.07
C LYS A 26 8.60 -10.98 -0.32
N PRO A 27 7.68 -11.81 0.20
CA PRO A 27 6.24 -11.59 0.02
C PRO A 27 5.73 -10.40 0.85
N GLY A 28 5.04 -9.49 0.19
CA GLY A 28 4.51 -8.33 0.87
C GLY A 28 3.69 -7.43 -0.04
N ILE A 29 2.97 -6.48 0.55
CA ILE A 29 2.14 -5.57 -0.22
C ILE A 29 2.81 -4.20 -0.35
N PHE A 30 3.33 -3.90 -1.54
CA PHE A 30 3.99 -2.62 -1.77
C PHE A 30 3.06 -1.66 -2.50
N ILE A 31 3.57 -0.49 -2.83
CA ILE A 31 2.78 0.53 -3.50
C ILE A 31 3.17 0.68 -4.97
N SER A 32 2.18 0.94 -5.80
CA SER A 32 2.38 1.13 -7.24
C SER A 32 2.24 2.60 -7.58
N HIS A 33 2.17 2.90 -8.88
CA HIS A 33 2.04 4.29 -9.34
C HIS A 33 1.03 5.06 -8.48
N VAL A 34 1.26 6.37 -8.36
CA VAL A 34 0.39 7.22 -7.56
C VAL A 34 0.00 8.48 -8.32
N LYS A 35 -1.14 9.05 -7.95
CA LYS A 35 -1.62 10.27 -8.60
C LYS A 35 -1.70 11.43 -7.60
N PRO A 36 -1.40 12.66 -8.05
CA PRO A 36 -1.43 13.85 -7.18
C PRO A 36 -2.86 14.26 -6.83
N GLY A 37 -2.99 15.01 -5.73
CA GLY A 37 -4.30 15.46 -5.30
C GLY A 37 -5.16 14.33 -4.77
N SER A 38 -4.56 13.44 -4.00
CA SER A 38 -5.27 12.30 -3.43
C SER A 38 -4.77 12.00 -2.02
N LEU A 39 -5.33 10.96 -1.40
CA LEU A 39 -4.94 10.57 -0.06
C LEU A 39 -3.49 10.09 -0.04
N SER A 40 -3.16 9.17 -0.95
CA SER A 40 -1.82 8.63 -1.04
C SER A 40 -0.80 9.74 -1.30
N ALA A 41 -1.19 10.71 -2.12
CA ALA A 41 -0.32 11.83 -2.46
C ALA A 41 -0.15 12.79 -1.27
N GLU A 42 -1.26 13.04 -0.57
CA GLU A 42 -1.23 13.93 0.58
C GLU A 42 -0.35 13.36 1.68
N VAL A 43 -0.52 12.08 1.98
CA VAL A 43 0.26 11.42 3.02
C VAL A 43 1.72 11.29 2.61
N GLY A 44 1.96 11.21 1.30
CA GLY A 44 3.32 11.09 0.80
C GLY A 44 3.66 9.66 0.39
N LEU A 45 2.84 9.09 -0.49
CA LEU A 45 3.06 7.74 -0.96
C LEU A 45 3.68 7.73 -2.36
N GLU A 46 4.17 6.57 -2.78
CA GLU A 46 4.80 6.42 -4.09
C GLU A 46 5.28 4.99 -4.30
N ILE A 47 5.59 4.64 -5.54
CA ILE A 47 6.06 3.31 -5.87
C ILE A 47 7.33 2.97 -5.09
N GLY A 48 7.36 1.79 -4.50
CA GLY A 48 8.51 1.37 -3.71
C GLY A 48 8.17 1.16 -2.26
N ASP A 49 7.20 1.92 -1.76
CA ASP A 49 6.78 1.80 -0.36
C ASP A 49 6.28 0.40 -0.06
N GLN A 50 6.04 0.12 1.22
CA GLN A 50 5.57 -1.20 1.64
C GLN A 50 4.74 -1.11 2.91
N ILE A 51 3.44 -1.34 2.79
CA ILE A 51 2.55 -1.29 3.94
C ILE A 51 2.82 -2.48 4.87
N VAL A 52 3.24 -2.17 6.09
CA VAL A 52 3.55 -3.21 7.07
C VAL A 52 2.42 -3.38 8.10
N GLU A 53 1.32 -2.66 7.91
CA GLU A 53 0.19 -2.75 8.82
C GLU A 53 -1.00 -1.94 8.31
N VAL A 54 -2.20 -2.40 8.62
CA VAL A 54 -3.42 -1.72 8.20
C VAL A 54 -4.56 -1.99 9.17
N ASN A 55 -4.87 -0.99 10.00
CA ASN A 55 -5.94 -1.13 10.99
C ASN A 55 -5.66 -2.26 11.95
N GLY A 56 -4.38 -2.51 12.20
CA GLY A 56 -4.00 -3.58 13.12
C GLY A 56 -3.55 -4.83 12.39
N VAL A 57 -4.09 -5.04 11.19
CA VAL A 57 -3.75 -6.20 10.39
C VAL A 57 -2.27 -6.19 10.00
N ASP A 58 -1.61 -7.32 10.17
CA ASP A 58 -0.19 -7.44 9.86
C ASP A 58 0.00 -7.70 8.36
N PHE A 59 0.65 -6.76 7.67
CA PHE A 59 0.89 -6.90 6.25
C PHE A 59 2.25 -7.55 5.97
N SER A 60 2.84 -8.15 7.00
CA SER A 60 4.13 -8.80 6.86
C SER A 60 4.01 -10.04 5.98
N ASN A 61 2.86 -10.70 6.07
CA ASN A 61 2.61 -11.90 5.27
C ASN A 61 1.16 -11.91 4.77
N LEU A 62 0.62 -10.73 4.51
CA LEU A 62 -0.75 -10.61 4.03
C LEU A 62 -0.83 -10.85 2.52
N ASP A 63 -1.93 -11.43 2.07
CA ASP A 63 -2.12 -11.72 0.66
C ASP A 63 -2.49 -10.45 -0.11
N HIS A 64 -2.43 -10.52 -1.44
CA HIS A 64 -2.75 -9.38 -2.28
C HIS A 64 -4.22 -8.99 -2.14
N LYS A 65 -5.11 -9.94 -2.41
CA LYS A 65 -6.55 -9.69 -2.31
C LYS A 65 -6.92 -9.20 -0.91
N GLU A 66 -6.29 -9.77 0.10
CA GLU A 66 -6.55 -9.38 1.49
C GLU A 66 -6.23 -7.91 1.71
N ALA A 67 -5.16 -7.44 1.08
CA ALA A 67 -4.75 -6.05 1.21
C ALA A 67 -5.77 -5.11 0.58
N VAL A 68 -6.22 -5.45 -0.62
CA VAL A 68 -7.20 -4.64 -1.33
C VAL A 68 -8.55 -4.69 -0.63
N ASN A 69 -8.97 -5.89 -0.23
CA ASN A 69 -10.25 -6.07 0.44
C ASN A 69 -10.36 -5.17 1.68
N VAL A 70 -9.42 -5.31 2.60
CA VAL A 70 -9.42 -4.52 3.82
C VAL A 70 -9.40 -3.02 3.51
N LEU A 71 -8.53 -2.63 2.58
CA LEU A 71 -8.41 -1.23 2.18
C LEU A 71 -9.71 -0.74 1.52
N LYS A 72 -10.39 -1.66 0.85
CA LYS A 72 -11.64 -1.32 0.17
C LYS A 72 -12.82 -1.33 1.14
N SER A 73 -12.73 -2.18 2.15
CA SER A 73 -13.79 -2.30 3.15
C SER A 73 -13.91 -1.01 3.97
N SER A 74 -12.83 -0.64 4.65
CA SER A 74 -12.82 0.56 5.46
C SER A 74 -12.26 1.75 4.68
N ARG A 75 -12.94 2.90 4.79
CA ARG A 75 -12.52 4.10 4.10
C ARG A 75 -11.49 4.87 4.94
N SER A 76 -11.72 4.91 6.25
CA SER A 76 -10.82 5.59 7.17
C SER A 76 -10.03 4.59 8.00
N LEU A 77 -8.90 4.14 7.47
CA LEU A 77 -8.06 3.16 8.16
C LEU A 77 -6.62 3.65 8.26
N THR A 78 -5.97 3.32 9.38
CA THR A 78 -4.58 3.71 9.60
C THR A 78 -3.64 2.64 9.06
N ILE A 79 -2.77 3.02 8.13
CA ILE A 79 -1.83 2.08 7.53
C ILE A 79 -0.39 2.47 7.84
N SER A 80 0.36 1.52 8.38
CA SER A 80 1.76 1.74 8.71
C SER A 80 2.66 1.24 7.58
N ILE A 81 3.28 2.18 6.88
CA ILE A 81 4.15 1.85 5.77
C ILE A 81 5.61 2.17 6.09
N VAL A 82 6.53 1.41 5.51
CA VAL A 82 7.95 1.62 5.73
C VAL A 82 8.67 1.83 4.40
N ALA A 83 9.28 2.99 4.25
CA ALA A 83 9.99 3.34 3.02
C ALA A 83 11.13 2.34 2.74
N ALA A 84 11.27 1.96 1.47
CA ALA A 84 12.31 1.02 1.04
C ALA A 84 11.91 -0.43 1.25
N ALA A 85 10.89 -0.66 2.09
CA ALA A 85 10.43 -2.03 2.35
C ALA A 85 9.90 -2.68 1.08
N GLY A 86 9.58 -1.86 0.08
CA GLY A 86 9.07 -2.37 -1.18
C GLY A 86 10.03 -2.17 -2.33
N ARG A 87 10.82 -1.09 -2.24
CA ARG A 87 11.78 -0.75 -3.28
C ARG A 87 12.76 -1.90 -3.52
N GLU A 88 13.10 -2.63 -2.46
CA GLU A 88 14.03 -3.75 -2.57
C GLU A 88 13.64 -4.67 -3.73
N LEU A 89 12.35 -4.98 -3.83
CA LEU A 89 11.86 -5.84 -4.89
C LEU A 89 11.87 -5.10 -6.23
N PHE A 90 11.41 -3.86 -6.22
CA PHE A 90 11.37 -3.04 -7.44
C PHE A 90 12.76 -2.89 -8.04
N MET A 91 13.79 -2.93 -7.19
CA MET A 91 15.17 -2.79 -7.64
C MET A 91 15.48 -3.78 -8.77
N THR A 92 15.83 -3.24 -9.93
CA THR A 92 16.16 -4.07 -11.09
C THR A 92 17.66 -4.31 -11.18
N THR B 1 7.32 -15.29 -13.20
CA THR B 1 5.87 -15.21 -13.00
C THR B 1 5.42 -13.76 -12.83
N PRO B 2 4.22 -13.42 -13.34
CA PRO B 2 3.69 -12.06 -13.25
C PRO B 2 3.13 -11.75 -11.86
N LEU B 3 3.05 -10.46 -11.53
CA LEU B 3 2.54 -10.02 -10.25
C LEU B 3 1.27 -9.20 -10.41
N GLU B 4 0.22 -9.60 -9.69
CA GLU B 4 -1.06 -8.90 -9.76
C GLU B 4 -0.96 -7.52 -9.13
N ILE B 5 -1.75 -6.58 -9.66
CA ILE B 5 -1.75 -5.21 -9.14
C ILE B 5 -3.18 -4.68 -9.01
N THR B 6 -3.40 -3.83 -8.01
CA THR B 6 -4.71 -3.26 -7.77
C THR B 6 -4.60 -1.79 -7.35
N GLU B 7 -5.39 -0.93 -7.98
CA GLU B 7 -5.39 0.49 -7.67
C GLU B 7 -6.43 0.82 -6.61
N LEU B 8 -6.10 1.75 -5.72
CA LEU B 8 -7.02 2.17 -4.66
C LEU B 8 -7.32 3.66 -4.75
N LYS A 1 13.72 2.69 9.48
CA LYS A 1 12.57 3.23 10.24
C LYS A 1 11.25 2.95 9.52
N GLU A 2 10.16 2.92 10.28
CA GLU A 2 8.85 2.66 9.71
C GLU A 2 8.05 3.96 9.57
N LYS A 3 7.33 4.09 8.47
CA LYS A 3 6.52 5.28 8.22
C LYS A 3 5.04 5.02 8.51
N LYS A 4 4.35 6.05 9.01
CA LYS A 4 2.93 5.92 9.33
C LYS A 4 2.09 6.75 8.36
N VAL A 5 0.93 6.23 7.99
CA VAL A 5 0.04 6.91 7.07
C VAL A 5 -1.42 6.71 7.44
N PHE A 6 -2.27 7.68 7.10
CA PHE A 6 -3.69 7.61 7.40
C PHE A 6 -4.52 7.91 6.16
N ILE A 7 -5.51 7.06 5.89
CA ILE A 7 -6.38 7.25 4.74
C ILE A 7 -7.85 7.18 5.15
N SER A 8 -8.50 8.34 5.20
CA SER A 8 -9.91 8.42 5.58
C SER A 8 -10.77 8.93 4.43
N LEU A 9 -10.29 8.74 3.21
CA LEU A 9 -11.01 9.19 2.02
C LEU A 9 -11.48 10.64 2.17
N VAL A 10 -10.52 11.55 2.27
CA VAL A 10 -10.83 12.97 2.41
C VAL A 10 -10.28 13.77 1.22
N GLY A 11 -11.18 14.27 0.40
CA GLY A 11 -10.78 15.04 -0.76
C GLY A 11 -11.00 14.28 -2.06
N SER A 12 -12.22 14.40 -2.59
CA SER A 12 -12.58 13.72 -3.83
C SER A 12 -12.83 12.23 -3.61
N ARG A 13 -12.74 11.79 -2.35
CA ARG A 13 -12.97 10.39 -2.01
C ARG A 13 -12.09 9.46 -2.84
N GLY A 14 -11.01 8.98 -2.25
CA GLY A 14 -10.11 8.09 -2.95
C GLY A 14 -8.68 8.22 -2.48
N LEU A 15 -7.96 7.09 -2.47
CA LEU A 15 -6.57 7.08 -2.04
C LEU A 15 -5.66 7.63 -3.14
N GLY A 16 -5.86 7.14 -4.36
CA GLY A 16 -5.07 7.59 -5.48
C GLY A 16 -3.74 6.86 -5.61
N CYS A 17 -3.74 5.59 -5.23
CA CYS A 17 -2.52 4.77 -5.29
C CYS A 17 -2.86 3.30 -5.49
N SER A 18 -1.92 2.54 -6.04
CA SER A 18 -2.11 1.12 -6.28
C SER A 18 -1.17 0.29 -5.40
N ILE A 19 -1.34 -1.02 -5.44
CA ILE A 19 -0.50 -1.92 -4.66
C ILE A 19 -0.08 -3.14 -5.46
N SER A 20 1.20 -3.51 -5.34
CA SER A 20 1.72 -4.66 -6.06
C SER A 20 2.26 -5.71 -5.08
N SER A 21 2.43 -6.93 -5.57
CA SER A 21 2.93 -8.02 -4.74
C SER A 21 4.38 -8.33 -5.08
N GLY A 22 5.10 -8.89 -4.12
CA GLY A 22 6.50 -9.22 -4.33
C GLY A 22 6.72 -10.72 -4.48
N PRO A 23 7.98 -11.15 -4.69
CA PRO A 23 8.32 -12.56 -4.86
C PRO A 23 8.25 -13.33 -3.54
N ILE A 24 8.77 -14.56 -3.55
CA ILE A 24 8.77 -15.39 -2.36
C ILE A 24 9.82 -14.93 -1.36
N GLN A 25 10.87 -14.29 -1.86
CA GLN A 25 11.95 -13.80 -1.01
C GLN A 25 11.43 -12.75 -0.03
N LYS A 26 10.45 -11.97 -0.47
CA LYS A 26 9.87 -10.92 0.36
C LYS A 26 8.39 -10.69 0.00
N PRO A 27 7.51 -11.59 0.43
CA PRO A 27 6.07 -11.48 0.17
C PRO A 27 5.40 -10.42 1.03
N GLY A 28 4.46 -9.70 0.42
CA GLY A 28 3.75 -8.66 1.16
C GLY A 28 3.09 -7.65 0.23
N ILE A 29 2.29 -6.76 0.81
CA ILE A 29 1.60 -5.75 0.03
C ILE A 29 2.50 -4.55 -0.23
N PHE A 30 2.84 -4.33 -1.49
CA PHE A 30 3.71 -3.22 -1.87
C PHE A 30 2.90 -2.07 -2.48
N ILE A 31 3.57 -0.96 -2.75
CA ILE A 31 2.91 0.21 -3.31
C ILE A 31 3.29 0.42 -4.78
N SER A 32 2.29 0.69 -5.60
CA SER A 32 2.50 0.93 -7.03
C SER A 32 2.36 2.42 -7.34
N HIS A 33 2.31 2.74 -8.63
CA HIS A 33 2.18 4.13 -9.06
C HIS A 33 0.95 4.78 -8.42
N VAL A 34 1.08 6.05 -8.04
CA VAL A 34 -0.01 6.78 -7.40
C VAL A 34 -0.33 8.05 -8.18
N LYS A 35 -1.61 8.43 -8.18
CA LYS A 35 -2.05 9.63 -8.88
C LYS A 35 -2.12 10.83 -7.94
N PRO A 36 -1.97 12.06 -8.47
CA PRO A 36 -2.02 13.28 -7.67
C PRO A 36 -3.43 13.63 -7.23
N GLY A 37 -3.56 14.72 -6.49
CA GLY A 37 -4.87 15.15 -6.02
C GLY A 37 -5.60 14.04 -5.27
N SER A 38 -4.84 13.21 -4.55
CA SER A 38 -5.41 12.11 -3.79
C SER A 38 -4.85 12.08 -2.37
N LEU A 39 -5.07 10.96 -1.68
CA LEU A 39 -4.58 10.81 -0.31
C LEU A 39 -3.16 10.26 -0.31
N SER A 40 -2.90 9.27 -1.16
CA SER A 40 -1.59 8.65 -1.25
C SER A 40 -0.52 9.72 -1.46
N ALA A 41 -0.84 10.71 -2.28
CA ALA A 41 0.09 11.80 -2.57
C ALA A 41 0.13 12.79 -1.40
N GLU A 42 -1.02 12.96 -0.76
CA GLU A 42 -1.12 13.88 0.36
C GLU A 42 -0.29 13.40 1.54
N VAL A 43 -0.34 12.08 1.80
CA VAL A 43 0.42 11.49 2.89
C VAL A 43 1.88 11.31 2.52
N GLY A 44 2.13 11.00 1.25
CA GLY A 44 3.49 10.80 0.79
C GLY A 44 3.75 9.37 0.37
N LEU A 45 3.01 8.90 -0.63
CA LEU A 45 3.15 7.53 -1.12
C LEU A 45 3.75 7.53 -2.52
N GLU A 46 4.23 6.36 -2.94
CA GLU A 46 4.83 6.19 -4.26
C GLU A 46 5.37 4.77 -4.43
N ILE A 47 5.67 4.40 -5.67
CA ILE A 47 6.19 3.08 -5.95
C ILE A 47 7.45 2.80 -5.13
N GLY A 48 7.58 1.57 -4.64
CA GLY A 48 8.72 1.20 -3.83
C GLY A 48 8.35 0.98 -2.38
N ASP A 49 7.34 1.69 -1.91
CA ASP A 49 6.88 1.56 -0.54
C ASP A 49 6.20 0.21 -0.32
N GLN A 50 6.00 -0.16 0.93
CA GLN A 50 5.35 -1.43 1.26
C GLN A 50 4.62 -1.35 2.60
N ILE A 51 3.31 -1.52 2.56
CA ILE A 51 2.50 -1.48 3.76
C ILE A 51 2.77 -2.69 4.64
N VAL A 52 3.29 -2.44 5.84
CA VAL A 52 3.60 -3.51 6.78
C VAL A 52 2.50 -3.70 7.82
N GLU A 53 1.39 -2.97 7.65
CA GLU A 53 0.28 -3.08 8.59
C GLU A 53 -0.89 -2.18 8.15
N VAL A 54 -2.09 -2.53 8.60
CA VAL A 54 -3.28 -1.75 8.27
C VAL A 54 -4.36 -1.94 9.34
N ASN A 55 -4.47 -0.95 10.23
CA ASN A 55 -5.47 -0.99 11.30
C ASN A 55 -5.28 -2.24 12.17
N GLY A 56 -4.04 -2.71 12.26
CA GLY A 56 -3.77 -3.89 13.05
C GLY A 56 -3.53 -5.12 12.20
N VAL A 57 -4.19 -5.18 11.05
CA VAL A 57 -4.06 -6.30 10.14
C VAL A 57 -2.60 -6.49 9.70
N ASP A 58 -2.04 -7.65 10.00
CA ASP A 58 -0.66 -7.95 9.65
C ASP A 58 -0.49 -8.01 8.13
N PHE A 59 0.11 -6.96 7.57
CA PHE A 59 0.33 -6.89 6.13
C PHE A 59 1.69 -7.46 5.75
N SER A 60 2.37 -8.09 6.71
CA SER A 60 3.68 -8.69 6.46
C SER A 60 3.56 -9.90 5.55
N ASN A 61 2.43 -10.59 5.66
CA ASN A 61 2.18 -11.77 4.84
C ASN A 61 0.72 -11.83 4.40
N LEU A 62 0.11 -10.66 4.23
CA LEU A 62 -1.28 -10.58 3.82
C LEU A 62 -1.41 -10.73 2.30
N ASP A 63 -2.51 -11.32 1.87
CA ASP A 63 -2.75 -11.53 0.44
C ASP A 63 -3.12 -10.21 -0.24
N HIS A 64 -2.93 -10.16 -1.56
CA HIS A 64 -3.24 -8.97 -2.33
C HIS A 64 -4.70 -8.56 -2.16
N LYS A 65 -5.61 -9.52 -2.38
CA LYS A 65 -7.03 -9.26 -2.24
C LYS A 65 -7.37 -8.81 -0.83
N GLU A 66 -6.73 -9.43 0.16
CA GLU A 66 -6.96 -9.08 1.55
C GLU A 66 -6.62 -7.62 1.82
N ALA A 67 -5.51 -7.16 1.25
CA ALA A 67 -5.08 -5.78 1.42
C ALA A 67 -6.10 -4.80 0.84
N VAL A 68 -6.55 -5.09 -0.38
CA VAL A 68 -7.52 -4.24 -1.05
C VAL A 68 -8.89 -4.34 -0.36
N ASN A 69 -9.22 -5.53 0.12
CA ASN A 69 -10.49 -5.75 0.80
C ASN A 69 -10.61 -4.88 2.05
N VAL A 70 -9.67 -5.04 2.98
CA VAL A 70 -9.68 -4.27 4.22
C VAL A 70 -9.67 -2.77 3.92
N LEU A 71 -8.82 -2.38 2.98
CA LEU A 71 -8.71 -0.96 2.61
C LEU A 71 -10.04 -0.47 2.05
N LYS A 72 -10.75 -1.36 1.36
CA LYS A 72 -12.04 -1.02 0.78
C LYS A 72 -13.16 -1.14 1.82
N SER A 73 -12.94 -2.01 2.81
CA SER A 73 -13.94 -2.22 3.86
C SER A 73 -14.13 -0.97 4.70
N SER A 74 -13.08 -0.56 5.40
CA SER A 74 -13.14 0.63 6.25
C SER A 74 -12.67 1.87 5.49
N ARG A 75 -13.36 2.98 5.72
CA ARG A 75 -13.01 4.24 5.06
C ARG A 75 -11.82 4.89 5.76
N SER A 76 -11.83 4.87 7.08
CA SER A 76 -10.75 5.45 7.87
C SER A 76 -9.86 4.36 8.45
N LEU A 77 -8.80 4.01 7.71
CA LEU A 77 -7.87 2.97 8.16
C LEU A 77 -6.45 3.52 8.27
N THR A 78 -5.71 3.01 9.24
CA THR A 78 -4.33 3.43 9.44
C THR A 78 -3.37 2.39 8.87
N ILE A 79 -2.60 2.80 7.87
CA ILE A 79 -1.65 1.90 7.24
C ILE A 79 -0.21 2.23 7.63
N SER A 80 0.50 1.22 8.13
CA SER A 80 1.88 1.39 8.53
C SER A 80 2.82 0.94 7.41
N ILE A 81 3.39 1.89 6.69
CA ILE A 81 4.29 1.59 5.59
C ILE A 81 5.73 1.94 5.94
N VAL A 82 6.67 1.17 5.40
CA VAL A 82 8.08 1.40 5.63
C VAL A 82 8.82 1.66 4.33
N ALA A 83 9.34 2.87 4.18
CA ALA A 83 10.06 3.25 2.97
C ALA A 83 11.21 2.30 2.68
N ALA A 84 11.37 1.95 1.41
CA ALA A 84 12.43 1.04 0.96
C ALA A 84 12.05 -0.43 1.13
N ALA A 85 11.03 -0.69 1.94
CA ALA A 85 10.57 -2.06 2.17
C ALA A 85 10.20 -2.74 0.86
N GLY A 86 9.90 -1.95 -0.16
CA GLY A 86 9.53 -2.49 -1.45
C GLY A 86 10.54 -2.14 -2.54
N ARG A 87 11.17 -0.98 -2.40
CA ARG A 87 12.14 -0.50 -3.38
C ARG A 87 13.27 -1.52 -3.57
N GLU A 88 13.64 -2.20 -2.50
CA GLU A 88 14.71 -3.20 -2.56
C GLU A 88 14.45 -4.19 -3.69
N LEU A 89 13.25 -4.74 -3.71
CA LEU A 89 12.87 -5.71 -4.75
C LEU A 89 12.71 -5.03 -6.10
N PHE A 90 12.12 -3.84 -6.10
CA PHE A 90 11.90 -3.09 -7.32
C PHE A 90 13.19 -2.91 -8.11
N MET A 91 14.29 -2.70 -7.38
CA MET A 91 15.59 -2.52 -8.02
C MET A 91 16.46 -3.76 -7.83
N THR A 92 16.32 -4.71 -8.75
CA THR A 92 17.09 -5.95 -8.70
C THR A 92 18.57 -5.68 -8.97
N THR B 1 8.40 -13.98 -13.67
CA THR B 1 7.01 -13.59 -13.90
C THR B 1 6.72 -12.22 -13.29
N PRO B 2 5.72 -11.51 -13.81
CA PRO B 2 5.35 -10.18 -13.31
C PRO B 2 4.69 -10.24 -11.94
N LEU B 3 4.15 -9.11 -11.49
CA LEU B 3 3.48 -9.04 -10.19
C LEU B 3 2.10 -8.40 -10.33
N GLU B 4 1.17 -8.85 -9.48
CA GLU B 4 -0.19 -8.32 -9.50
C GLU B 4 -0.20 -6.84 -9.16
N ILE B 5 -1.23 -6.13 -9.62
CA ILE B 5 -1.36 -4.71 -9.37
C ILE B 5 -2.82 -4.31 -9.19
N THR B 6 -3.13 -3.62 -8.10
CA THR B 6 -4.48 -3.19 -7.82
C THR B 6 -4.52 -1.70 -7.49
N GLU B 7 -5.32 -0.95 -8.24
CA GLU B 7 -5.45 0.49 -8.02
C GLU B 7 -6.52 0.80 -7.00
N LEU B 8 -6.14 1.49 -5.93
CA LEU B 8 -7.08 1.84 -4.88
C LEU B 8 -7.44 3.33 -4.96
N LYS A 1 12.77 4.96 10.09
CA LYS A 1 12.39 3.56 10.47
C LYS A 1 10.88 3.44 10.66
N GLU A 2 10.24 2.71 9.75
CA GLU A 2 8.79 2.50 9.81
C GLU A 2 8.06 3.83 9.72
N LYS A 3 7.40 4.07 8.58
CA LYS A 3 6.65 5.31 8.37
C LYS A 3 5.17 5.10 8.65
N LYS A 4 4.52 6.15 9.14
CA LYS A 4 3.09 6.08 9.46
C LYS A 4 2.27 6.80 8.39
N VAL A 5 1.08 6.27 8.12
CA VAL A 5 0.20 6.85 7.11
C VAL A 5 -1.27 6.64 7.49
N PHE A 6 -2.11 7.61 7.13
CA PHE A 6 -3.53 7.53 7.43
C PHE A 6 -4.37 7.97 6.23
N ILE A 7 -5.21 7.08 5.74
CA ILE A 7 -6.07 7.38 4.60
C ILE A 7 -7.51 7.61 5.04
N SER A 8 -8.01 8.81 4.79
CA SER A 8 -9.37 9.17 5.16
C SER A 8 -10.15 9.68 3.95
N LEU A 9 -11.31 9.08 3.69
CA LEU A 9 -12.13 9.47 2.56
C LEU A 9 -12.88 10.77 2.86
N VAL A 10 -13.07 11.58 1.82
CA VAL A 10 -13.77 12.86 1.97
C VAL A 10 -14.81 13.04 0.87
N GLY A 11 -15.38 11.94 0.41
CA GLY A 11 -16.38 12.01 -0.63
C GLY A 11 -16.32 10.82 -1.58
N SER A 12 -15.96 11.07 -2.83
CA SER A 12 -15.87 10.02 -3.83
C SER A 12 -14.42 9.80 -4.25
N ARG A 13 -13.50 10.02 -3.31
CA ARG A 13 -12.07 9.85 -3.58
C ARG A 13 -11.50 8.68 -2.78
N GLY A 14 -11.21 7.59 -3.46
CA GLY A 14 -10.66 6.42 -2.79
C GLY A 14 -9.38 6.73 -2.05
N LEU A 15 -8.26 6.71 -2.76
CA LEU A 15 -6.96 6.98 -2.18
C LEU A 15 -6.03 7.64 -3.19
N GLY A 16 -5.87 6.99 -4.34
CA GLY A 16 -5.01 7.53 -5.39
C GLY A 16 -3.72 6.76 -5.53
N CYS A 17 -3.68 5.55 -4.97
CA CYS A 17 -2.49 4.71 -5.05
C CYS A 17 -2.87 3.25 -5.27
N SER A 18 -1.93 2.49 -5.83
CA SER A 18 -2.15 1.08 -6.09
C SER A 18 -1.21 0.22 -5.24
N ILE A 19 -1.41 -1.10 -5.30
CA ILE A 19 -0.58 -2.02 -4.53
C ILE A 19 -0.22 -3.25 -5.35
N SER A 20 1.01 -3.71 -5.18
CA SER A 20 1.49 -4.89 -5.91
C SER A 20 2.16 -5.88 -4.97
N SER A 21 2.28 -7.12 -5.41
CA SER A 21 2.91 -8.16 -4.60
C SER A 21 4.31 -8.47 -5.11
N GLY A 22 5.21 -8.79 -4.18
CA GLY A 22 6.58 -9.10 -4.54
C GLY A 22 6.79 -10.57 -4.85
N PRO A 23 8.01 -10.97 -5.23
CA PRO A 23 8.33 -12.36 -5.55
C PRO A 23 8.36 -13.24 -4.31
N ILE A 24 8.88 -14.46 -4.46
CA ILE A 24 8.97 -15.40 -3.35
C ILE A 24 10.04 -14.98 -2.35
N GLN A 25 11.04 -14.24 -2.83
CA GLN A 25 12.13 -13.77 -1.97
C GLN A 25 11.63 -12.71 -1.00
N LYS A 26 10.62 -11.95 -1.41
CA LYS A 26 10.06 -10.90 -0.56
C LYS A 26 8.58 -10.70 -0.86
N PRO A 27 7.74 -11.69 -0.51
CA PRO A 27 6.30 -11.62 -0.73
C PRO A 27 5.60 -10.71 0.28
N GLY A 28 4.63 -9.93 -0.20
CA GLY A 28 3.91 -9.03 0.67
C GLY A 28 3.17 -7.94 -0.10
N ILE A 29 2.49 -7.06 0.62
CA ILE A 29 1.75 -5.98 0.00
C ILE A 29 2.63 -4.75 -0.20
N PHE A 30 2.87 -4.39 -1.45
CA PHE A 30 3.71 -3.24 -1.77
C PHE A 30 2.88 -2.11 -2.39
N ILE A 31 3.53 -0.99 -2.65
CA ILE A 31 2.87 0.17 -3.22
C ILE A 31 3.25 0.37 -4.69
N SER A 32 2.24 0.68 -5.51
CA SER A 32 2.43 0.92 -6.92
C SER A 32 2.31 2.41 -7.23
N HIS A 33 2.25 2.75 -8.52
CA HIS A 33 2.12 4.14 -8.96
C HIS A 33 1.09 4.89 -8.13
N VAL A 34 1.40 6.14 -7.81
CA VAL A 34 0.50 6.98 -7.01
C VAL A 34 0.03 8.19 -7.81
N LYS A 35 -1.10 8.75 -7.38
CA LYS A 35 -1.66 9.93 -8.06
C LYS A 35 -1.31 11.21 -7.29
N PRO A 36 -0.78 12.23 -7.98
CA PRO A 36 -0.41 13.51 -7.35
C PRO A 36 -1.58 14.14 -6.59
N GLY A 37 -2.72 14.25 -7.25
CA GLY A 37 -3.89 14.84 -6.61
C GLY A 37 -4.79 13.80 -5.99
N SER A 38 -4.39 13.27 -4.84
CA SER A 38 -5.17 12.25 -4.14
C SER A 38 -4.75 12.16 -2.67
N LEU A 39 -5.39 11.26 -1.94
CA LEU A 39 -5.08 11.06 -0.53
C LEU A 39 -3.71 10.44 -0.36
N SER A 40 -3.39 9.46 -1.20
CA SER A 40 -2.09 8.78 -1.13
C SER A 40 -0.96 9.79 -1.17
N ALA A 41 -1.08 10.77 -2.06
CA ALA A 41 -0.07 11.82 -2.19
C ALA A 41 -0.07 12.73 -0.97
N GLU A 42 -1.26 12.98 -0.44
CA GLU A 42 -1.42 13.83 0.72
C GLU A 42 -0.64 13.27 1.92
N VAL A 43 -0.63 11.95 2.03
CA VAL A 43 0.07 11.28 3.12
C VAL A 43 1.55 11.09 2.79
N GLY A 44 1.85 11.00 1.50
CA GLY A 44 3.23 10.82 1.07
C GLY A 44 3.48 9.42 0.53
N LEU A 45 2.52 8.88 -0.22
CA LEU A 45 2.64 7.55 -0.78
C LEU A 45 3.30 7.60 -2.15
N GLU A 46 4.26 6.71 -2.37
CA GLU A 46 4.97 6.65 -3.65
C GLU A 46 5.41 5.22 -3.94
N ILE A 47 5.76 4.95 -5.19
CA ILE A 47 6.20 3.62 -5.59
C ILE A 47 7.43 3.20 -4.80
N GLY A 48 7.55 1.89 -4.56
CA GLY A 48 8.68 1.39 -3.80
C GLY A 48 8.34 1.15 -2.34
N ASP A 49 7.30 1.82 -1.85
CA ASP A 49 6.87 1.67 -0.47
C ASP A 49 6.26 0.29 -0.25
N GLN A 50 6.17 -0.12 1.02
CA GLN A 50 5.61 -1.42 1.36
C GLN A 50 4.78 -1.34 2.63
N ILE A 51 3.47 -1.56 2.49
CA ILE A 51 2.57 -1.51 3.64
C ILE A 51 2.82 -2.68 4.58
N VAL A 52 3.24 -2.36 5.80
CA VAL A 52 3.54 -3.39 6.79
C VAL A 52 2.42 -3.52 7.84
N GLU A 53 1.34 -2.76 7.65
CA GLU A 53 0.22 -2.81 8.58
C GLU A 53 -0.94 -1.93 8.11
N VAL A 54 -2.15 -2.31 8.50
CA VAL A 54 -3.34 -1.55 8.13
C VAL A 54 -4.44 -1.71 9.18
N ASN A 55 -4.65 -0.66 9.97
CA ASN A 55 -5.67 -0.68 11.02
C ASN A 55 -5.43 -1.83 11.99
N GLY A 56 -4.16 -2.21 12.16
CA GLY A 56 -3.84 -3.29 13.06
C GLY A 56 -3.59 -4.60 12.34
N VAL A 57 -4.24 -4.76 11.19
CA VAL A 57 -4.10 -5.97 10.39
C VAL A 57 -2.64 -6.20 9.98
N ASP A 58 -2.09 -7.35 10.36
CA ASP A 58 -0.71 -7.68 10.03
C ASP A 58 -0.55 -7.91 8.54
N PHE A 59 0.17 -7.01 7.87
CA PHE A 59 0.40 -7.11 6.44
C PHE A 59 1.68 -7.91 6.14
N SER A 60 2.38 -8.33 7.19
CA SER A 60 3.61 -9.10 7.02
C SER A 60 3.35 -10.39 6.27
N ASN A 61 2.25 -11.06 6.59
CA ASN A 61 1.89 -12.30 5.95
C ASN A 61 0.47 -12.24 5.40
N LEU A 62 0.05 -11.05 4.99
CA LEU A 62 -1.28 -10.85 4.44
C LEU A 62 -1.29 -11.09 2.93
N ASP A 63 -2.41 -11.59 2.43
CA ASP A 63 -2.55 -11.86 1.00
C ASP A 63 -2.91 -10.59 0.23
N HIS A 64 -2.69 -10.60 -1.07
CA HIS A 64 -2.99 -9.46 -1.92
C HIS A 64 -4.46 -9.08 -1.83
N LYS A 65 -5.33 -10.07 -2.01
CA LYS A 65 -6.77 -9.84 -1.95
C LYS A 65 -7.18 -9.30 -0.59
N GLU A 66 -6.57 -9.83 0.47
CA GLU A 66 -6.86 -9.38 1.82
C GLU A 66 -6.53 -7.91 2.00
N ALA A 67 -5.39 -7.50 1.47
CA ALA A 67 -4.94 -6.11 1.58
C ALA A 67 -5.94 -5.18 0.91
N VAL A 68 -6.41 -5.55 -0.27
CA VAL A 68 -7.37 -4.75 -1.01
C VAL A 68 -8.73 -4.77 -0.33
N ASN A 69 -9.17 -5.95 0.10
CA ASN A 69 -10.45 -6.10 0.76
C ASN A 69 -10.57 -5.16 1.96
N VAL A 70 -9.60 -5.21 2.85
CA VAL A 70 -9.61 -4.37 4.05
C VAL A 70 -9.57 -2.89 3.66
N LEU A 71 -8.68 -2.55 2.73
CA LEU A 71 -8.54 -1.18 2.28
C LEU A 71 -9.82 -0.71 1.58
N LYS A 72 -10.51 -1.64 0.93
CA LYS A 72 -11.75 -1.33 0.22
C LYS A 72 -12.94 -1.31 1.19
N SER A 73 -12.86 -2.14 2.22
CA SER A 73 -13.92 -2.23 3.21
C SER A 73 -14.04 -0.93 4.01
N SER A 74 -13.01 -0.64 4.81
CA SER A 74 -13.01 0.56 5.63
C SER A 74 -12.57 1.78 4.81
N ARG A 75 -13.31 2.87 4.94
CA ARG A 75 -12.98 4.09 4.23
C ARG A 75 -11.80 4.80 4.87
N SER A 76 -11.93 5.12 6.15
CA SER A 76 -10.87 5.80 6.89
C SER A 76 -10.07 4.80 7.71
N LEU A 77 -8.93 4.36 7.18
CA LEU A 77 -8.09 3.40 7.88
C LEU A 77 -6.63 3.85 7.89
N THR A 78 -5.96 3.62 9.02
CA THR A 78 -4.56 4.01 9.16
C THR A 78 -3.66 2.83 8.81
N ILE A 79 -2.64 3.09 7.99
CA ILE A 79 -1.72 2.04 7.58
C ILE A 79 -0.27 2.40 7.89
N SER A 80 0.49 1.42 8.35
CA SER A 80 1.90 1.62 8.67
C SER A 80 2.79 1.11 7.55
N ILE A 81 3.41 2.02 6.82
CA ILE A 81 4.28 1.66 5.72
C ILE A 81 5.73 2.02 6.02
N VAL A 82 6.66 1.22 5.51
CA VAL A 82 8.08 1.45 5.72
C VAL A 82 8.77 1.79 4.40
N ALA A 83 9.43 2.94 4.37
CA ALA A 83 10.13 3.38 3.17
C ALA A 83 11.27 2.44 2.80
N ALA A 84 11.36 2.11 1.52
CA ALA A 84 12.41 1.23 0.99
C ALA A 84 12.07 -0.25 1.16
N ALA A 85 11.11 -0.57 2.03
CA ALA A 85 10.71 -1.95 2.24
C ALA A 85 10.27 -2.62 0.94
N GLY A 86 9.92 -1.79 -0.05
CA GLY A 86 9.48 -2.30 -1.34
C GLY A 86 10.46 -1.98 -2.45
N ARG A 87 11.17 -0.86 -2.31
CA ARG A 87 12.12 -0.42 -3.32
C ARG A 87 13.17 -1.49 -3.60
N GLU A 88 13.56 -2.24 -2.57
CA GLU A 88 14.56 -3.29 -2.73
C GLU A 88 14.23 -4.18 -3.93
N LEU A 89 12.98 -4.65 -3.99
CA LEU A 89 12.53 -5.50 -5.08
C LEU A 89 12.39 -4.69 -6.38
N PHE A 90 11.75 -3.53 -6.28
CA PHE A 90 11.54 -2.67 -7.44
C PHE A 90 12.84 -2.44 -8.20
N MET A 91 13.96 -2.52 -7.49
CA MET A 91 15.27 -2.32 -8.11
C MET A 91 15.49 -3.31 -9.25
N THR A 92 16.20 -2.86 -10.29
CA THR A 92 16.48 -3.72 -11.44
C THR A 92 17.98 -3.98 -11.57
N THR B 1 7.18 -15.75 -11.69
CA THR B 1 5.78 -15.57 -12.07
C THR B 1 5.40 -14.09 -12.07
N PRO B 2 4.39 -13.72 -12.88
CA PRO B 2 3.92 -12.33 -12.97
C PRO B 2 3.22 -11.86 -11.70
N LEU B 3 3.40 -10.59 -11.35
CA LEU B 3 2.78 -10.03 -10.17
C LEU B 3 1.48 -9.31 -10.52
N GLU B 4 0.61 -9.13 -9.54
CA GLU B 4 -0.66 -8.46 -9.75
C GLU B 4 -0.62 -7.02 -9.21
N ILE B 5 -1.58 -6.21 -9.63
CA ILE B 5 -1.65 -4.82 -9.19
C ILE B 5 -3.10 -4.37 -9.04
N THR B 6 -3.43 -3.86 -7.85
CA THR B 6 -4.77 -3.40 -7.57
C THR B 6 -4.79 -1.89 -7.36
N GLU B 7 -5.92 -1.25 -7.67
CA GLU B 7 -6.08 0.18 -7.51
C GLU B 7 -6.90 0.51 -6.28
N LEU B 8 -6.44 1.49 -5.51
CA LEU B 8 -7.14 1.90 -4.29
C LEU B 8 -7.54 3.37 -4.37
N LYS A 1 13.13 2.57 9.93
CA LYS A 1 12.17 3.57 10.47
C LYS A 1 10.81 3.46 9.78
N GLU A 2 9.94 2.63 10.33
CA GLU A 2 8.60 2.43 9.76
C GLU A 2 7.84 3.75 9.72
N LYS A 3 7.25 4.04 8.55
CA LYS A 3 6.49 5.27 8.38
C LYS A 3 4.99 5.03 8.63
N LYS A 4 4.38 5.93 9.39
CA LYS A 4 2.96 5.81 9.69
C LYS A 4 2.12 6.67 8.75
N VAL A 5 0.95 6.17 8.38
CA VAL A 5 0.06 6.89 7.48
C VAL A 5 -1.40 6.58 7.77
N PHE A 6 -2.28 7.52 7.44
CA PHE A 6 -3.71 7.36 7.67
C PHE A 6 -4.50 7.76 6.42
N ILE A 7 -5.28 6.81 5.90
CA ILE A 7 -6.09 7.07 4.72
C ILE A 7 -7.58 7.06 5.03
N SER A 8 -8.30 8.03 4.49
CA SER A 8 -9.74 8.13 4.70
C SER A 8 -10.45 8.56 3.42
N LEU A 9 -11.78 8.57 3.46
CA LEU A 9 -12.58 8.96 2.30
C LEU A 9 -12.61 10.47 2.16
N VAL A 10 -13.07 11.16 3.20
CA VAL A 10 -13.15 12.62 3.19
C VAL A 10 -13.72 13.14 1.87
N GLY A 11 -14.72 12.45 1.34
CA GLY A 11 -15.33 12.86 0.09
C GLY A 11 -15.73 11.68 -0.77
N SER A 12 -15.09 11.56 -1.93
CA SER A 12 -15.37 10.47 -2.86
C SER A 12 -14.12 9.65 -3.15
N ARG A 13 -13.00 10.33 -3.32
CA ARG A 13 -11.74 9.67 -3.61
C ARG A 13 -11.39 8.67 -2.51
N GLY A 14 -10.88 7.51 -2.92
CA GLY A 14 -10.51 6.49 -1.96
C GLY A 14 -9.14 6.71 -1.37
N LEU A 15 -8.12 6.69 -2.22
CA LEU A 15 -6.74 6.89 -1.77
C LEU A 15 -5.94 7.61 -2.85
N GLY A 16 -5.88 7.03 -4.04
CA GLY A 16 -5.13 7.63 -5.12
C GLY A 16 -3.82 6.90 -5.40
N CYS A 17 -3.76 5.63 -5.02
CA CYS A 17 -2.56 4.83 -5.21
C CYS A 17 -2.92 3.37 -5.42
N SER A 18 -2.00 2.62 -6.03
CA SER A 18 -2.22 1.20 -6.28
C SER A 18 -1.23 0.37 -5.47
N ILE A 19 -1.39 -0.95 -5.50
CA ILE A 19 -0.51 -1.84 -4.76
C ILE A 19 -0.12 -3.06 -5.59
N SER A 20 1.07 -3.56 -5.33
CA SER A 20 1.58 -4.73 -6.05
C SER A 20 2.07 -5.79 -5.06
N SER A 21 2.22 -7.02 -5.56
CA SER A 21 2.68 -8.12 -4.73
C SER A 21 4.12 -8.46 -5.04
N GLY A 22 4.91 -8.74 -4.00
CA GLY A 22 6.31 -9.06 -4.19
C GLY A 22 6.55 -10.55 -4.42
N PRO A 23 7.83 -10.93 -4.62
CA PRO A 23 8.20 -12.34 -4.85
C PRO A 23 8.03 -13.20 -3.61
N ILE A 24 8.70 -14.34 -3.58
CA ILE A 24 8.63 -15.26 -2.45
C ILE A 24 9.63 -14.89 -1.38
N GLN A 25 10.73 -14.28 -1.79
CA GLN A 25 11.79 -13.88 -0.85
C GLN A 25 11.27 -12.82 0.11
N LYS A 26 10.35 -11.97 -0.36
CA LYS A 26 9.79 -10.92 0.46
C LYS A 26 8.31 -10.72 0.15
N PRO A 27 7.45 -11.63 0.65
CA PRO A 27 6.00 -11.55 0.42
C PRO A 27 5.34 -10.45 1.24
N GLY A 28 4.60 -9.58 0.56
CA GLY A 28 3.93 -8.49 1.25
C GLY A 28 3.25 -7.55 0.28
N ILE A 29 2.50 -6.58 0.83
CA ILE A 29 1.79 -5.61 0.01
C ILE A 29 2.68 -4.41 -0.31
N PHE A 30 2.98 -4.22 -1.58
CA PHE A 30 3.82 -3.11 -2.02
C PHE A 30 2.98 -1.97 -2.57
N ILE A 31 3.63 -0.85 -2.86
CA ILE A 31 2.96 0.32 -3.39
C ILE A 31 3.29 0.53 -4.87
N SER A 32 2.27 0.80 -5.67
CA SER A 32 2.44 1.03 -7.10
C SER A 32 2.29 2.51 -7.43
N HIS A 33 2.21 2.81 -8.72
CA HIS A 33 2.06 4.19 -9.19
C HIS A 33 0.99 4.93 -8.39
N VAL A 34 1.26 6.20 -8.10
CA VAL A 34 0.33 7.02 -7.34
C VAL A 34 -0.29 8.11 -8.22
N LYS A 35 -1.46 8.60 -7.80
CA LYS A 35 -2.15 9.64 -8.56
C LYS A 35 -2.09 10.98 -7.82
N PRO A 36 -1.37 11.98 -8.38
CA PRO A 36 -1.24 13.30 -7.77
C PRO A 36 -2.60 13.91 -7.42
N GLY A 37 -2.60 14.81 -6.45
CA GLY A 37 -3.83 15.45 -6.04
C GLY A 37 -4.80 14.49 -5.39
N SER A 38 -4.26 13.46 -4.74
CA SER A 38 -5.07 12.45 -4.06
C SER A 38 -4.68 12.32 -2.60
N LEU A 39 -5.22 11.32 -1.93
CA LEU A 39 -4.92 11.08 -0.52
C LEU A 39 -3.55 10.45 -0.36
N SER A 40 -3.25 9.45 -1.19
CA SER A 40 -1.95 8.77 -1.13
C SER A 40 -0.82 9.78 -1.22
N ALA A 41 -1.02 10.82 -2.04
CA ALA A 41 -0.02 11.86 -2.22
C ALA A 41 -0.02 12.80 -1.03
N GLU A 42 -1.21 13.08 -0.50
CA GLU A 42 -1.36 13.96 0.65
C GLU A 42 -0.58 13.42 1.85
N VAL A 43 -0.48 12.09 1.93
CA VAL A 43 0.23 11.46 3.03
C VAL A 43 1.73 11.34 2.71
N GLY A 44 2.04 11.20 1.43
CA GLY A 44 3.42 11.07 1.01
C GLY A 44 3.77 9.66 0.58
N LEU A 45 3.06 9.17 -0.42
CA LEU A 45 3.29 7.82 -0.94
C LEU A 45 3.98 7.85 -2.30
N GLU A 46 4.48 6.70 -2.73
CA GLU A 46 5.15 6.58 -4.02
C GLU A 46 5.60 5.14 -4.26
N ILE A 47 5.90 4.82 -5.52
CA ILE A 47 6.33 3.48 -5.87
C ILE A 47 7.56 3.07 -5.05
N GLY A 48 7.63 1.80 -4.67
CA GLY A 48 8.74 1.31 -3.89
C GLY A 48 8.38 1.08 -2.44
N ASP A 49 7.34 1.77 -1.98
CA ASP A 49 6.88 1.63 -0.61
C ASP A 49 6.21 0.28 -0.39
N GLN A 50 6.06 -0.12 0.87
CA GLN A 50 5.44 -1.39 1.20
C GLN A 50 4.69 -1.30 2.53
N ILE A 51 3.37 -1.47 2.47
CA ILE A 51 2.54 -1.41 3.67
C ILE A 51 2.79 -2.63 4.56
N VAL A 52 3.29 -2.38 5.75
CA VAL A 52 3.58 -3.47 6.70
C VAL A 52 2.46 -3.66 7.71
N GLU A 53 1.45 -2.79 7.67
CA GLU A 53 0.33 -2.89 8.59
C GLU A 53 -0.84 -2.02 8.14
N VAL A 54 -2.05 -2.44 8.48
CA VAL A 54 -3.26 -1.70 8.11
C VAL A 54 -4.35 -1.89 9.16
N ASN A 55 -4.49 -0.91 10.05
CA ASN A 55 -5.50 -0.97 11.10
C ASN A 55 -5.24 -2.14 12.03
N GLY A 56 -3.97 -2.44 12.27
CA GLY A 56 -3.62 -3.55 13.14
C GLY A 56 -3.32 -4.83 12.37
N VAL A 57 -3.94 -4.97 11.21
CA VAL A 57 -3.74 -6.15 10.38
C VAL A 57 -2.31 -6.22 9.86
N ASP A 58 -1.63 -7.33 10.12
CA ASP A 58 -0.26 -7.52 9.67
C ASP A 58 -0.20 -7.72 8.16
N PHE A 59 0.32 -6.73 7.45
CA PHE A 59 0.42 -6.80 6.00
C PHE A 59 1.73 -7.48 5.57
N SER A 60 2.63 -7.69 6.52
CA SER A 60 3.91 -8.33 6.23
C SER A 60 3.71 -9.69 5.57
N ASN A 61 2.61 -10.37 5.93
CA ASN A 61 2.30 -11.68 5.37
C ASN A 61 0.84 -11.74 4.94
N LEU A 62 0.32 -10.61 4.49
CA LEU A 62 -1.08 -10.54 4.04
C LEU A 62 -1.17 -10.80 2.54
N ASP A 63 -2.27 -11.40 2.11
CA ASP A 63 -2.48 -11.70 0.70
C ASP A 63 -2.78 -10.42 -0.08
N HIS A 64 -2.63 -10.49 -1.40
CA HIS A 64 -2.89 -9.35 -2.27
C HIS A 64 -4.36 -8.93 -2.19
N LYS A 65 -5.25 -9.86 -2.51
CA LYS A 65 -6.68 -9.59 -2.47
C LYS A 65 -7.11 -9.12 -1.09
N GLU A 66 -6.48 -9.68 -0.06
CA GLU A 66 -6.80 -9.31 1.32
C GLU A 66 -6.45 -7.85 1.57
N ALA A 67 -5.33 -7.40 1.01
CA ALA A 67 -4.90 -6.02 1.17
C ALA A 67 -5.90 -5.06 0.55
N VAL A 68 -6.33 -5.38 -0.68
CA VAL A 68 -7.30 -4.54 -1.38
C VAL A 68 -8.66 -4.60 -0.70
N ASN A 69 -9.00 -5.76 -0.17
CA ASN A 69 -10.29 -5.95 0.50
C ASN A 69 -10.41 -5.06 1.73
N VAL A 70 -9.48 -5.21 2.67
CA VAL A 70 -9.50 -4.41 3.90
C VAL A 70 -9.46 -2.92 3.57
N LEU A 71 -8.63 -2.56 2.60
CA LEU A 71 -8.50 -1.16 2.19
C LEU A 71 -9.80 -0.65 1.56
N LYS A 72 -10.51 -1.56 0.90
CA LYS A 72 -11.78 -1.22 0.25
C LYS A 72 -12.94 -1.23 1.24
N SER A 73 -12.83 -2.10 2.25
CA SER A 73 -13.87 -2.22 3.26
C SER A 73 -13.84 -1.05 4.24
N SER A 74 -12.79 -1.00 5.05
CA SER A 74 -12.64 0.06 6.04
C SER A 74 -12.42 1.41 5.36
N ARG A 75 -13.35 2.35 5.59
CA ARG A 75 -13.25 3.68 5.01
C ARG A 75 -12.03 4.41 5.55
N SER A 76 -11.96 4.55 6.86
CA SER A 76 -10.84 5.22 7.52
C SER A 76 -9.98 4.20 8.25
N LEU A 77 -8.81 3.91 7.68
CA LEU A 77 -7.89 2.94 8.28
C LEU A 77 -6.47 3.48 8.35
N THR A 78 -5.76 3.13 9.42
CA THR A 78 -4.39 3.56 9.61
C THR A 78 -3.42 2.52 9.05
N ILE A 79 -2.66 2.91 8.04
CA ILE A 79 -1.71 2.01 7.41
C ILE A 79 -0.27 2.40 7.73
N SER A 80 0.50 1.43 8.22
CA SER A 80 1.90 1.67 8.57
C SER A 80 2.81 1.15 7.47
N ILE A 81 3.33 2.08 6.67
CA ILE A 81 4.23 1.72 5.57
C ILE A 81 5.67 2.05 5.91
N VAL A 82 6.59 1.22 5.42
CA VAL A 82 8.02 1.44 5.67
C VAL A 82 8.76 1.73 4.37
N ALA A 83 9.32 2.93 4.28
CA ALA A 83 10.06 3.35 3.10
C ALA A 83 11.20 2.39 2.76
N ALA A 84 11.32 2.06 1.47
CA ALA A 84 12.37 1.17 0.98
C ALA A 84 12.01 -0.31 1.16
N ALA A 85 11.03 -0.60 2.01
CA ALA A 85 10.62 -1.98 2.25
C ALA A 85 10.19 -2.66 0.94
N GLY A 86 9.88 -1.85 -0.06
CA GLY A 86 9.45 -2.38 -1.35
C GLY A 86 10.47 -2.10 -2.44
N ARG A 87 11.20 -1.00 -2.32
CA ARG A 87 12.18 -0.61 -3.33
C ARG A 87 13.18 -1.72 -3.57
N GLU A 88 13.52 -2.46 -2.53
CA GLU A 88 14.47 -3.56 -2.65
C GLU A 88 13.99 -4.55 -3.72
N LEU A 89 12.69 -4.84 -3.68
CA LEU A 89 12.09 -5.76 -4.65
C LEU A 89 12.01 -5.11 -6.03
N PHE A 90 11.47 -3.90 -6.08
CA PHE A 90 11.32 -3.16 -7.34
C PHE A 90 12.64 -3.15 -8.13
N MET A 91 13.75 -3.14 -7.41
CA MET A 91 15.06 -3.13 -8.05
C MET A 91 15.43 -4.52 -8.58
N THR A 92 15.37 -5.51 -7.69
CA THR A 92 15.70 -6.88 -8.07
C THR A 92 17.14 -6.98 -8.54
N THR B 1 7.37 -15.22 -13.08
CA THR B 1 5.99 -14.82 -13.32
C THR B 1 5.74 -13.39 -12.83
N PRO B 2 4.84 -12.66 -13.49
CA PRO B 2 4.51 -11.28 -13.12
C PRO B 2 3.76 -11.19 -11.80
N LEU B 3 3.35 -9.98 -11.43
CA LEU B 3 2.63 -9.77 -10.19
C LEU B 3 1.30 -9.05 -10.45
N GLU B 4 0.37 -9.17 -9.52
CA GLU B 4 -0.93 -8.54 -9.65
C GLU B 4 -0.91 -7.12 -9.07
N ILE B 5 -1.73 -6.24 -9.64
CA ILE B 5 -1.80 -4.86 -9.18
C ILE B 5 -3.25 -4.40 -9.06
N THR B 6 -3.53 -3.58 -8.05
CA THR B 6 -4.88 -3.07 -7.83
C THR B 6 -4.85 -1.57 -7.56
N GLU B 7 -5.78 -0.85 -8.18
CA GLU B 7 -5.86 0.60 -8.01
C GLU B 7 -6.75 0.95 -6.83
N LEU B 8 -6.14 1.51 -5.78
CA LEU B 8 -6.87 1.91 -4.59
C LEU B 8 -7.08 3.42 -4.54
N LYS A 1 12.13 5.67 12.60
CA LYS A 1 11.93 4.31 12.05
C LYS A 1 10.49 4.13 11.56
N GLU A 2 10.35 3.52 10.39
CA GLU A 2 9.03 3.28 9.80
C GLU A 2 8.31 4.60 9.54
N LYS A 3 7.40 4.59 8.57
CA LYS A 3 6.64 5.77 8.22
C LYS A 3 5.15 5.56 8.50
N LYS A 4 4.54 6.52 9.19
CA LYS A 4 3.12 6.45 9.52
C LYS A 4 2.27 7.12 8.46
N VAL A 5 1.19 6.46 8.07
CA VAL A 5 0.28 6.99 7.06
C VAL A 5 -1.18 6.77 7.45
N PHE A 6 -2.02 7.75 7.15
CA PHE A 6 -3.44 7.68 7.48
C PHE A 6 -4.29 7.90 6.24
N ILE A 7 -5.25 7.01 6.02
CA ILE A 7 -6.13 7.12 4.87
C ILE A 7 -7.60 7.17 5.32
N SER A 8 -8.19 8.35 5.23
CA SER A 8 -9.58 8.54 5.63
C SER A 8 -10.49 8.70 4.41
N LEU A 9 -9.91 9.10 3.28
CA LEU A 9 -10.68 9.28 2.06
C LEU A 9 -11.64 10.46 2.18
N VAL A 10 -12.09 10.97 1.04
CA VAL A 10 -13.01 12.11 1.03
C VAL A 10 -14.44 11.64 0.81
N GLY A 11 -14.71 11.08 -0.37
CA GLY A 11 -16.05 10.61 -0.67
C GLY A 11 -16.06 9.16 -1.09
N SER A 12 -15.66 8.90 -2.34
CA SER A 12 -15.63 7.54 -2.86
C SER A 12 -14.66 7.43 -4.04
N ARG A 13 -13.61 8.24 -4.01
CA ARG A 13 -12.62 8.23 -5.06
C ARG A 13 -11.52 7.20 -4.79
N GLY A 14 -11.28 6.95 -3.51
CA GLY A 14 -10.27 5.99 -3.13
C GLY A 14 -8.98 6.64 -2.66
N LEU A 15 -8.03 5.83 -2.20
CA LEU A 15 -6.75 6.34 -1.72
C LEU A 15 -6.03 7.11 -2.83
N GLY A 16 -6.10 6.57 -4.05
CA GLY A 16 -5.45 7.22 -5.17
C GLY A 16 -4.08 6.63 -5.47
N CYS A 17 -3.94 5.33 -5.23
CA CYS A 17 -2.67 4.65 -5.48
C CYS A 17 -2.89 3.19 -5.82
N SER A 18 -1.84 2.52 -6.28
CA SER A 18 -1.93 1.11 -6.63
C SER A 18 -1.05 0.28 -5.70
N ILE A 19 -1.17 -1.04 -5.82
CA ILE A 19 -0.38 -1.94 -4.98
C ILE A 19 0.07 -3.17 -5.77
N SER A 20 1.30 -3.60 -5.53
CA SER A 20 1.85 -4.77 -6.21
C SER A 20 2.31 -5.82 -5.21
N SER A 21 2.47 -7.04 -5.70
CA SER A 21 2.89 -8.15 -4.84
C SER A 21 4.35 -8.50 -5.11
N GLY A 22 5.09 -8.77 -4.03
CA GLY A 22 6.49 -9.11 -4.17
C GLY A 22 6.71 -10.61 -4.36
N PRO A 23 7.95 -11.03 -4.69
CA PRO A 23 8.27 -12.44 -4.90
C PRO A 23 8.17 -13.25 -3.61
N ILE A 24 8.61 -14.50 -3.67
CA ILE A 24 8.57 -15.38 -2.51
C ILE A 24 9.59 -14.95 -1.46
N GLN A 25 10.63 -14.27 -1.91
CA GLN A 25 11.68 -13.81 -1.00
C GLN A 25 11.18 -12.69 -0.10
N LYS A 26 10.19 -11.94 -0.58
CA LYS A 26 9.63 -10.84 0.19
C LYS A 26 8.14 -10.65 -0.11
N PRO A 27 7.31 -11.65 0.21
CA PRO A 27 5.86 -11.60 -0.02
C PRO A 27 5.18 -10.53 0.84
N GLY A 28 4.43 -9.64 0.19
CA GLY A 28 3.75 -8.59 0.92
C GLY A 28 3.07 -7.59 0.00
N ILE A 29 2.36 -6.63 0.58
CA ILE A 29 1.66 -5.62 -0.19
C ILE A 29 2.56 -4.40 -0.45
N PHE A 30 2.87 -4.17 -1.72
CA PHE A 30 3.73 -3.05 -2.10
C PHE A 30 2.91 -1.91 -2.69
N ILE A 31 3.56 -0.78 -2.91
CA ILE A 31 2.89 0.40 -3.46
C ILE A 31 3.31 0.65 -4.91
N SER A 32 2.32 0.92 -5.76
CA SER A 32 2.57 1.18 -7.17
C SER A 32 2.40 2.67 -7.47
N HIS A 33 2.39 3.02 -8.75
CA HIS A 33 2.23 4.41 -9.16
C HIS A 33 1.09 5.09 -8.42
N VAL A 34 1.24 6.37 -8.12
CA VAL A 34 0.21 7.12 -7.42
C VAL A 34 -0.43 8.16 -8.33
N LYS A 35 -1.64 8.57 -7.98
CA LYS A 35 -2.37 9.55 -8.78
C LYS A 35 -2.57 10.86 -8.00
N PRO A 36 -2.31 12.02 -8.63
CA PRO A 36 -2.47 13.33 -7.97
C PRO A 36 -3.87 13.52 -7.41
N GLY A 37 -4.01 14.47 -6.50
CA GLY A 37 -5.30 14.75 -5.90
C GLY A 37 -5.94 13.51 -5.29
N SER A 38 -5.37 13.03 -4.19
CA SER A 38 -5.89 11.85 -3.52
C SER A 38 -5.37 11.77 -2.09
N LEU A 39 -5.56 10.61 -1.45
CA LEU A 39 -5.11 10.41 -0.08
C LEU A 39 -3.64 9.99 -0.05
N SER A 40 -3.28 9.07 -0.94
CA SER A 40 -1.90 8.59 -1.03
C SER A 40 -0.94 9.74 -1.24
N ALA A 41 -1.34 10.70 -2.07
CA ALA A 41 -0.51 11.86 -2.35
C ALA A 41 -0.35 12.74 -1.12
N GLU A 42 -1.45 12.97 -0.42
CA GLU A 42 -1.44 13.80 0.78
C GLU A 42 -0.53 13.19 1.84
N VAL A 43 -0.65 11.88 2.03
CA VAL A 43 0.17 11.18 3.01
C VAL A 43 1.62 11.07 2.55
N GLY A 44 1.83 11.14 1.24
CA GLY A 44 3.17 11.04 0.70
C GLY A 44 3.55 9.62 0.32
N LEU A 45 2.84 9.07 -0.66
CA LEU A 45 3.10 7.71 -1.11
C LEU A 45 3.80 7.71 -2.46
N GLU A 46 4.36 6.56 -2.83
CA GLU A 46 5.06 6.41 -4.10
C GLU A 46 5.56 4.99 -4.28
N ILE A 47 5.89 4.62 -5.52
CA ILE A 47 6.38 3.29 -5.81
C ILE A 47 7.62 2.97 -4.98
N GLY A 48 7.73 1.71 -4.56
CA GLY A 48 8.87 1.30 -3.76
C GLY A 48 8.49 1.01 -2.32
N ASP A 49 7.54 1.78 -1.81
CA ASP A 49 7.07 1.60 -0.43
C ASP A 49 6.37 0.25 -0.27
N GLN A 50 6.23 -0.19 0.97
CA GLN A 50 5.58 -1.47 1.25
C GLN A 50 4.77 -1.40 2.55
N ILE A 51 3.47 -1.60 2.42
CA ILE A 51 2.58 -1.57 3.58
C ILE A 51 2.84 -2.78 4.48
N VAL A 52 3.28 -2.52 5.70
CA VAL A 52 3.57 -3.60 6.65
C VAL A 52 2.43 -3.79 7.65
N GLU A 53 1.57 -2.78 7.79
CA GLU A 53 0.46 -2.85 8.72
C GLU A 53 -0.70 -1.95 8.28
N VAL A 54 -1.92 -2.36 8.61
CA VAL A 54 -3.10 -1.59 8.26
C VAL A 54 -4.16 -1.66 9.36
N ASN A 55 -4.16 -0.67 10.24
CA ASN A 55 -5.11 -0.62 11.35
C ASN A 55 -4.97 -1.85 12.24
N GLY A 56 -3.73 -2.31 12.43
CA GLY A 56 -3.48 -3.47 13.26
C GLY A 56 -3.36 -4.75 12.46
N VAL A 57 -4.05 -4.79 11.32
CA VAL A 57 -4.02 -5.97 10.45
C VAL A 57 -2.62 -6.19 9.89
N ASP A 58 -2.02 -7.32 10.24
CA ASP A 58 -0.68 -7.66 9.79
C ASP A 58 -0.67 -7.86 8.27
N PHE A 59 0.11 -7.06 7.58
CA PHE A 59 0.22 -7.15 6.12
C PHE A 59 1.43 -7.98 5.71
N SER A 60 1.91 -8.84 6.61
CA SER A 60 3.05 -9.69 6.34
C SER A 60 2.64 -10.90 5.50
N ASN A 61 1.72 -11.68 6.04
CA ASN A 61 1.23 -12.87 5.34
C ASN A 61 -0.16 -12.63 4.78
N LEU A 62 -0.44 -11.37 4.44
CA LEU A 62 -1.73 -11.00 3.88
C LEU A 62 -1.73 -11.11 2.36
N ASP A 63 -2.87 -11.46 1.79
CA ASP A 63 -3.00 -11.61 0.35
C ASP A 63 -3.23 -10.25 -0.32
N HIS A 64 -3.23 -10.25 -1.64
CA HIS A 64 -3.44 -9.01 -2.40
C HIS A 64 -4.87 -8.51 -2.24
N LYS A 65 -5.84 -9.38 -2.53
CA LYS A 65 -7.24 -9.02 -2.42
C LYS A 65 -7.57 -8.55 -1.01
N GLU A 66 -6.98 -9.20 -0.02
CA GLU A 66 -7.21 -8.85 1.38
C GLU A 66 -6.79 -7.41 1.65
N ALA A 67 -5.65 -7.03 1.10
CA ALA A 67 -5.13 -5.67 1.27
C ALA A 67 -6.08 -4.64 0.70
N VAL A 68 -6.56 -4.90 -0.51
CA VAL A 68 -7.49 -4.00 -1.17
C VAL A 68 -8.86 -4.00 -0.49
N ASN A 69 -9.29 -5.18 -0.05
CA ASN A 69 -10.58 -5.31 0.62
C ASN A 69 -10.62 -4.49 1.89
N VAL A 70 -9.64 -4.69 2.77
CA VAL A 70 -9.58 -3.95 4.03
C VAL A 70 -9.49 -2.44 3.77
N LEU A 71 -8.66 -2.06 2.81
CA LEU A 71 -8.50 -0.65 2.46
C LEU A 71 -9.80 -0.08 1.90
N LYS A 72 -10.53 -0.91 1.17
CA LYS A 72 -11.79 -0.52 0.56
C LYS A 72 -12.95 -0.61 1.56
N SER A 73 -12.81 -1.49 2.54
CA SER A 73 -13.86 -1.68 3.54
C SER A 73 -13.74 -0.68 4.69
N SER A 74 -12.68 -0.81 5.48
CA SER A 74 -12.46 0.08 6.61
C SER A 74 -12.51 1.54 6.19
N ARG A 75 -11.99 1.84 5.00
CA ARG A 75 -11.98 3.22 4.50
C ARG A 75 -11.04 4.08 5.34
N SER A 76 -11.47 4.40 6.56
CA SER A 76 -10.67 5.19 7.47
C SER A 76 -9.77 4.30 8.32
N LEU A 77 -8.62 3.95 7.79
CA LEU A 77 -7.68 3.08 8.48
C LEU A 77 -6.27 3.66 8.50
N THR A 78 -5.55 3.40 9.59
CA THR A 78 -4.18 3.87 9.74
C THR A 78 -3.20 2.79 9.28
N ILE A 79 -2.45 3.07 8.23
CA ILE A 79 -1.50 2.10 7.70
C ILE A 79 -0.06 2.55 7.94
N SER A 80 0.73 1.65 8.53
CA SER A 80 2.13 1.93 8.81
C SER A 80 3.03 1.33 7.74
N ILE A 81 3.60 2.19 6.91
CA ILE A 81 4.48 1.75 5.83
C ILE A 81 5.93 2.12 6.12
N VAL A 82 6.84 1.26 5.67
CA VAL A 82 8.27 1.50 5.86
C VAL A 82 8.93 1.84 4.52
N ALA A 83 9.69 2.92 4.52
CA ALA A 83 10.38 3.36 3.31
C ALA A 83 11.51 2.40 2.93
N ALA A 84 11.53 2.00 1.66
CA ALA A 84 12.56 1.11 1.14
C ALA A 84 12.20 -0.37 1.34
N ALA A 85 11.26 -0.66 2.22
CA ALA A 85 10.86 -2.05 2.47
C ALA A 85 10.44 -2.74 1.17
N GLY A 86 10.08 -1.94 0.17
CA GLY A 86 9.67 -2.49 -1.12
C GLY A 86 10.64 -2.17 -2.23
N ARG A 87 11.31 -1.02 -2.12
CA ARG A 87 12.27 -0.58 -3.14
C ARG A 87 13.36 -1.64 -3.36
N GLU A 88 13.75 -2.33 -2.31
CA GLU A 88 14.78 -3.36 -2.41
C GLU A 88 14.48 -4.30 -3.56
N LEU A 89 13.25 -4.82 -3.60
CA LEU A 89 12.83 -5.73 -4.65
C LEU A 89 12.67 -5.00 -5.98
N PHE A 90 12.08 -3.80 -5.91
CA PHE A 90 11.85 -2.99 -7.11
C PHE A 90 13.16 -2.73 -7.86
N MET A 91 14.29 -2.83 -7.15
CA MET A 91 15.59 -2.61 -7.76
C MET A 91 15.83 -3.58 -8.91
N THR A 92 15.37 -3.21 -10.10
CA THR A 92 15.53 -4.04 -11.29
C THR A 92 14.84 -3.40 -12.49
N THR B 1 6.27 -16.04 -13.45
CA THR B 1 5.22 -15.13 -13.92
C THR B 1 5.34 -13.77 -13.25
N PRO B 2 4.94 -12.69 -13.95
CA PRO B 2 5.01 -11.33 -13.42
C PRO B 2 4.29 -11.20 -12.08
N LEU B 3 4.12 -9.95 -11.63
CA LEU B 3 3.44 -9.69 -10.35
C LEU B 3 2.11 -8.99 -10.59
N GLU B 4 1.11 -9.36 -9.82
CA GLU B 4 -0.22 -8.76 -9.94
C GLU B 4 -0.26 -7.38 -9.28
N ILE B 5 -0.98 -6.45 -9.91
CA ILE B 5 -1.11 -5.10 -9.39
C ILE B 5 -2.55 -4.64 -9.37
N THR B 6 -2.93 -3.91 -8.32
CA THR B 6 -4.29 -3.41 -8.19
C THR B 6 -4.32 -1.88 -8.14
N GLU B 7 -5.41 -1.29 -8.60
CA GLU B 7 -5.55 0.16 -8.62
C GLU B 7 -6.53 0.61 -7.53
N LEU B 8 -6.07 1.51 -6.66
CA LEU B 8 -6.89 2.03 -5.58
C LEU B 8 -7.11 3.53 -5.75
N LYS A 1 13.57 3.21 10.06
CA LYS A 1 12.32 3.27 10.88
C LYS A 1 11.09 3.03 10.01
N GLU A 2 9.92 3.11 10.62
CA GLU A 2 8.66 2.91 9.91
C GLU A 2 7.95 4.23 9.66
N LYS A 3 7.29 4.33 8.52
CA LYS A 3 6.56 5.54 8.15
C LYS A 3 5.05 5.37 8.39
N LYS A 4 4.50 6.22 9.25
CA LYS A 4 3.07 6.16 9.56
C LYS A 4 2.25 6.95 8.56
N VAL A 5 1.07 6.44 8.23
CA VAL A 5 0.18 7.09 7.28
C VAL A 5 -1.28 6.77 7.58
N PHE A 6 -2.17 7.70 7.21
CA PHE A 6 -3.60 7.53 7.44
C PHE A 6 -4.39 7.88 6.19
N ILE A 7 -5.30 6.99 5.80
CA ILE A 7 -6.12 7.21 4.61
C ILE A 7 -7.61 7.24 4.96
N SER A 8 -8.32 8.22 4.42
CA SER A 8 -9.76 8.35 4.67
C SER A 8 -10.49 8.78 3.40
N LEU A 9 -11.54 8.06 3.06
CA LEU A 9 -12.33 8.36 1.87
C LEU A 9 -13.22 9.58 2.10
N VAL A 10 -12.82 10.71 1.55
CA VAL A 10 -13.58 11.95 1.69
C VAL A 10 -14.64 12.07 0.59
N GLY A 11 -15.56 11.11 0.55
CA GLY A 11 -16.60 11.13 -0.45
C GLY A 11 -16.16 10.53 -1.76
N SER A 12 -15.17 11.15 -2.40
CA SER A 12 -14.64 10.67 -3.67
C SER A 12 -13.21 10.17 -3.53
N ARG A 13 -12.86 9.16 -4.30
CA ARG A 13 -11.52 8.59 -4.27
C ARG A 13 -11.23 7.99 -2.88
N GLY A 14 -10.79 6.74 -2.87
CA GLY A 14 -10.47 6.07 -1.62
C GLY A 14 -9.09 6.41 -1.11
N LEU A 15 -8.09 6.28 -1.98
CA LEU A 15 -6.72 6.55 -1.60
C LEU A 15 -6.02 7.35 -2.71
N GLY A 16 -6.02 6.81 -3.92
CA GLY A 16 -5.37 7.48 -5.04
C GLY A 16 -4.05 6.83 -5.42
N CYS A 17 -3.85 5.60 -4.96
CA CYS A 17 -2.62 4.86 -5.25
C CYS A 17 -2.91 3.39 -5.47
N SER A 18 -1.94 2.66 -6.01
CA SER A 18 -2.10 1.24 -6.26
C SER A 18 -1.16 0.43 -5.38
N ILE A 19 -1.35 -0.89 -5.35
CA ILE A 19 -0.50 -1.76 -4.55
C ILE A 19 -0.25 -3.07 -5.27
N SER A 20 0.85 -3.73 -4.92
CA SER A 20 1.21 -5.00 -5.54
C SER A 20 1.92 -5.92 -4.55
N SER A 21 1.96 -7.21 -4.87
CA SER A 21 2.60 -8.19 -4.00
C SER A 21 3.95 -8.61 -4.56
N GLY A 22 4.87 -8.99 -3.68
CA GLY A 22 6.19 -9.39 -4.09
C GLY A 22 6.29 -10.88 -4.38
N PRO A 23 7.51 -11.40 -4.63
CA PRO A 23 7.72 -12.81 -4.92
C PRO A 23 7.56 -13.69 -3.68
N ILE A 24 8.05 -14.92 -3.78
CA ILE A 24 7.95 -15.87 -2.67
C ILE A 24 9.12 -15.69 -1.69
N GLN A 25 10.23 -15.17 -2.18
CA GLN A 25 11.40 -14.95 -1.34
C GLN A 25 11.13 -13.88 -0.29
N LYS A 26 10.25 -12.94 -0.63
CA LYS A 26 9.91 -11.86 0.28
C LYS A 26 8.53 -11.29 -0.05
N PRO A 27 7.47 -12.08 0.12
CA PRO A 27 6.10 -11.65 -0.17
C PRO A 27 5.69 -10.44 0.66
N GLY A 28 5.42 -9.32 -0.01
CA GLY A 28 5.03 -8.12 0.69
C GLY A 28 4.23 -7.17 -0.19
N ILE A 29 3.23 -6.54 0.40
CA ILE A 29 2.37 -5.60 -0.33
C ILE A 29 3.03 -4.22 -0.41
N PHE A 30 3.54 -3.86 -1.59
CA PHE A 30 4.18 -2.58 -1.77
C PHE A 30 3.24 -1.58 -2.45
N ILE A 31 3.75 -0.39 -2.72
CA ILE A 31 2.95 0.66 -3.34
C ILE A 31 3.34 0.87 -4.80
N SER A 32 2.33 1.10 -5.63
CA SER A 32 2.53 1.33 -7.05
C SER A 32 2.34 2.80 -7.38
N HIS A 33 2.27 3.13 -8.66
CA HIS A 33 2.10 4.51 -9.10
C HIS A 33 1.00 5.20 -8.30
N VAL A 34 1.21 6.50 -8.02
CA VAL A 34 0.24 7.27 -7.26
C VAL A 34 -0.45 8.31 -8.15
N LYS A 35 -1.70 8.63 -7.81
CA LYS A 35 -2.46 9.61 -8.57
C LYS A 35 -2.57 10.93 -7.80
N PRO A 36 -1.88 11.98 -8.28
CA PRO A 36 -1.91 13.30 -7.64
C PRO A 36 -3.33 13.78 -7.36
N GLY A 37 -3.51 14.49 -6.25
CA GLY A 37 -4.82 14.99 -5.89
C GLY A 37 -5.66 13.94 -5.19
N SER A 38 -5.03 13.17 -4.30
CA SER A 38 -5.72 12.13 -3.56
C SER A 38 -5.17 12.01 -2.15
N LEU A 39 -5.63 11.00 -1.42
CA LEU A 39 -5.18 10.77 -0.05
C LEU A 39 -3.72 10.36 -0.03
N SER A 40 -3.38 9.37 -0.88
CA SER A 40 -2.01 8.88 -0.95
C SER A 40 -1.03 10.02 -1.18
N ALA A 41 -1.36 10.90 -2.12
CA ALA A 41 -0.52 12.05 -2.43
C ALA A 41 -0.40 12.98 -1.22
N GLU A 42 -1.53 13.16 -0.52
CA GLU A 42 -1.56 14.02 0.65
C GLU A 42 -0.60 13.51 1.71
N VAL A 43 -0.72 12.23 2.06
CA VAL A 43 0.14 11.62 3.06
C VAL A 43 1.57 11.53 2.57
N GLY A 44 1.74 11.41 1.26
CA GLY A 44 3.06 11.32 0.68
C GLY A 44 3.44 9.89 0.35
N LEU A 45 2.73 9.31 -0.61
CA LEU A 45 3.00 7.93 -1.03
C LEU A 45 3.69 7.89 -2.38
N GLU A 46 4.40 6.80 -2.65
CA GLU A 46 5.11 6.64 -3.91
C GLU A 46 5.56 5.19 -4.09
N ILE A 47 5.90 4.83 -5.32
CA ILE A 47 6.35 3.48 -5.64
C ILE A 47 7.56 3.11 -4.78
N GLY A 48 7.66 1.83 -4.43
CA GLY A 48 8.77 1.37 -3.61
C GLY A 48 8.37 1.15 -2.17
N ASP A 49 7.43 1.95 -1.69
CA ASP A 49 6.96 1.84 -0.32
C ASP A 49 6.39 0.44 -0.05
N GLN A 50 6.21 0.11 1.23
CA GLN A 50 5.69 -1.20 1.60
C GLN A 50 4.85 -1.12 2.88
N ILE A 51 3.55 -1.37 2.74
CA ILE A 51 2.65 -1.33 3.88
C ILE A 51 2.92 -2.50 4.82
N VAL A 52 3.33 -2.19 6.06
CA VAL A 52 3.63 -3.21 7.04
C VAL A 52 2.54 -3.32 8.10
N GLU A 53 1.43 -2.61 7.90
CA GLU A 53 0.33 -2.65 8.86
C GLU A 53 -0.85 -1.83 8.37
N VAL A 54 -2.06 -2.29 8.69
CA VAL A 54 -3.28 -1.59 8.28
C VAL A 54 -4.38 -1.79 9.31
N ASN A 55 -4.56 -0.80 10.17
CA ASN A 55 -5.59 -0.86 11.21
C ASN A 55 -5.30 -1.99 12.19
N GLY A 56 -4.02 -2.29 12.38
CA GLY A 56 -3.64 -3.36 13.30
C GLY A 56 -3.33 -4.64 12.58
N VAL A 57 -3.96 -4.85 11.43
CA VAL A 57 -3.74 -6.06 10.64
C VAL A 57 -2.31 -6.12 10.11
N ASP A 58 -1.65 -7.25 10.33
CA ASP A 58 -0.28 -7.44 9.88
C ASP A 58 -0.22 -7.63 8.37
N PHE A 59 0.53 -6.76 7.70
CA PHE A 59 0.67 -6.84 6.25
C PHE A 59 1.97 -7.52 5.86
N SER A 60 2.47 -8.39 6.74
CA SER A 60 3.71 -9.11 6.48
C SER A 60 3.48 -10.24 5.49
N ASN A 61 2.71 -11.25 5.91
CA ASN A 61 2.41 -12.38 5.06
C ASN A 61 0.99 -12.28 4.51
N LEU A 62 0.53 -11.05 4.32
CA LEU A 62 -0.82 -10.80 3.80
C LEU A 62 -0.86 -10.97 2.29
N ASP A 63 -1.99 -11.47 1.79
CA ASP A 63 -2.16 -11.69 0.37
C ASP A 63 -2.52 -10.37 -0.34
N HIS A 64 -2.36 -10.35 -1.67
CA HIS A 64 -2.67 -9.16 -2.44
C HIS A 64 -4.13 -8.78 -2.30
N LYS A 65 -5.02 -9.73 -2.58
CA LYS A 65 -6.45 -9.48 -2.47
C LYS A 65 -6.83 -8.99 -1.08
N GLU A 66 -6.19 -9.56 -0.07
CA GLU A 66 -6.46 -9.17 1.31
C GLU A 66 -6.14 -7.70 1.55
N ALA A 67 -4.97 -7.27 1.08
CA ALA A 67 -4.55 -5.88 1.23
C ALA A 67 -5.56 -4.93 0.59
N VAL A 68 -6.01 -5.26 -0.61
CA VAL A 68 -6.97 -4.44 -1.33
C VAL A 68 -8.34 -4.49 -0.66
N ASN A 69 -8.78 -5.68 -0.31
CA ASN A 69 -10.08 -5.86 0.33
C ASN A 69 -10.21 -5.00 1.58
N VAL A 70 -9.24 -5.13 2.49
CA VAL A 70 -9.25 -4.36 3.72
C VAL A 70 -9.21 -2.86 3.44
N LEU A 71 -8.37 -2.47 2.49
CA LEU A 71 -8.24 -1.07 2.12
C LEU A 71 -9.51 -0.57 1.44
N LYS A 72 -10.19 -1.46 0.74
CA LYS A 72 -11.42 -1.12 0.05
C LYS A 72 -12.61 -1.15 1.00
N SER A 73 -12.53 -2.01 2.01
CA SER A 73 -13.61 -2.14 2.99
C SER A 73 -13.70 -0.91 3.89
N SER A 74 -12.66 -0.69 4.69
CA SER A 74 -12.63 0.45 5.60
C SER A 74 -12.18 1.72 4.88
N ARG A 75 -13.06 2.72 4.85
CA ARG A 75 -12.75 3.98 4.20
C ARG A 75 -11.67 4.73 4.96
N SER A 76 -11.76 4.70 6.29
CA SER A 76 -10.79 5.36 7.14
C SER A 76 -9.99 4.35 7.95
N LEU A 77 -8.76 4.09 7.52
CA LEU A 77 -7.90 3.13 8.21
C LEU A 77 -6.47 3.66 8.33
N THR A 78 -5.82 3.30 9.43
CA THR A 78 -4.44 3.71 9.67
C THR A 78 -3.48 2.67 9.13
N ILE A 79 -2.67 3.07 8.15
CA ILE A 79 -1.72 2.16 7.53
C ILE A 79 -0.28 2.54 7.87
N SER A 80 0.50 1.56 8.31
CA SER A 80 1.91 1.78 8.65
C SER A 80 2.81 1.27 7.54
N ILE A 81 3.35 2.19 6.76
CA ILE A 81 4.23 1.84 5.65
C ILE A 81 5.69 2.14 5.99
N VAL A 82 6.60 1.38 5.40
CA VAL A 82 8.03 1.58 5.63
C VAL A 82 8.78 1.74 4.31
N ALA A 83 9.35 2.92 4.11
CA ALA A 83 10.10 3.21 2.89
C ALA A 83 11.23 2.21 2.66
N ALA A 84 11.42 1.82 1.39
CA ALA A 84 12.47 0.87 1.01
C ALA A 84 12.03 -0.58 1.21
N ALA A 85 11.05 -0.80 2.09
CA ALA A 85 10.54 -2.14 2.35
C ALA A 85 9.99 -2.78 1.09
N GLY A 86 9.66 -1.95 0.10
CA GLY A 86 9.12 -2.46 -1.15
C GLY A 86 10.10 -2.30 -2.30
N ARG A 87 10.93 -1.27 -2.22
CA ARG A 87 11.92 -0.99 -3.27
C ARG A 87 12.84 -2.18 -3.49
N GLU A 88 13.14 -2.91 -2.42
CA GLU A 88 14.01 -4.07 -2.50
C GLU A 88 13.55 -5.01 -3.61
N LEU A 89 12.26 -5.33 -3.61
CA LEU A 89 11.69 -6.23 -4.62
C LEU A 89 11.62 -5.54 -5.98
N PHE A 90 11.27 -4.26 -5.97
CA PHE A 90 11.16 -3.48 -7.21
C PHE A 90 12.46 -3.55 -8.01
N MET A 91 13.59 -3.31 -7.33
CA MET A 91 14.89 -3.34 -7.99
C MET A 91 15.43 -4.78 -8.06
N THR A 92 15.87 -5.17 -9.25
CA THR A 92 16.41 -6.51 -9.45
C THR A 92 17.44 -6.53 -10.59
N THR B 1 8.60 -13.96 -12.50
CA THR B 1 7.20 -13.90 -12.93
C THR B 1 6.61 -12.52 -12.64
N PRO B 2 5.60 -12.11 -13.43
CA PRO B 2 4.95 -10.80 -13.26
C PRO B 2 4.12 -10.74 -11.99
N LEU B 3 3.89 -9.52 -11.50
CA LEU B 3 3.11 -9.32 -10.28
C LEU B 3 1.83 -8.55 -10.58
N GLU B 4 0.75 -8.95 -9.91
CA GLU B 4 -0.54 -8.30 -10.10
C GLU B 4 -0.54 -6.90 -9.47
N ILE B 5 -1.45 -6.05 -9.93
CA ILE B 5 -1.54 -4.70 -9.41
C ILE B 5 -3.00 -4.27 -9.27
N THR B 6 -3.29 -3.52 -8.21
CA THR B 6 -4.65 -3.05 -7.95
C THR B 6 -4.66 -1.55 -7.69
N GLU B 7 -5.73 -0.88 -8.11
CA GLU B 7 -5.87 0.56 -7.93
C GLU B 7 -6.76 0.88 -6.73
N LEU B 8 -6.17 1.51 -5.72
CA LEU B 8 -6.92 1.87 -4.52
C LEU B 8 -7.39 3.32 -4.58
N LYS A 1 12.94 4.43 11.08
CA LYS A 1 12.94 3.99 9.66
C LYS A 1 11.52 3.75 9.16
N GLU A 2 10.64 3.35 10.05
CA GLU A 2 9.25 3.09 9.71
C GLU A 2 8.48 4.39 9.52
N LYS A 3 7.53 4.38 8.58
CA LYS A 3 6.72 5.56 8.30
C LYS A 3 5.25 5.29 8.57
N LYS A 4 4.56 6.28 9.13
CA LYS A 4 3.15 6.15 9.44
C LYS A 4 2.29 6.95 8.47
N VAL A 5 1.18 6.35 8.05
CA VAL A 5 0.28 7.01 7.11
C VAL A 5 -1.18 6.76 7.49
N PHE A 6 -2.00 7.81 7.42
CA PHE A 6 -3.42 7.70 7.75
C PHE A 6 -4.28 8.06 6.55
N ILE A 7 -5.07 7.11 6.08
CA ILE A 7 -5.94 7.33 4.94
C ILE A 7 -7.40 7.43 5.37
N SER A 8 -8.06 8.52 4.97
CA SER A 8 -9.46 8.74 5.33
C SER A 8 -10.23 9.33 4.15
N LEU A 9 -11.15 8.56 3.59
CA LEU A 9 -11.95 9.00 2.47
C LEU A 9 -12.78 10.23 2.84
N VAL A 10 -12.44 11.36 2.24
CA VAL A 10 -13.15 12.62 2.50
C VAL A 10 -13.43 13.37 1.22
N GLY A 11 -14.62 13.17 0.66
CA GLY A 11 -15.00 13.84 -0.57
C GLY A 11 -14.53 13.10 -1.81
N SER A 12 -15.16 11.95 -2.07
CA SER A 12 -14.80 11.14 -3.23
C SER A 12 -13.34 10.69 -3.16
N ARG A 13 -12.95 9.84 -4.09
CA ARG A 13 -11.58 9.34 -4.13
C ARG A 13 -11.24 8.57 -2.85
N GLY A 14 -11.10 7.26 -2.97
CA GLY A 14 -10.77 6.44 -1.83
C GLY A 14 -9.38 6.71 -1.30
N LEU A 15 -8.37 6.30 -2.07
CA LEU A 15 -6.98 6.50 -1.68
C LEU A 15 -6.21 7.21 -2.78
N GLY A 16 -6.27 6.67 -3.99
CA GLY A 16 -5.58 7.28 -5.12
C GLY A 16 -4.23 6.65 -5.36
N CYS A 17 -4.09 5.38 -4.97
CA CYS A 17 -2.83 4.66 -5.15
C CYS A 17 -3.08 3.18 -5.41
N SER A 18 -2.10 2.51 -5.99
CA SER A 18 -2.21 1.08 -6.29
C SER A 18 -1.21 0.29 -5.45
N ILE A 19 -1.30 -1.03 -5.53
CA ILE A 19 -0.39 -1.89 -4.77
C ILE A 19 0.06 -3.08 -5.60
N SER A 20 1.20 -3.66 -5.22
CA SER A 20 1.75 -4.81 -5.92
C SER A 20 2.09 -5.94 -4.95
N SER A 21 2.25 -7.14 -5.47
CA SER A 21 2.57 -8.30 -4.65
C SER A 21 4.03 -8.68 -4.81
N GLY A 22 4.67 -9.06 -3.71
CA GLY A 22 6.07 -9.44 -3.76
C GLY A 22 6.28 -10.91 -4.06
N PRO A 23 7.50 -11.28 -4.49
CA PRO A 23 7.84 -12.67 -4.80
C PRO A 23 7.72 -13.60 -3.60
N ILE A 24 8.38 -14.74 -3.67
CA ILE A 24 8.34 -15.72 -2.58
C ILE A 24 9.37 -15.39 -1.51
N GLN A 25 10.45 -14.73 -1.91
CA GLN A 25 11.51 -14.35 -0.97
C GLN A 25 11.09 -13.15 -0.14
N LYS A 26 10.25 -12.29 -0.72
CA LYS A 26 9.78 -11.09 -0.02
C LYS A 26 8.31 -10.83 -0.34
N PRO A 27 7.43 -11.79 0.01
CA PRO A 27 5.99 -11.65 -0.23
C PRO A 27 5.34 -10.66 0.73
N GLY A 28 4.47 -9.80 0.17
CA GLY A 28 3.80 -8.81 0.99
C GLY A 28 2.94 -7.87 0.18
N ILE A 29 2.84 -6.62 0.62
CA ILE A 29 2.05 -5.62 -0.07
C ILE A 29 2.88 -4.36 -0.34
N PHE A 30 3.17 -4.12 -1.62
CA PHE A 30 3.97 -2.96 -2.02
C PHE A 30 3.06 -1.85 -2.55
N ILE A 31 3.67 -0.70 -2.81
CA ILE A 31 2.94 0.45 -3.33
C ILE A 31 3.26 0.70 -4.79
N SER A 32 2.23 0.91 -5.59
CA SER A 32 2.40 1.15 -7.02
C SER A 32 2.15 2.62 -7.34
N HIS A 33 2.06 2.93 -8.64
CA HIS A 33 1.83 4.30 -9.09
C HIS A 33 0.73 4.98 -8.29
N VAL A 34 1.00 6.22 -7.88
CA VAL A 34 0.04 6.99 -7.09
C VAL A 34 -0.51 8.16 -7.91
N LYS A 35 -1.76 8.52 -7.64
CA LYS A 35 -2.41 9.62 -8.35
C LYS A 35 -2.53 10.85 -7.45
N PRO A 36 -2.41 12.06 -8.03
CA PRO A 36 -2.51 13.31 -7.28
C PRO A 36 -3.94 13.61 -6.85
N GLY A 37 -4.10 14.64 -6.01
CA GLY A 37 -5.42 15.01 -5.54
C GLY A 37 -6.13 13.86 -4.85
N SER A 38 -5.35 13.02 -4.16
CA SER A 38 -5.90 11.87 -3.45
C SER A 38 -5.37 11.80 -2.03
N LEU A 39 -5.68 10.71 -1.34
CA LEU A 39 -5.22 10.52 0.03
C LEU A 39 -3.75 10.08 0.04
N SER A 40 -3.43 9.10 -0.79
CA SER A 40 -2.07 8.60 -0.87
C SER A 40 -1.09 9.70 -1.27
N ALA A 41 -1.56 10.60 -2.13
CA ALA A 41 -0.73 11.71 -2.59
C ALA A 41 -0.50 12.73 -1.48
N GLU A 42 -1.57 13.01 -0.72
CA GLU A 42 -1.48 13.96 0.38
C GLU A 42 -0.48 13.49 1.44
N VAL A 43 -0.48 12.19 1.70
CA VAL A 43 0.42 11.60 2.68
C VAL A 43 1.84 11.51 2.13
N GLY A 44 1.94 11.35 0.81
CA GLY A 44 3.24 11.25 0.18
C GLY A 44 3.62 9.82 -0.14
N LEU A 45 2.76 9.14 -0.90
CA LEU A 45 3.00 7.75 -1.28
C LEU A 45 3.61 7.68 -2.68
N GLU A 46 4.49 6.70 -2.87
CA GLU A 46 5.14 6.51 -4.16
C GLU A 46 5.57 5.05 -4.33
N ILE A 47 5.85 4.67 -5.58
CA ILE A 47 6.25 3.30 -5.87
C ILE A 47 7.50 2.92 -5.08
N GLY A 48 7.50 1.69 -4.56
CA GLY A 48 8.64 1.22 -3.79
C GLY A 48 8.26 0.91 -2.34
N ASP A 49 7.42 1.75 -1.76
CA ASP A 49 6.97 1.57 -0.39
C ASP A 49 6.36 0.19 -0.19
N GLN A 50 6.18 -0.20 1.07
CA GLN A 50 5.60 -1.51 1.39
C GLN A 50 4.78 -1.44 2.67
N ILE A 51 3.48 -1.69 2.54
CA ILE A 51 2.58 -1.67 3.69
C ILE A 51 2.86 -2.84 4.62
N VAL A 52 3.22 -2.54 5.86
CA VAL A 52 3.52 -3.56 6.85
C VAL A 52 2.34 -3.81 7.79
N GLU A 53 1.42 -2.86 7.86
CA GLU A 53 0.25 -2.99 8.72
C GLU A 53 -0.88 -2.09 8.26
N VAL A 54 -2.12 -2.46 8.61
CA VAL A 54 -3.29 -1.70 8.25
C VAL A 54 -4.42 -1.91 9.24
N ASN A 55 -4.72 -0.88 10.03
CA ASN A 55 -5.78 -0.95 11.02
C ASN A 55 -5.51 -2.07 12.02
N GLY A 56 -4.23 -2.35 12.27
CA GLY A 56 -3.87 -3.40 13.20
C GLY A 56 -3.51 -4.70 12.51
N VAL A 57 -4.15 -4.94 11.36
CA VAL A 57 -3.90 -6.16 10.59
C VAL A 57 -2.47 -6.20 10.08
N ASP A 58 -1.80 -7.33 10.28
CA ASP A 58 -0.42 -7.50 9.83
C ASP A 58 -0.36 -7.76 8.33
N PHE A 59 0.26 -6.82 7.60
CA PHE A 59 0.39 -6.94 6.16
C PHE A 59 1.67 -7.69 5.78
N SER A 60 2.54 -7.94 6.76
CA SER A 60 3.79 -8.65 6.51
C SER A 60 3.54 -10.00 5.85
N ASN A 61 2.40 -10.60 6.16
CA ASN A 61 2.04 -11.90 5.59
C ASN A 61 0.62 -11.86 5.02
N LEU A 62 0.22 -10.71 4.50
CA LEU A 62 -1.10 -10.55 3.92
C LEU A 62 -1.07 -10.72 2.41
N ASP A 63 -2.15 -11.25 1.85
CA ASP A 63 -2.24 -11.48 0.42
C ASP A 63 -2.54 -10.17 -0.31
N HIS A 64 -2.53 -10.22 -1.64
CA HIS A 64 -2.80 -9.05 -2.46
C HIS A 64 -4.26 -8.63 -2.34
N LYS A 65 -5.17 -9.57 -2.62
CA LYS A 65 -6.60 -9.30 -2.54
C LYS A 65 -7.00 -8.83 -1.13
N GLU A 66 -6.38 -9.44 -0.12
CA GLU A 66 -6.67 -9.09 1.25
C GLU A 66 -6.35 -7.63 1.54
N ALA A 67 -5.19 -7.18 1.05
CA ALA A 67 -4.78 -5.79 1.25
C ALA A 67 -5.74 -4.83 0.57
N VAL A 68 -6.19 -5.18 -0.63
CA VAL A 68 -7.11 -4.34 -1.37
C VAL A 68 -8.49 -4.32 -0.72
N ASN A 69 -8.99 -5.50 -0.38
CA ASN A 69 -10.30 -5.62 0.25
C ASN A 69 -10.40 -4.76 1.50
N VAL A 70 -9.44 -4.93 2.41
CA VAL A 70 -9.43 -4.17 3.65
C VAL A 70 -9.34 -2.67 3.37
N LEU A 71 -8.46 -2.29 2.45
CA LEU A 71 -8.30 -0.88 2.08
C LEU A 71 -9.54 -0.34 1.39
N LYS A 72 -10.25 -1.22 0.68
CA LYS A 72 -11.46 -0.84 -0.02
C LYS A 72 -12.66 -0.83 0.93
N SER A 73 -12.62 -1.69 1.93
CA SER A 73 -13.70 -1.79 2.91
C SER A 73 -13.74 -0.55 3.80
N SER A 74 -12.72 -0.39 4.64
CA SER A 74 -12.66 0.74 5.55
C SER A 74 -12.08 1.97 4.85
N ARG A 75 -12.67 3.12 5.14
CA ARG A 75 -12.23 4.38 4.54
C ARG A 75 -11.16 5.04 5.42
N SER A 76 -11.49 5.25 6.69
CA SER A 76 -10.56 5.86 7.62
C SER A 76 -9.76 4.80 8.36
N LEU A 77 -8.71 4.31 7.72
CA LEU A 77 -7.86 3.28 8.31
C LEU A 77 -6.41 3.75 8.43
N THR A 78 -5.75 3.30 9.49
CA THR A 78 -4.36 3.66 9.73
C THR A 78 -3.44 2.60 9.13
N ILE A 79 -2.59 3.02 8.20
CA ILE A 79 -1.68 2.10 7.54
C ILE A 79 -0.22 2.46 7.82
N SER A 80 0.51 1.50 8.38
CA SER A 80 1.92 1.71 8.69
C SER A 80 2.80 1.15 7.57
N ILE A 81 3.64 2.02 7.00
CA ILE A 81 4.51 1.60 5.90
C ILE A 81 5.96 2.00 6.16
N VAL A 82 6.88 1.15 5.71
CA VAL A 82 8.30 1.40 5.87
C VAL A 82 8.94 1.67 4.52
N ALA A 83 9.73 2.73 4.45
CA ALA A 83 10.40 3.10 3.21
C ALA A 83 11.48 2.09 2.84
N ALA A 84 11.47 1.66 1.58
CA ALA A 84 12.46 0.70 1.06
C ALA A 84 12.04 -0.75 1.30
N ALA A 85 11.09 -0.98 2.22
CA ALA A 85 10.63 -2.33 2.51
C ALA A 85 10.14 -3.03 1.23
N GLY A 86 9.81 -2.24 0.21
CA GLY A 86 9.33 -2.78 -1.05
C GLY A 86 10.26 -2.47 -2.21
N ARG A 87 10.95 -1.33 -2.13
CA ARG A 87 11.86 -0.91 -3.19
C ARG A 87 12.89 -1.99 -3.49
N GLU A 88 13.32 -2.71 -2.46
CA GLU A 88 14.31 -3.77 -2.64
C GLU A 88 13.90 -4.69 -3.79
N LEU A 89 12.60 -4.97 -3.87
CA LEU A 89 12.06 -5.82 -4.93
C LEU A 89 12.09 -5.11 -6.28
N PHE A 90 11.41 -3.97 -6.34
CA PHE A 90 11.34 -3.18 -7.57
C PHE A 90 12.73 -2.97 -8.18
N MET A 91 13.75 -2.97 -7.32
CA MET A 91 15.13 -2.77 -7.78
C MET A 91 15.53 -3.85 -8.79
N THR A 92 15.91 -5.03 -8.28
CA THR A 92 16.31 -6.13 -9.14
C THR A 92 16.37 -7.43 -8.34
N THR B 1 8.14 -13.26 -14.88
CA THR B 1 7.14 -12.28 -15.29
C THR B 1 6.92 -11.24 -14.18
N PRO B 2 6.36 -10.07 -14.53
CA PRO B 2 6.10 -9.00 -13.57
C PRO B 2 5.02 -9.38 -12.56
N LEU B 3 5.08 -8.78 -11.38
CA LEU B 3 4.10 -9.06 -10.33
C LEU B 3 2.75 -8.44 -10.67
N GLU B 4 1.74 -8.73 -9.84
CA GLU B 4 0.40 -8.20 -10.06
C GLU B 4 0.28 -6.78 -9.52
N ILE B 5 -0.81 -6.11 -9.86
CA ILE B 5 -1.05 -4.75 -9.41
C ILE B 5 -2.54 -4.48 -9.23
N THR B 6 -2.87 -3.75 -8.17
CA THR B 6 -4.26 -3.41 -7.88
C THR B 6 -4.41 -1.93 -7.54
N GLU B 7 -5.38 -1.28 -8.18
CA GLU B 7 -5.61 0.15 -7.95
C GLU B 7 -6.57 0.37 -6.77
N LEU B 8 -6.24 1.33 -5.93
CA LEU B 8 -7.07 1.65 -4.77
C LEU B 8 -7.55 3.10 -4.82
N LYS A 1 13.10 2.73 10.46
CA LYS A 1 12.45 4.05 10.31
C LYS A 1 11.09 3.92 9.61
N GLU A 2 10.20 3.14 10.22
CA GLU A 2 8.86 2.92 9.67
C GLU A 2 8.13 4.25 9.50
N LYS A 3 7.39 4.38 8.41
CA LYS A 3 6.63 5.60 8.13
C LYS A 3 5.16 5.42 8.46
N LYS A 4 4.56 6.45 9.05
CA LYS A 4 3.15 6.40 9.41
C LYS A 4 2.28 7.10 8.37
N VAL A 5 1.18 6.45 8.01
CA VAL A 5 0.27 7.00 7.01
C VAL A 5 -1.18 6.76 7.41
N PHE A 6 -2.06 7.69 7.05
CA PHE A 6 -3.48 7.58 7.38
C PHE A 6 -4.34 7.96 6.19
N ILE A 7 -5.26 7.06 5.82
CA ILE A 7 -6.15 7.30 4.69
C ILE A 7 -7.59 7.39 5.16
N SER A 8 -8.19 8.58 5.00
CA SER A 8 -9.56 8.80 5.41
C SER A 8 -10.50 8.88 4.21
N LEU A 9 -9.95 9.21 3.04
CA LEU A 9 -10.72 9.32 1.80
C LEU A 9 -11.32 10.72 1.64
N VAL A 10 -11.68 11.35 2.75
CA VAL A 10 -12.27 12.69 2.72
C VAL A 10 -13.66 12.67 2.12
N GLY A 11 -13.74 12.37 0.83
CA GLY A 11 -15.02 12.33 0.15
C GLY A 11 -14.91 11.84 -1.28
N SER A 12 -14.07 12.48 -2.06
CA SER A 12 -13.87 12.10 -3.45
C SER A 12 -12.86 10.96 -3.57
N ARG A 13 -12.92 10.22 -4.68
CA ARG A 13 -12.02 9.10 -4.92
C ARG A 13 -11.83 8.25 -3.66
N GLY A 14 -10.81 7.39 -3.68
CA GLY A 14 -10.54 6.54 -2.54
C GLY A 14 -9.22 6.84 -1.87
N LEU A 15 -8.13 6.41 -2.48
CA LEU A 15 -6.80 6.64 -1.94
C LEU A 15 -5.93 7.37 -2.95
N GLY A 16 -5.92 6.89 -4.19
CA GLY A 16 -5.12 7.51 -5.23
C GLY A 16 -3.79 6.81 -5.42
N CYS A 17 -3.73 5.53 -5.06
CA CYS A 17 -2.51 4.76 -5.18
C CYS A 17 -2.82 3.29 -5.45
N SER A 18 -1.86 2.57 -6.00
CA SER A 18 -2.03 1.15 -6.30
C SER A 18 -1.11 0.31 -5.44
N ILE A 19 -1.25 -1.00 -5.51
CA ILE A 19 -0.42 -1.90 -4.72
C ILE A 19 0.04 -3.10 -5.54
N SER A 20 1.29 -3.51 -5.33
CA SER A 20 1.85 -4.64 -6.05
C SER A 20 2.26 -5.74 -5.08
N SER A 21 2.43 -6.95 -5.60
CA SER A 21 2.82 -8.09 -4.77
C SER A 21 4.28 -8.44 -4.99
N GLY A 22 4.94 -8.93 -3.95
CA GLY A 22 6.34 -9.29 -4.05
C GLY A 22 6.55 -10.72 -4.50
N PRO A 23 7.81 -11.13 -4.72
CA PRO A 23 8.12 -12.50 -5.16
C PRO A 23 7.86 -13.54 -4.08
N ILE A 24 8.39 -14.74 -4.28
CA ILE A 24 8.21 -15.81 -3.32
C ILE A 24 9.14 -15.65 -2.13
N GLN A 25 10.30 -15.03 -2.36
CA GLN A 25 11.28 -14.81 -1.32
C GLN A 25 10.88 -13.64 -0.42
N LYS A 26 10.15 -12.69 -1.00
CA LYS A 26 9.71 -11.52 -0.26
C LYS A 26 8.26 -11.16 -0.62
N PRO A 27 7.32 -12.08 -0.38
CA PRO A 27 5.90 -11.86 -0.68
C PRO A 27 5.24 -10.92 0.32
N GLY A 28 4.43 -10.00 -0.19
CA GLY A 28 3.76 -9.05 0.68
C GLY A 28 3.01 -7.97 -0.09
N ILE A 29 2.50 -6.97 0.61
CA ILE A 29 1.77 -5.89 -0.02
C ILE A 29 2.66 -4.68 -0.23
N PHE A 30 2.90 -4.32 -1.48
CA PHE A 30 3.74 -3.19 -1.83
C PHE A 30 2.92 -2.05 -2.43
N ILE A 31 3.59 -0.93 -2.69
CA ILE A 31 2.92 0.23 -3.27
C ILE A 31 3.31 0.44 -4.73
N SER A 32 2.32 0.74 -5.55
CA SER A 32 2.52 0.98 -6.97
C SER A 32 2.43 2.46 -7.28
N HIS A 33 2.38 2.79 -8.57
CA HIS A 33 2.29 4.18 -9.01
C HIS A 33 1.18 4.92 -8.26
N VAL A 34 1.43 6.19 -7.92
CA VAL A 34 0.46 7.00 -7.21
C VAL A 34 -0.09 8.10 -8.10
N LYS A 35 -1.30 8.57 -7.80
CA LYS A 35 -1.93 9.62 -8.57
C LYS A 35 -2.00 10.92 -7.78
N PRO A 36 -1.88 12.08 -8.46
CA PRO A 36 -1.95 13.39 -7.80
C PRO A 36 -3.35 13.73 -7.33
N GLY A 37 -3.44 14.69 -6.41
CA GLY A 37 -4.74 15.09 -5.88
C GLY A 37 -5.50 13.93 -5.29
N SER A 38 -4.90 13.27 -4.30
CA SER A 38 -5.53 12.13 -3.65
C SER A 38 -5.02 11.97 -2.22
N LEU A 39 -5.42 10.89 -1.57
CA LEU A 39 -5.01 10.62 -0.19
C LEU A 39 -3.55 10.19 -0.14
N SER A 40 -3.19 9.24 -1.00
CA SER A 40 -1.81 8.74 -1.07
C SER A 40 -0.84 9.88 -1.29
N ALA A 41 -1.19 10.81 -2.17
CA ALA A 41 -0.34 11.96 -2.48
C ALA A 41 -0.24 12.89 -1.28
N GLU A 42 -1.37 13.08 -0.59
CA GLU A 42 -1.42 13.94 0.58
C GLU A 42 -0.58 13.39 1.71
N VAL A 43 -0.67 12.08 1.91
CA VAL A 43 0.09 11.41 2.97
C VAL A 43 1.56 11.30 2.61
N GLY A 44 1.84 11.20 1.31
CA GLY A 44 3.21 11.08 0.85
C GLY A 44 3.58 9.66 0.48
N LEU A 45 2.89 9.11 -0.51
CA LEU A 45 3.14 7.75 -0.96
C LEU A 45 3.80 7.73 -2.34
N GLU A 46 4.39 6.60 -2.70
CA GLU A 46 5.06 6.46 -3.99
C GLU A 46 5.52 5.03 -4.21
N ILE A 47 5.80 4.67 -5.45
CA ILE A 47 6.26 3.33 -5.78
C ILE A 47 7.48 2.94 -4.95
N GLY A 48 7.58 1.67 -4.60
CA GLY A 48 8.69 1.20 -3.81
C GLY A 48 8.32 0.98 -2.35
N ASP A 49 7.37 1.76 -1.87
CA ASP A 49 6.92 1.64 -0.48
C ASP A 49 6.31 0.26 -0.24
N GLN A 50 6.19 -0.11 1.03
CA GLN A 50 5.64 -1.42 1.39
C GLN A 50 4.83 -1.33 2.68
N ILE A 51 3.52 -1.54 2.56
CA ILE A 51 2.64 -1.49 3.72
C ILE A 51 2.90 -2.67 4.66
N VAL A 52 3.33 -2.36 5.88
CA VAL A 52 3.63 -3.40 6.86
C VAL A 52 2.42 -3.70 7.75
N GLU A 53 1.52 -2.72 7.89
CA GLU A 53 0.33 -2.89 8.72
C GLU A 53 -0.80 -1.99 8.24
N VAL A 54 -2.02 -2.37 8.60
CA VAL A 54 -3.21 -1.61 8.20
C VAL A 54 -4.32 -1.75 9.26
N ASN A 55 -4.49 -0.71 10.06
CA ASN A 55 -5.51 -0.72 11.11
C ASN A 55 -5.22 -1.80 12.15
N GLY A 56 -3.95 -2.11 12.34
CA GLY A 56 -3.56 -3.11 13.30
C GLY A 56 -3.34 -4.47 12.66
N VAL A 57 -4.01 -4.72 11.54
CA VAL A 57 -3.88 -5.99 10.84
C VAL A 57 -2.50 -6.13 10.20
N ASP A 58 -1.86 -7.27 10.44
CA ASP A 58 -0.54 -7.53 9.89
C ASP A 58 -0.59 -7.69 8.37
N PHE A 59 0.21 -6.90 7.66
CA PHE A 59 0.25 -6.96 6.22
C PHE A 59 1.44 -7.78 5.72
N SER A 60 2.42 -8.00 6.60
CA SER A 60 3.61 -8.77 6.25
C SER A 60 3.22 -10.14 5.68
N ASN A 61 2.36 -10.85 6.40
CA ASN A 61 1.92 -12.17 5.97
C ASN A 61 0.49 -12.13 5.46
N LEU A 62 0.11 -10.99 4.88
CA LEU A 62 -1.24 -10.81 4.34
C LEU A 62 -1.25 -11.04 2.84
N ASP A 63 -2.35 -11.58 2.34
CA ASP A 63 -2.50 -11.84 0.91
C ASP A 63 -2.74 -10.54 0.14
N HIS A 64 -2.71 -10.63 -1.19
CA HIS A 64 -2.93 -9.47 -2.03
C HIS A 64 -4.40 -9.03 -2.00
N LYS A 65 -5.29 -9.96 -2.32
CA LYS A 65 -6.72 -9.69 -2.31
C LYS A 65 -7.18 -9.21 -0.94
N GLU A 66 -6.56 -9.75 0.10
CA GLU A 66 -6.90 -9.39 1.47
C GLU A 66 -6.54 -7.93 1.74
N ALA A 67 -5.39 -7.50 1.22
CA ALA A 67 -4.94 -6.12 1.41
C ALA A 67 -5.91 -5.14 0.76
N VAL A 68 -6.34 -5.47 -0.45
CA VAL A 68 -7.26 -4.62 -1.18
C VAL A 68 -8.64 -4.63 -0.54
N ASN A 69 -9.03 -5.79 -0.02
CA ASN A 69 -10.33 -5.94 0.62
C ASN A 69 -10.45 -5.05 1.85
N VAL A 70 -9.47 -5.15 2.74
CA VAL A 70 -9.47 -4.34 3.96
C VAL A 70 -9.43 -2.86 3.64
N LEU A 71 -8.59 -2.48 2.68
CA LEU A 71 -8.45 -1.09 2.27
C LEU A 71 -9.74 -0.59 1.63
N LYS A 72 -10.46 -1.49 0.97
CA LYS A 72 -11.72 -1.15 0.31
C LYS A 72 -12.88 -1.15 1.30
N SER A 73 -12.82 -2.04 2.28
CA SER A 73 -13.86 -2.14 3.29
C SER A 73 -13.92 -0.88 4.15
N SER A 74 -12.85 -0.65 4.91
CA SER A 74 -12.79 0.51 5.78
C SER A 74 -12.42 1.77 5.00
N ARG A 75 -13.26 2.80 5.13
CA ARG A 75 -13.02 4.06 4.42
C ARG A 75 -11.88 4.83 5.08
N SER A 76 -11.89 4.87 6.41
CA SER A 76 -10.85 5.57 7.17
C SER A 76 -10.04 4.59 8.01
N LEU A 77 -8.88 4.20 7.49
CA LEU A 77 -8.01 3.26 8.19
C LEU A 77 -6.59 3.78 8.30
N THR A 78 -5.92 3.45 9.40
CA THR A 78 -4.55 3.87 9.63
C THR A 78 -3.58 2.81 9.13
N ILE A 79 -2.77 3.16 8.14
CA ILE A 79 -1.81 2.22 7.58
C ILE A 79 -0.37 2.65 7.84
N SER A 80 0.42 1.73 8.36
CA SER A 80 1.82 2.00 8.66
C SER A 80 2.72 1.40 7.58
N ILE A 81 3.34 2.26 6.79
CA ILE A 81 4.21 1.83 5.71
C ILE A 81 5.67 2.16 6.01
N VAL A 82 6.58 1.31 5.55
CA VAL A 82 8.00 1.53 5.77
C VAL A 82 8.73 1.71 4.44
N ALA A 83 9.24 2.91 4.22
CA ALA A 83 9.96 3.23 3.00
C ALA A 83 11.14 2.30 2.78
N ALA A 84 11.35 1.92 1.52
CA ALA A 84 12.45 1.01 1.14
C ALA A 84 12.07 -0.45 1.33
N ALA A 85 11.06 -0.71 2.15
CA ALA A 85 10.61 -2.08 2.40
C ALA A 85 10.19 -2.76 1.10
N GLY A 86 9.89 -1.96 0.09
CA GLY A 86 9.47 -2.48 -1.19
C GLY A 86 10.45 -2.16 -2.31
N ARG A 87 11.11 -1.01 -2.18
CA ARG A 87 12.07 -0.55 -3.18
C ARG A 87 13.15 -1.58 -3.44
N GLU A 88 13.55 -2.31 -2.41
CA GLU A 88 14.59 -3.34 -2.54
C GLU A 88 14.30 -4.22 -3.76
N LEU A 89 13.05 -4.60 -3.93
CA LEU A 89 12.65 -5.44 -5.05
C LEU A 89 12.70 -4.65 -6.36
N PHE A 90 12.08 -3.46 -6.35
CA PHE A 90 12.05 -2.60 -7.53
C PHE A 90 13.45 -2.33 -8.06
N MET A 91 14.44 -2.37 -7.16
CA MET A 91 15.83 -2.13 -7.54
C MET A 91 16.28 -3.10 -8.63
N THR A 92 16.76 -2.55 -9.74
CA THR A 92 17.22 -3.37 -10.86
C THR A 92 18.72 -3.65 -10.74
N THR B 1 9.80 -12.56 -12.36
CA THR B 1 8.44 -13.07 -12.50
C THR B 1 7.43 -11.93 -12.49
N PRO B 2 6.31 -12.09 -13.23
CA PRO B 2 5.27 -11.06 -13.30
C PRO B 2 4.49 -10.93 -11.99
N LEU B 3 3.92 -9.75 -11.76
CA LEU B 3 3.16 -9.49 -10.55
C LEU B 3 1.89 -8.70 -10.86
N GLU B 4 0.85 -8.93 -10.07
CA GLU B 4 -0.42 -8.23 -10.27
C GLU B 4 -0.44 -6.91 -9.49
N ILE B 5 -1.31 -6.00 -9.92
CA ILE B 5 -1.43 -4.70 -9.27
C ILE B 5 -2.89 -4.30 -9.10
N THR B 6 -3.18 -3.58 -8.02
CA THR B 6 -4.55 -3.14 -7.74
C THR B 6 -4.59 -1.63 -7.54
N GLU B 7 -5.73 -1.03 -7.86
CA GLU B 7 -5.91 0.41 -7.73
C GLU B 7 -6.73 0.75 -6.48
N LEU B 8 -6.06 1.30 -5.47
CA LEU B 8 -6.73 1.66 -4.22
C LEU B 8 -7.15 3.13 -4.24
N LYS A 1 13.05 3.41 11.34
CA LYS A 1 12.68 3.22 9.91
C LYS A 1 11.24 2.73 9.77
N GLU A 2 10.29 3.65 9.89
CA GLU A 2 8.88 3.32 9.77
C GLU A 2 8.05 4.56 9.47
N LYS A 3 7.37 4.56 8.33
CA LYS A 3 6.55 5.69 7.93
C LYS A 3 5.07 5.43 8.22
N LYS A 4 4.51 6.21 9.13
CA LYS A 4 3.10 6.05 9.50
C LYS A 4 2.20 6.86 8.57
N VAL A 5 1.03 6.30 8.25
CA VAL A 5 0.09 6.97 7.37
C VAL A 5 -1.35 6.60 7.73
N PHE A 6 -2.29 7.45 7.31
CA PHE A 6 -3.70 7.21 7.58
C PHE A 6 -4.56 7.60 6.39
N ILE A 7 -5.24 6.62 5.81
CA ILE A 7 -6.10 6.86 4.64
C ILE A 7 -7.57 6.90 5.05
N SER A 8 -8.30 7.89 4.52
CA SER A 8 -9.70 8.05 4.82
C SER A 8 -10.49 8.43 3.56
N LEU A 9 -11.58 7.73 3.31
CA LEU A 9 -12.41 7.99 2.14
C LEU A 9 -13.23 9.26 2.32
N VAL A 10 -13.26 10.10 1.30
CA VAL A 10 -14.00 11.36 1.35
C VAL A 10 -15.25 11.27 0.47
N GLY A 11 -15.75 12.43 0.03
CA GLY A 11 -16.95 12.46 -0.81
C GLY A 11 -16.90 11.43 -1.93
N SER A 12 -15.76 11.34 -2.61
CA SER A 12 -15.60 10.39 -3.71
C SER A 12 -14.13 10.20 -4.07
N ARG A 13 -13.37 9.66 -3.13
CA ARG A 13 -11.93 9.43 -3.34
C ARG A 13 -11.43 8.32 -2.42
N GLY A 14 -11.11 7.17 -3.01
CA GLY A 14 -10.61 6.05 -2.22
C GLY A 14 -9.24 6.32 -1.63
N LEU A 15 -8.21 6.23 -2.47
CA LEU A 15 -6.85 6.45 -2.02
C LEU A 15 -6.06 7.27 -3.04
N GLY A 16 -5.88 6.70 -4.23
CA GLY A 16 -5.14 7.38 -5.28
C GLY A 16 -3.81 6.71 -5.58
N CYS A 17 -3.71 5.42 -5.25
CA CYS A 17 -2.49 4.66 -5.47
C CYS A 17 -2.81 3.19 -5.72
N SER A 18 -1.83 2.45 -6.25
CA SER A 18 -2.01 1.04 -6.53
C SER A 18 -1.08 0.21 -5.64
N ILE A 19 -1.25 -1.10 -5.69
CA ILE A 19 -0.42 -2.00 -4.88
C ILE A 19 0.03 -3.21 -5.70
N SER A 20 1.23 -3.69 -5.39
CA SER A 20 1.80 -4.85 -6.08
C SER A 20 2.20 -5.93 -5.09
N SER A 21 2.37 -7.15 -5.59
CA SER A 21 2.75 -8.27 -4.74
C SER A 21 4.21 -8.62 -4.95
N GLY A 22 4.88 -9.04 -3.87
CA GLY A 22 6.28 -9.39 -3.96
C GLY A 22 6.50 -10.85 -4.30
N PRO A 23 7.75 -11.24 -4.60
CA PRO A 23 8.09 -12.63 -4.95
C PRO A 23 7.84 -13.60 -3.79
N ILE A 24 8.40 -14.79 -3.90
CA ILE A 24 8.24 -15.80 -2.87
C ILE A 24 9.20 -15.59 -1.72
N GLN A 25 10.36 -15.00 -2.02
CA GLN A 25 11.37 -14.72 -1.02
C GLN A 25 10.99 -13.52 -0.17
N LYS A 26 10.26 -12.58 -0.77
CA LYS A 26 9.83 -11.38 -0.06
C LYS A 26 8.41 -10.99 -0.47
N PRO A 27 7.43 -11.87 -0.22
CA PRO A 27 6.03 -11.62 -0.56
C PRO A 27 5.37 -10.63 0.40
N GLY A 28 4.43 -9.85 -0.12
CA GLY A 28 3.74 -8.88 0.71
C GLY A 28 3.06 -7.80 -0.12
N ILE A 29 2.33 -6.92 0.56
CA ILE A 29 1.62 -5.84 -0.12
C ILE A 29 2.54 -4.62 -0.31
N PHE A 30 2.84 -4.31 -1.57
CA PHE A 30 3.71 -3.18 -1.87
C PHE A 30 2.91 -2.03 -2.50
N ILE A 31 3.58 -0.92 -2.72
CA ILE A 31 2.94 0.26 -3.30
C ILE A 31 3.38 0.48 -4.74
N SER A 32 2.42 0.76 -5.60
CA SER A 32 2.69 1.01 -7.01
C SER A 32 2.55 2.49 -7.32
N HIS A 33 2.56 2.83 -8.62
CA HIS A 33 2.42 4.22 -9.05
C HIS A 33 1.31 4.94 -8.30
N VAL A 34 1.45 6.26 -8.18
CA VAL A 34 0.45 7.07 -7.47
C VAL A 34 -0.07 8.20 -8.35
N LYS A 35 -1.25 8.71 -8.02
CA LYS A 35 -1.86 9.80 -8.78
C LYS A 35 -2.10 11.01 -7.89
N PRO A 36 -1.83 12.22 -8.40
CA PRO A 36 -2.03 13.46 -7.63
C PRO A 36 -3.51 13.74 -7.38
N GLY A 37 -3.79 14.50 -6.32
CA GLY A 37 -5.16 14.83 -5.98
C GLY A 37 -5.90 13.66 -5.36
N SER A 38 -5.31 13.07 -4.32
CA SER A 38 -5.92 11.94 -3.64
C SER A 38 -5.37 11.82 -2.22
N LEU A 39 -5.70 10.71 -1.55
CA LEU A 39 -5.23 10.47 -0.19
C LEU A 39 -3.77 10.05 -0.18
N SER A 40 -3.43 9.12 -1.07
CA SER A 40 -2.05 8.62 -1.17
C SER A 40 -1.07 9.77 -1.38
N ALA A 41 -1.41 10.68 -2.29
CA ALA A 41 -0.56 11.82 -2.59
C ALA A 41 -0.46 12.76 -1.39
N GLU A 42 -1.60 12.99 -0.73
CA GLU A 42 -1.65 13.87 0.42
C GLU A 42 -0.73 13.36 1.54
N VAL A 43 -0.73 12.05 1.73
CA VAL A 43 0.10 11.43 2.77
C VAL A 43 1.55 11.36 2.33
N GLY A 44 1.78 11.30 1.03
CA GLY A 44 3.14 11.24 0.51
C GLY A 44 3.57 9.82 0.19
N LEU A 45 2.81 9.16 -0.69
CA LEU A 45 3.12 7.79 -1.08
C LEU A 45 3.86 7.76 -2.41
N GLU A 46 4.59 6.68 -2.65
CA GLU A 46 5.34 6.52 -3.89
C GLU A 46 5.75 5.07 -4.09
N ILE A 47 6.07 4.71 -5.33
CA ILE A 47 6.46 3.34 -5.65
C ILE A 47 7.66 2.91 -4.79
N GLY A 48 7.78 1.61 -4.57
CA GLY A 48 8.87 1.10 -3.75
C GLY A 48 8.46 0.91 -2.31
N ASP A 49 7.44 1.64 -1.88
CA ASP A 49 6.95 1.53 -0.51
C ASP A 49 6.21 0.22 -0.30
N GLN A 50 6.08 -0.21 0.95
CA GLN A 50 5.39 -1.45 1.26
C GLN A 50 4.66 -1.35 2.60
N ILE A 51 3.35 -1.53 2.58
CA ILE A 51 2.55 -1.47 3.79
C ILE A 51 2.84 -2.67 4.70
N VAL A 52 3.36 -2.39 5.88
CA VAL A 52 3.69 -3.44 6.83
C VAL A 52 2.59 -3.65 7.87
N GLU A 53 1.58 -2.79 7.84
CA GLU A 53 0.46 -2.90 8.78
C GLU A 53 -0.70 -2.02 8.36
N VAL A 54 -1.92 -2.46 8.67
CA VAL A 54 -3.12 -1.72 8.33
C VAL A 54 -4.20 -1.91 9.39
N ASN A 55 -4.47 -0.86 10.15
CA ASN A 55 -5.49 -0.91 11.20
C ASN A 55 -5.17 -2.02 12.20
N GLY A 56 -3.89 -2.30 12.39
CA GLY A 56 -3.48 -3.33 13.32
C GLY A 56 -3.22 -4.66 12.64
N VAL A 57 -3.91 -4.90 11.52
CA VAL A 57 -3.74 -6.13 10.78
C VAL A 57 -2.31 -6.29 10.28
N ASP A 58 -1.77 -7.50 10.38
CA ASP A 58 -0.42 -7.79 9.94
C ASP A 58 -0.35 -7.92 8.43
N PHE A 59 0.29 -6.97 7.78
CA PHE A 59 0.43 -6.98 6.32
C PHE A 59 1.70 -7.70 5.88
N SER A 60 2.35 -8.38 6.83
CA SER A 60 3.58 -9.11 6.53
C SER A 60 3.27 -10.39 5.77
N ASN A 61 2.15 -11.01 6.11
CA ASN A 61 1.73 -12.26 5.46
C ASN A 61 0.30 -12.13 4.92
N LEU A 62 -0.08 -10.92 4.56
CA LEU A 62 -1.42 -10.67 4.04
C LEU A 62 -1.46 -10.88 2.53
N ASP A 63 -2.61 -11.31 2.03
CA ASP A 63 -2.79 -11.55 0.60
C ASP A 63 -3.10 -10.25 -0.14
N HIS A 64 -2.96 -10.28 -1.46
CA HIS A 64 -3.23 -9.10 -2.27
C HIS A 64 -4.67 -8.66 -2.12
N LYS A 65 -5.60 -9.56 -2.41
CA LYS A 65 -7.02 -9.26 -2.32
C LYS A 65 -7.39 -8.81 -0.91
N GLU A 66 -6.81 -9.46 0.10
CA GLU A 66 -7.06 -9.12 1.49
C GLU A 66 -6.69 -7.67 1.77
N ALA A 67 -5.56 -7.23 1.21
CA ALA A 67 -5.08 -5.88 1.41
C ALA A 67 -6.06 -4.86 0.82
N VAL A 68 -6.51 -5.14 -0.40
CA VAL A 68 -7.45 -4.25 -1.08
C VAL A 68 -8.83 -4.28 -0.40
N ASN A 69 -9.21 -5.46 0.09
CA ASN A 69 -10.50 -5.63 0.75
C ASN A 69 -10.58 -4.77 2.02
N VAL A 70 -9.57 -4.90 2.88
CA VAL A 70 -9.54 -4.14 4.12
C VAL A 70 -9.49 -2.64 3.85
N LEU A 71 -8.64 -2.25 2.90
CA LEU A 71 -8.50 -0.83 2.55
C LEU A 71 -9.80 -0.30 1.98
N LYS A 72 -10.55 -1.17 1.30
CA LYS A 72 -11.82 -0.78 0.70
C LYS A 72 -12.95 -0.82 1.72
N SER A 73 -12.86 -1.77 2.65
CA SER A 73 -13.87 -1.92 3.69
C SER A 73 -13.96 -0.67 4.56
N SER A 74 -12.88 -0.35 5.24
CA SER A 74 -12.85 0.82 6.12
C SER A 74 -12.53 2.09 5.33
N ARG A 75 -13.30 3.15 5.60
CA ARG A 75 -13.10 4.42 4.92
C ARG A 75 -12.27 5.37 5.79
N SER A 76 -11.46 4.80 6.66
CA SER A 76 -10.60 5.59 7.56
C SER A 76 -9.74 4.66 8.41
N LEU A 77 -8.75 4.05 7.78
CA LEU A 77 -7.86 3.13 8.48
C LEU A 77 -6.43 3.65 8.50
N THR A 78 -5.71 3.36 9.58
CA THR A 78 -4.33 3.78 9.72
C THR A 78 -3.40 2.71 9.18
N ILE A 79 -2.66 3.06 8.13
CA ILE A 79 -1.73 2.12 7.51
C ILE A 79 -0.28 2.50 7.76
N SER A 80 0.51 1.55 8.25
CA SER A 80 1.92 1.79 8.53
C SER A 80 2.79 1.23 7.42
N ILE A 81 3.59 2.10 6.81
CA ILE A 81 4.48 1.70 5.72
C ILE A 81 5.90 2.14 5.99
N VAL A 82 6.87 1.35 5.53
CA VAL A 82 8.27 1.68 5.73
C VAL A 82 8.97 1.89 4.39
N ALA A 83 9.47 3.10 4.17
CA ALA A 83 10.15 3.45 2.92
C ALA A 83 11.32 2.51 2.64
N ALA A 84 11.42 2.09 1.38
CA ALA A 84 12.50 1.19 0.94
C ALA A 84 12.18 -0.28 1.22
N ALA A 85 11.22 -0.53 2.10
CA ALA A 85 10.85 -1.91 2.43
C ALA A 85 10.40 -2.66 1.19
N GLY A 86 10.03 -1.92 0.14
CA GLY A 86 9.58 -2.51 -1.10
C GLY A 86 10.54 -2.25 -2.25
N ARG A 87 11.23 -1.12 -2.19
CA ARG A 87 12.17 -0.74 -3.23
C ARG A 87 13.23 -1.81 -3.47
N GLU A 88 13.63 -2.49 -2.40
CA GLU A 88 14.65 -3.54 -2.51
C GLU A 88 14.31 -4.49 -3.65
N LEU A 89 13.07 -4.96 -3.67
CA LEU A 89 12.62 -5.87 -4.73
C LEU A 89 12.45 -5.12 -6.04
N PHE A 90 11.82 -3.95 -5.99
CA PHE A 90 11.60 -3.14 -7.18
C PHE A 90 12.90 -2.85 -7.91
N MET A 91 14.00 -2.82 -7.16
CA MET A 91 15.31 -2.54 -7.75
C MET A 91 15.62 -3.53 -8.87
N THR A 92 15.95 -2.99 -10.04
CA THR A 92 16.27 -3.81 -11.21
C THR A 92 17.78 -3.82 -11.45
N THR B 1 8.34 -11.17 -15.92
CA THR B 1 7.23 -10.24 -16.13
C THR B 1 6.96 -9.44 -14.86
N PRO B 2 6.29 -8.28 -14.99
CA PRO B 2 5.97 -7.42 -13.85
C PRO B 2 4.92 -8.04 -12.94
N LEU B 3 5.07 -7.81 -11.64
CA LEU B 3 4.13 -8.36 -10.66
C LEU B 3 2.75 -7.73 -10.83
N GLU B 4 1.74 -8.40 -10.30
CA GLU B 4 0.36 -7.92 -10.38
C GLU B 4 0.22 -6.54 -9.74
N ILE B 5 -0.75 -5.77 -10.19
CA ILE B 5 -0.99 -4.44 -9.66
C ILE B 5 -2.48 -4.16 -9.49
N THR B 6 -2.85 -3.60 -8.35
CA THR B 6 -4.25 -3.28 -8.06
C THR B 6 -4.40 -1.82 -7.69
N GLU B 7 -5.46 -1.19 -8.20
CA GLU B 7 -5.72 0.23 -7.92
C GLU B 7 -6.65 0.38 -6.73
N LEU B 8 -6.37 1.37 -5.89
CA LEU B 8 -7.19 1.63 -4.71
C LEU B 8 -7.65 3.08 -4.67
N LYS A 1 12.51 2.58 12.37
CA LYS A 1 12.48 2.49 10.88
C LYS A 1 11.10 2.08 10.37
N GLU A 2 10.13 2.97 10.52
CA GLU A 2 8.77 2.70 10.07
C GLU A 2 8.01 4.01 9.85
N LYS A 3 7.39 4.13 8.68
CA LYS A 3 6.63 5.33 8.34
C LYS A 3 5.14 5.14 8.63
N LYS A 4 4.52 6.16 9.22
CA LYS A 4 3.10 6.10 9.55
C LYS A 4 2.27 6.86 8.52
N VAL A 5 1.16 6.26 8.10
CA VAL A 5 0.29 6.88 7.12
C VAL A 5 -1.18 6.61 7.44
N PHE A 6 -2.03 7.61 7.17
CA PHE A 6 -3.46 7.49 7.43
C PHE A 6 -4.27 7.85 6.19
N ILE A 7 -5.13 6.94 5.76
CA ILE A 7 -5.96 7.17 4.58
C ILE A 7 -7.44 7.19 4.94
N SER A 8 -8.11 8.27 4.59
CA SER A 8 -9.54 8.42 4.87
C SER A 8 -10.33 8.61 3.59
N LEU A 9 -11.10 7.60 3.21
CA LEU A 9 -11.91 7.66 2.00
C LEU A 9 -13.21 8.42 2.24
N VAL A 10 -13.09 9.67 2.67
CA VAL A 10 -14.26 10.51 2.94
C VAL A 10 -13.89 11.98 2.93
N GLY A 11 -12.99 12.37 2.05
CA GLY A 11 -12.57 13.75 1.95
C GLY A 11 -12.99 14.41 0.66
N SER A 12 -12.53 13.85 -0.46
CA SER A 12 -12.87 14.38 -1.77
C SER A 12 -12.69 13.32 -2.85
N ARG A 13 -11.57 12.62 -2.79
CA ARG A 13 -11.26 11.58 -3.77
C ARG A 13 -10.67 10.35 -3.08
N GLY A 14 -10.61 9.24 -3.81
CA GLY A 14 -10.07 8.01 -3.25
C GLY A 14 -8.63 8.18 -2.78
N LEU A 15 -7.95 7.07 -2.57
CA LEU A 15 -6.57 7.08 -2.12
C LEU A 15 -5.65 7.52 -3.26
N GLY A 16 -6.06 7.22 -4.49
CA GLY A 16 -5.26 7.59 -5.65
C GLY A 16 -3.90 6.91 -5.65
N CYS A 17 -3.90 5.59 -5.50
CA CYS A 17 -2.66 4.82 -5.48
C CYS A 17 -2.94 3.35 -5.74
N SER A 18 -1.93 2.63 -6.21
CA SER A 18 -2.06 1.21 -6.50
C SER A 18 -1.16 0.40 -5.58
N ILE A 19 -1.28 -0.92 -5.65
CA ILE A 19 -0.47 -1.81 -4.81
C ILE A 19 -0.05 -3.06 -5.57
N SER A 20 1.22 -3.41 -5.46
CA SER A 20 1.77 -4.58 -6.13
C SER A 20 2.09 -5.67 -5.12
N SER A 21 2.24 -6.90 -5.61
CA SER A 21 2.55 -8.03 -4.74
C SER A 21 4.02 -8.42 -4.89
N GLY A 22 4.62 -8.87 -3.79
CA GLY A 22 6.02 -9.26 -3.83
C GLY A 22 6.22 -10.71 -4.20
N PRO A 23 7.43 -11.08 -4.65
CA PRO A 23 7.75 -12.45 -5.05
C PRO A 23 7.85 -13.38 -3.84
N ILE A 24 8.51 -14.53 -4.03
CA ILE A 24 8.67 -15.50 -2.96
C ILE A 24 9.77 -15.08 -2.00
N GLN A 25 10.76 -14.34 -2.51
CA GLN A 25 11.87 -13.87 -1.69
C GLN A 25 11.39 -12.88 -0.64
N LYS A 26 10.35 -12.11 -0.99
CA LYS A 26 9.80 -11.13 -0.08
C LYS A 26 8.34 -10.83 -0.40
N PRO A 27 7.43 -11.76 -0.07
CA PRO A 27 6.00 -11.60 -0.33
C PRO A 27 5.35 -10.59 0.61
N GLY A 28 4.67 -9.60 0.02
CA GLY A 28 4.02 -8.58 0.82
C GLY A 28 3.28 -7.56 -0.02
N ILE A 29 2.66 -6.58 0.63
CA ILE A 29 1.91 -5.55 -0.08
C ILE A 29 2.79 -4.35 -0.38
N PHE A 30 2.98 -4.07 -1.67
CA PHE A 30 3.80 -2.95 -2.10
C PHE A 30 2.94 -1.83 -2.66
N ILE A 31 3.56 -0.68 -2.90
CA ILE A 31 2.85 0.48 -3.44
C ILE A 31 3.23 0.73 -4.90
N SER A 32 2.22 0.88 -5.74
CA SER A 32 2.44 1.12 -7.15
C SER A 32 2.32 2.61 -7.47
N HIS A 33 2.28 2.94 -8.75
CA HIS A 33 2.17 4.34 -9.19
C HIS A 33 1.08 5.08 -8.41
N VAL A 34 1.35 6.33 -8.08
CA VAL A 34 0.41 7.16 -7.33
C VAL A 34 -0.18 8.25 -8.22
N LYS A 35 -1.35 8.75 -7.85
CA LYS A 35 -2.02 9.80 -8.62
C LYS A 35 -2.23 11.06 -7.77
N PRO A 36 -2.13 12.25 -8.40
CA PRO A 36 -2.32 13.52 -7.71
C PRO A 36 -3.76 13.71 -7.22
N GLY A 37 -3.98 14.78 -6.46
CA GLY A 37 -5.31 15.06 -5.93
C GLY A 37 -5.93 13.85 -5.26
N SER A 38 -5.14 13.16 -4.45
CA SER A 38 -5.62 11.98 -3.74
C SER A 38 -5.12 11.98 -2.30
N LEU A 39 -5.40 10.90 -1.58
CA LEU A 39 -4.98 10.77 -0.19
C LEU A 39 -3.54 10.26 -0.12
N SER A 40 -3.19 9.38 -1.05
CA SER A 40 -1.85 8.80 -1.09
C SER A 40 -0.80 9.91 -1.19
N ALA A 41 -1.10 10.93 -1.99
CA ALA A 41 -0.19 12.05 -2.16
C ALA A 41 -0.18 12.93 -0.92
N GLU A 42 -1.37 13.13 -0.34
CA GLU A 42 -1.51 13.95 0.85
C GLU A 42 -0.69 13.38 2.00
N VAL A 43 -0.67 12.05 2.11
CA VAL A 43 0.07 11.38 3.17
C VAL A 43 1.55 11.26 2.80
N GLY A 44 1.83 11.18 1.51
CA GLY A 44 3.20 11.07 1.04
C GLY A 44 3.56 9.65 0.65
N LEU A 45 2.91 9.15 -0.39
CA LEU A 45 3.15 7.79 -0.88
C LEU A 45 3.90 7.82 -2.21
N GLU A 46 4.46 6.67 -2.59
CA GLU A 46 5.20 6.56 -3.85
C GLU A 46 5.57 5.11 -4.12
N ILE A 47 5.92 4.82 -5.37
CA ILE A 47 6.30 3.47 -5.77
C ILE A 47 7.51 2.99 -4.98
N GLY A 48 7.49 1.72 -4.58
CA GLY A 48 8.59 1.17 -3.82
C GLY A 48 8.22 0.89 -2.37
N ASP A 49 7.42 1.78 -1.79
CA ASP A 49 6.99 1.64 -0.41
C ASP A 49 6.31 0.29 -0.19
N GLN A 50 6.29 -0.17 1.05
CA GLN A 50 5.67 -1.45 1.38
C GLN A 50 4.87 -1.36 2.68
N ILE A 51 3.56 -1.53 2.56
CA ILE A 51 2.68 -1.48 3.73
C ILE A 51 2.91 -2.67 4.64
N VAL A 52 3.28 -2.41 5.89
CA VAL A 52 3.53 -3.46 6.86
C VAL A 52 2.46 -3.53 7.94
N GLU A 53 1.37 -2.78 7.75
CA GLU A 53 0.28 -2.78 8.71
C GLU A 53 -0.91 -1.95 8.21
N VAL A 54 -2.11 -2.38 8.57
CA VAL A 54 -3.32 -1.68 8.16
C VAL A 54 -4.44 -1.87 9.19
N ASN A 55 -4.72 -0.81 9.95
CA ASN A 55 -5.77 -0.86 10.96
C ASN A 55 -5.47 -1.94 11.99
N GLY A 56 -4.18 -2.19 12.23
CA GLY A 56 -3.79 -3.20 13.18
C GLY A 56 -3.49 -4.53 12.53
N VAL A 57 -4.14 -4.80 11.41
CA VAL A 57 -3.94 -6.05 10.68
C VAL A 57 -2.48 -6.20 10.25
N ASP A 58 -1.90 -7.36 10.55
CA ASP A 58 -0.53 -7.64 10.19
C ASP A 58 -0.38 -7.85 8.69
N PHE A 59 0.22 -6.87 8.02
CA PHE A 59 0.41 -6.94 6.57
C PHE A 59 1.67 -7.75 6.23
N SER A 60 2.36 -8.26 7.25
CA SER A 60 3.57 -9.04 7.03
C SER A 60 3.26 -10.30 6.22
N ASN A 61 2.30 -11.08 6.69
CA ASN A 61 1.91 -12.30 6.00
C ASN A 61 0.54 -12.15 5.35
N LEU A 62 0.23 -10.95 4.88
CA LEU A 62 -1.04 -10.68 4.24
C LEU A 62 -0.93 -10.85 2.72
N ASP A 63 -2.03 -11.27 2.11
CA ASP A 63 -2.05 -11.48 0.66
C ASP A 63 -2.47 -10.20 -0.07
N HIS A 64 -2.34 -10.22 -1.40
CA HIS A 64 -2.70 -9.08 -2.21
C HIS A 64 -4.18 -8.76 -2.09
N LYS A 65 -5.02 -9.77 -2.32
CA LYS A 65 -6.47 -9.61 -2.25
C LYS A 65 -6.88 -9.11 -0.87
N GLU A 66 -6.21 -9.61 0.17
CA GLU A 66 -6.51 -9.22 1.54
C GLU A 66 -6.21 -7.73 1.76
N ALA A 67 -5.14 -7.25 1.14
CA ALA A 67 -4.74 -5.86 1.27
C ALA A 67 -5.75 -4.93 0.60
N VAL A 68 -6.21 -5.34 -0.58
CA VAL A 68 -7.19 -4.54 -1.33
C VAL A 68 -8.55 -4.56 -0.65
N ASN A 69 -9.00 -5.75 -0.27
CA ASN A 69 -10.29 -5.91 0.39
C ASN A 69 -10.39 -5.02 1.63
N VAL A 70 -9.43 -5.18 2.55
CA VAL A 70 -9.42 -4.39 3.78
C VAL A 70 -9.37 -2.90 3.47
N LEU A 71 -8.51 -2.52 2.54
CA LEU A 71 -8.36 -1.12 2.16
C LEU A 71 -9.64 -0.60 1.49
N LYS A 72 -10.35 -1.50 0.81
CA LYS A 72 -11.59 -1.14 0.14
C LYS A 72 -12.76 -1.14 1.13
N SER A 73 -12.67 -2.00 2.14
CA SER A 73 -13.73 -2.10 3.15
C SER A 73 -13.80 -0.84 4.00
N SER A 74 -12.76 -0.62 4.79
CA SER A 74 -12.71 0.55 5.67
C SER A 74 -12.17 1.77 4.93
N ARG A 75 -12.70 2.94 5.27
CA ARG A 75 -12.30 4.19 4.63
C ARG A 75 -11.17 4.85 5.44
N SER A 76 -11.44 5.13 6.70
CA SER A 76 -10.47 5.76 7.58
C SER A 76 -9.62 4.70 8.28
N LEU A 77 -8.66 4.13 7.55
CA LEU A 77 -7.79 3.10 8.10
C LEU A 77 -6.36 3.60 8.22
N THR A 78 -5.71 3.25 9.33
CA THR A 78 -4.33 3.64 9.56
C THR A 78 -3.37 2.57 9.07
N ILE A 79 -2.56 2.92 8.07
CA ILE A 79 -1.62 1.97 7.50
C ILE A 79 -0.17 2.33 7.84
N SER A 80 0.56 1.37 8.38
CA SER A 80 1.95 1.57 8.74
C SER A 80 2.87 1.06 7.65
N ILE A 81 3.42 1.98 6.87
CA ILE A 81 4.32 1.63 5.78
C ILE A 81 5.77 1.94 6.14
N VAL A 82 6.70 1.19 5.56
CA VAL A 82 8.11 1.39 5.82
C VAL A 82 8.87 1.60 4.52
N ALA A 83 9.41 2.80 4.34
CA ALA A 83 10.16 3.15 3.14
C ALA A 83 11.30 2.17 2.88
N ALA A 84 11.45 1.76 1.62
CA ALA A 84 12.51 0.83 1.22
C ALA A 84 12.10 -0.63 1.43
N ALA A 85 11.11 -0.87 2.30
CA ALA A 85 10.65 -2.22 2.56
C ALA A 85 10.17 -2.90 1.28
N GLY A 86 9.84 -2.09 0.28
CA GLY A 86 9.37 -2.61 -0.99
C GLY A 86 10.30 -2.26 -2.14
N ARG A 87 10.98 -1.13 -2.03
CA ARG A 87 11.89 -0.67 -3.07
C ARG A 87 12.93 -1.72 -3.40
N GLU A 88 13.36 -2.47 -2.38
CA GLU A 88 14.34 -3.52 -2.57
C GLU A 88 13.88 -4.48 -3.67
N LEU A 89 12.57 -4.73 -3.69
CA LEU A 89 11.98 -5.61 -4.69
C LEU A 89 11.98 -4.96 -6.07
N PHE A 90 11.41 -3.77 -6.16
CA PHE A 90 11.34 -3.03 -7.41
C PHE A 90 12.71 -2.92 -8.07
N MET A 91 13.75 -2.90 -7.24
CA MET A 91 15.12 -2.81 -7.75
C MET A 91 15.54 -4.10 -8.44
N THR A 92 15.91 -4.00 -9.70
CA THR A 92 16.33 -5.16 -10.48
C THR A 92 17.76 -5.56 -10.13
N THR B 1 7.18 -15.91 -12.30
CA THR B 1 5.80 -15.64 -12.67
C THR B 1 5.48 -14.15 -12.54
N PRO B 2 4.57 -13.64 -13.38
CA PRO B 2 4.17 -12.22 -13.36
C PRO B 2 3.62 -11.81 -12.00
N LEU B 3 3.42 -10.51 -11.83
CA LEU B 3 2.89 -9.97 -10.57
C LEU B 3 1.57 -9.24 -10.82
N GLU B 4 0.70 -9.26 -9.82
CA GLU B 4 -0.60 -8.61 -9.91
C GLU B 4 -0.54 -7.19 -9.35
N ILE B 5 -1.47 -6.35 -9.78
CA ILE B 5 -1.54 -4.97 -9.32
C ILE B 5 -2.98 -4.47 -9.25
N THR B 6 -3.35 -3.89 -8.12
CA THR B 6 -4.69 -3.38 -7.93
C THR B 6 -4.68 -1.86 -7.76
N GLU B 7 -5.77 -1.21 -8.17
CA GLU B 7 -5.88 0.23 -8.07
C GLU B 7 -6.79 0.63 -6.90
N LEU B 8 -6.28 1.48 -6.02
CA LEU B 8 -7.04 1.93 -4.87
C LEU B 8 -7.41 3.40 -5.00
N LYS A 1 13.01 3.93 9.68
CA LYS A 1 12.64 2.58 10.19
C LYS A 1 11.18 2.25 9.86
N GLU A 2 10.28 3.15 10.24
CA GLU A 2 8.86 2.94 9.99
C GLU A 2 8.17 4.26 9.64
N LYS A 3 7.25 4.22 8.69
CA LYS A 3 6.53 5.40 8.26
C LYS A 3 5.02 5.22 8.47
N LYS A 4 4.45 6.06 9.33
CA LYS A 4 3.02 5.99 9.62
C LYS A 4 2.22 6.80 8.60
N VAL A 5 1.04 6.29 8.24
CA VAL A 5 0.18 6.96 7.28
C VAL A 5 -1.29 6.70 7.57
N PHE A 6 -2.12 7.67 7.22
CA PHE A 6 -3.56 7.56 7.44
C PHE A 6 -4.34 7.88 6.17
N ILE A 7 -5.15 6.93 5.72
CA ILE A 7 -5.95 7.12 4.51
C ILE A 7 -7.42 7.23 4.83
N SER A 8 -8.06 8.27 4.30
CA SER A 8 -9.49 8.50 4.54
C SER A 8 -10.16 9.02 3.26
N LEU A 9 -11.41 8.62 3.06
CA LEU A 9 -12.16 9.04 1.88
C LEU A 9 -12.37 10.55 1.89
N VAL A 10 -12.75 11.09 3.05
CA VAL A 10 -12.99 12.52 3.19
C VAL A 10 -14.23 12.96 2.42
N GLY A 11 -14.14 12.90 1.10
CA GLY A 11 -15.26 13.29 0.26
C GLY A 11 -15.69 12.19 -0.70
N SER A 12 -15.03 12.11 -1.84
CA SER A 12 -15.34 11.10 -2.84
C SER A 12 -14.06 10.56 -3.48
N ARG A 13 -12.98 10.52 -2.69
CA ARG A 13 -11.70 10.02 -3.18
C ARG A 13 -11.20 8.88 -2.30
N GLY A 14 -11.08 7.70 -2.88
CA GLY A 14 -10.61 6.54 -2.13
C GLY A 14 -9.24 6.77 -1.51
N LEU A 15 -8.19 6.48 -2.29
CA LEU A 15 -6.83 6.65 -1.82
C LEU A 15 -5.98 7.38 -2.87
N GLY A 16 -6.07 6.92 -4.11
CA GLY A 16 -5.31 7.53 -5.18
C GLY A 16 -3.98 6.84 -5.41
N CYS A 17 -3.93 5.55 -5.12
CA CYS A 17 -2.72 4.76 -5.29
C CYS A 17 -3.03 3.28 -5.47
N SER A 18 -2.11 2.55 -6.08
CA SER A 18 -2.29 1.12 -6.31
C SER A 18 -1.27 0.32 -5.50
N ILE A 19 -1.41 -1.00 -5.53
CA ILE A 19 -0.50 -1.87 -4.80
C ILE A 19 -0.12 -3.10 -5.63
N SER A 20 1.05 -3.66 -5.36
CA SER A 20 1.52 -4.83 -6.09
C SER A 20 2.14 -5.86 -5.14
N SER A 21 2.25 -7.09 -5.62
CA SER A 21 2.83 -8.17 -4.82
C SER A 21 4.24 -8.51 -5.28
N GLY A 22 5.05 -9.06 -4.38
CA GLY A 22 6.42 -9.41 -4.73
C GLY A 22 6.63 -10.92 -4.82
N PRO A 23 7.87 -11.36 -5.07
CA PRO A 23 8.20 -12.78 -5.19
C PRO A 23 8.05 -13.52 -3.86
N ILE A 24 8.58 -14.73 -3.80
CA ILE A 24 8.49 -15.54 -2.59
C ILE A 24 9.63 -15.21 -1.62
N GLN A 25 10.72 -14.67 -2.15
CA GLN A 25 11.88 -14.31 -1.33
C GLN A 25 11.55 -13.12 -0.45
N LYS A 26 10.68 -12.24 -0.93
CA LYS A 26 10.28 -11.05 -0.18
C LYS A 26 8.83 -10.69 -0.46
N PRO A 27 7.88 -11.52 0.01
CA PRO A 27 6.45 -11.28 -0.19
C PRO A 27 5.92 -10.14 0.68
N GLY A 28 5.00 -9.36 0.13
CA GLY A 28 4.43 -8.25 0.87
C GLY A 28 3.66 -7.29 -0.03
N ILE A 29 2.84 -6.45 0.58
CA ILE A 29 2.06 -5.48 -0.17
C ILE A 29 2.89 -4.25 -0.51
N PHE A 30 3.13 -4.04 -1.80
CA PHE A 30 3.92 -2.91 -2.26
C PHE A 30 3.02 -1.77 -2.76
N ILE A 31 3.63 -0.63 -3.05
CA ILE A 31 2.90 0.52 -3.53
C ILE A 31 3.20 0.77 -5.02
N SER A 32 2.14 0.74 -5.83
CA SER A 32 2.26 0.97 -7.25
C SER A 32 2.12 2.45 -7.59
N HIS A 33 1.99 2.76 -8.87
CA HIS A 33 1.86 4.15 -9.33
C HIS A 33 0.87 4.92 -8.48
N VAL A 34 1.20 6.18 -8.19
CA VAL A 34 0.35 7.04 -7.38
C VAL A 34 -0.08 8.27 -8.17
N LYS A 35 -1.34 8.67 -8.00
CA LYS A 35 -1.87 9.84 -8.71
C LYS A 35 -1.99 11.03 -7.78
N PRO A 36 -1.85 12.26 -8.32
CA PRO A 36 -1.94 13.49 -7.53
C PRO A 36 -3.35 13.76 -7.04
N GLY A 37 -3.49 14.72 -6.12
CA GLY A 37 -4.80 15.05 -5.59
C GLY A 37 -5.50 13.85 -5.01
N SER A 38 -4.89 13.23 -3.99
CA SER A 38 -5.46 12.05 -3.35
C SER A 38 -4.89 11.86 -1.95
N LEU A 39 -5.30 10.79 -1.28
CA LEU A 39 -4.83 10.49 0.06
C LEU A 39 -3.37 10.03 0.03
N SER A 40 -3.08 9.07 -0.85
CA SER A 40 -1.73 8.55 -0.98
C SER A 40 -0.74 9.67 -1.29
N ALA A 41 -1.16 10.61 -2.12
CA ALA A 41 -0.31 11.74 -2.50
C ALA A 41 -0.16 12.72 -1.35
N GLU A 42 -1.24 12.93 -0.61
CA GLU A 42 -1.23 13.85 0.53
C GLU A 42 -0.34 13.32 1.64
N VAL A 43 -0.44 12.03 1.91
CA VAL A 43 0.37 11.41 2.95
C VAL A 43 1.85 11.33 2.56
N GLY A 44 2.09 11.28 1.25
CA GLY A 44 3.46 11.21 0.77
C GLY A 44 3.88 9.81 0.39
N LEU A 45 3.07 9.17 -0.46
CA LEU A 45 3.35 7.82 -0.91
C LEU A 45 4.10 7.82 -2.24
N GLU A 46 4.76 6.71 -2.54
CA GLU A 46 5.51 6.59 -3.79
C GLU A 46 5.75 5.13 -4.14
N ILE A 47 6.01 4.86 -5.42
CA ILE A 47 6.25 3.51 -5.88
C ILE A 47 7.43 2.88 -5.15
N GLY A 48 7.27 1.61 -4.75
CA GLY A 48 8.33 0.92 -4.04
C GLY A 48 7.97 0.65 -2.60
N ASP A 49 7.29 1.60 -1.96
CA ASP A 49 6.89 1.45 -0.55
C ASP A 49 6.21 0.11 -0.32
N GLN A 50 6.08 -0.29 0.94
CA GLN A 50 5.46 -1.56 1.29
C GLN A 50 4.72 -1.45 2.62
N ILE A 51 3.39 -1.58 2.55
CA ILE A 51 2.56 -1.51 3.74
C ILE A 51 2.76 -2.73 4.63
N VAL A 52 3.15 -2.50 5.88
CA VAL A 52 3.39 -3.60 6.82
C VAL A 52 2.33 -3.64 7.93
N GLU A 53 1.32 -2.79 7.82
CA GLU A 53 0.25 -2.74 8.81
C GLU A 53 -0.92 -1.90 8.33
N VAL A 54 -2.13 -2.29 8.72
CA VAL A 54 -3.33 -1.57 8.32
C VAL A 54 -4.44 -1.75 9.36
N ASN A 55 -4.72 -0.69 10.11
CA ASN A 55 -5.76 -0.72 11.13
C ASN A 55 -5.48 -1.82 12.15
N GLY A 56 -4.20 -2.10 12.38
CA GLY A 56 -3.82 -3.13 13.32
C GLY A 56 -3.56 -4.46 12.66
N VAL A 57 -4.21 -4.70 11.53
CA VAL A 57 -4.04 -5.95 10.79
C VAL A 57 -2.59 -6.10 10.31
N ASP A 58 -1.99 -7.24 10.62
CA ASP A 58 -0.62 -7.51 10.21
C ASP A 58 -0.53 -7.77 8.71
N PHE A 59 0.22 -6.93 8.00
CA PHE A 59 0.38 -7.07 6.56
C PHE A 59 1.65 -7.84 6.23
N SER A 60 2.14 -8.64 7.17
CA SER A 60 3.34 -9.43 6.97
C SER A 60 3.05 -10.65 6.09
N ASN A 61 2.10 -11.47 6.54
CA ASN A 61 1.71 -12.67 5.81
C ASN A 61 0.33 -12.50 5.19
N LEU A 62 -0.02 -11.26 4.86
CA LEU A 62 -1.31 -10.96 4.26
C LEU A 62 -1.26 -11.15 2.75
N ASP A 63 -2.40 -11.54 2.17
CA ASP A 63 -2.48 -11.77 0.74
C ASP A 63 -2.79 -10.46 0.00
N HIS A 64 -2.59 -10.45 -1.31
CA HIS A 64 -2.84 -9.27 -2.12
C HIS A 64 -4.30 -8.84 -2.01
N LYS A 65 -5.21 -9.76 -2.31
CA LYS A 65 -6.64 -9.48 -2.24
C LYS A 65 -7.03 -8.99 -0.86
N GLU A 66 -6.42 -9.56 0.17
CA GLU A 66 -6.71 -9.19 1.55
C GLU A 66 -6.35 -7.72 1.79
N ALA A 67 -5.21 -7.31 1.24
CA ALA A 67 -4.75 -5.93 1.39
C ALA A 67 -5.76 -4.95 0.78
N VAL A 68 -6.20 -5.26 -0.44
CA VAL A 68 -7.16 -4.41 -1.14
C VAL A 68 -8.52 -4.46 -0.47
N ASN A 69 -8.94 -5.66 -0.08
CA ASN A 69 -10.24 -5.85 0.57
C ASN A 69 -10.37 -4.96 1.80
N VAL A 70 -9.44 -5.10 2.73
CA VAL A 70 -9.46 -4.30 3.96
C VAL A 70 -9.43 -2.81 3.64
N LEU A 71 -8.53 -2.42 2.73
CA LEU A 71 -8.39 -1.02 2.34
C LEU A 71 -9.67 -0.53 1.68
N LYS A 72 -10.36 -1.43 0.98
CA LYS A 72 -11.61 -1.10 0.29
C LYS A 72 -12.78 -1.13 1.26
N SER A 73 -12.68 -1.98 2.28
CA SER A 73 -13.75 -2.11 3.27
C SER A 73 -13.90 -0.83 4.09
N SER A 74 -12.87 -0.47 4.83
CA SER A 74 -12.90 0.73 5.67
C SER A 74 -12.35 1.93 4.90
N ARG A 75 -13.00 3.08 5.09
CA ARG A 75 -12.58 4.31 4.42
C ARG A 75 -11.42 4.96 5.18
N SER A 76 -11.66 5.30 6.43
CA SER A 76 -10.63 5.92 7.27
C SER A 76 -9.86 4.85 8.05
N LEU A 77 -8.80 4.33 7.44
CA LEU A 77 -7.99 3.31 8.06
C LEU A 77 -6.53 3.75 8.16
N THR A 78 -5.92 3.53 9.33
CA THR A 78 -4.54 3.90 9.55
C THR A 78 -3.61 2.79 9.06
N ILE A 79 -2.79 3.10 8.05
CA ILE A 79 -1.88 2.13 7.49
C ILE A 79 -0.42 2.49 7.79
N SER A 80 0.35 1.48 8.22
CA SER A 80 1.75 1.68 8.54
C SER A 80 2.63 1.13 7.43
N ILE A 81 3.36 2.02 6.75
CA ILE A 81 4.23 1.62 5.66
C ILE A 81 5.69 1.88 6.02
N VAL A 82 6.58 1.09 5.43
CA VAL A 82 8.02 1.24 5.68
C VAL A 82 8.76 1.48 4.37
N ALA A 83 9.37 2.65 4.25
CA ALA A 83 10.11 3.00 3.04
C ALA A 83 11.24 2.02 2.78
N ALA A 84 11.36 1.59 1.52
CA ALA A 84 12.39 0.64 1.10
C ALA A 84 11.97 -0.81 1.32
N ALA A 85 10.99 -1.04 2.20
CA ALA A 85 10.52 -2.40 2.46
C ALA A 85 10.09 -3.09 1.17
N GLY A 86 9.72 -2.27 0.19
CA GLY A 86 9.29 -2.80 -1.10
C GLY A 86 10.19 -2.35 -2.23
N ARG A 87 10.77 -1.16 -2.07
CA ARG A 87 11.65 -0.58 -3.09
C ARG A 87 12.80 -1.52 -3.42
N GLU A 88 13.27 -2.26 -2.43
CA GLU A 88 14.38 -3.20 -2.64
C GLU A 88 14.12 -4.06 -3.87
N LEU A 89 12.93 -4.64 -3.94
CA LEU A 89 12.56 -5.49 -5.07
C LEU A 89 12.35 -4.65 -6.33
N PHE A 90 11.66 -3.52 -6.18
CA PHE A 90 11.39 -2.62 -7.29
C PHE A 90 12.68 -2.21 -7.99
N MET A 91 13.76 -2.15 -7.24
CA MET A 91 15.06 -1.77 -7.79
C MET A 91 15.48 -2.73 -8.90
N THR A 92 15.12 -4.00 -8.75
CA THR A 92 15.46 -5.02 -9.73
C THR A 92 16.97 -5.13 -9.89
N THR B 1 8.93 -7.18 -13.13
CA THR B 1 8.65 -8.61 -13.07
C THR B 1 7.15 -8.88 -13.06
N PRO B 2 6.73 -10.05 -13.57
CA PRO B 2 5.31 -10.43 -13.63
C PRO B 2 4.68 -10.53 -12.25
N LEU B 3 3.90 -9.52 -11.88
CA LEU B 3 3.24 -9.49 -10.59
C LEU B 3 1.81 -8.96 -10.72
N GLU B 4 1.10 -8.89 -9.60
CA GLU B 4 -0.27 -8.42 -9.60
C GLU B 4 -0.33 -6.93 -9.23
N ILE B 5 -1.33 -6.23 -9.74
CA ILE B 5 -1.49 -4.82 -9.46
C ILE B 5 -2.95 -4.45 -9.22
N THR B 6 -3.22 -3.81 -8.09
CA THR B 6 -4.57 -3.40 -7.74
C THR B 6 -4.64 -1.91 -7.42
N GLU B 7 -5.58 -1.21 -8.05
CA GLU B 7 -5.74 0.22 -7.83
C GLU B 7 -6.69 0.48 -6.66
N LEU B 8 -6.29 1.38 -5.77
CA LEU B 8 -7.10 1.74 -4.61
C LEU B 8 -7.63 3.16 -4.73
N LYS A 1 13.44 2.33 8.48
CA LYS A 1 12.67 3.28 9.33
C LYS A 1 11.17 3.13 9.08
N GLU A 2 10.49 2.49 10.03
CA GLU A 2 9.05 2.28 9.93
C GLU A 2 8.31 3.61 9.89
N LYS A 3 7.46 3.79 8.88
CA LYS A 3 6.69 5.02 8.74
C LYS A 3 5.21 4.76 8.91
N LYS A 4 4.48 5.75 9.40
CA LYS A 4 3.04 5.63 9.61
C LYS A 4 2.27 6.45 8.58
N VAL A 5 1.09 5.96 8.21
CA VAL A 5 0.25 6.65 7.24
C VAL A 5 -1.24 6.44 7.54
N PHE A 6 -2.02 7.49 7.34
CA PHE A 6 -3.46 7.43 7.59
C PHE A 6 -4.24 7.87 6.36
N ILE A 7 -5.04 6.96 5.82
CA ILE A 7 -5.84 7.24 4.64
C ILE A 7 -7.33 7.37 4.99
N SER A 8 -7.88 8.56 4.80
CA SER A 8 -9.28 8.81 5.10
C SER A 8 -9.95 9.58 3.97
N LEU A 9 -11.11 9.10 3.53
CA LEU A 9 -11.86 9.75 2.46
C LEU A 9 -12.35 11.13 2.90
N VAL A 10 -12.54 12.02 1.92
CA VAL A 10 -13.01 13.36 2.20
C VAL A 10 -14.25 13.69 1.37
N GLY A 11 -15.27 12.84 1.49
CA GLY A 11 -16.50 13.06 0.74
C GLY A 11 -16.51 12.34 -0.59
N SER A 12 -16.05 13.01 -1.64
CA SER A 12 -16.01 12.41 -2.97
C SER A 12 -14.58 12.33 -3.48
N ARG A 13 -13.78 11.46 -2.85
CA ARG A 13 -12.38 11.28 -3.24
C ARG A 13 -11.90 9.89 -2.86
N GLY A 14 -10.62 9.63 -3.13
CA GLY A 14 -10.06 8.33 -2.81
C GLY A 14 -8.61 8.42 -2.36
N LEU A 15 -7.88 7.32 -2.49
CA LEU A 15 -6.48 7.28 -2.11
C LEU A 15 -5.58 7.60 -3.30
N GLY A 16 -6.06 7.27 -4.49
CA GLY A 16 -5.29 7.53 -5.70
C GLY A 16 -3.95 6.82 -5.70
N CYS A 17 -3.96 5.53 -5.42
CA CYS A 17 -2.73 4.74 -5.39
C CYS A 17 -3.04 3.25 -5.57
N SER A 18 -2.07 2.52 -6.11
CA SER A 18 -2.24 1.09 -6.33
C SER A 18 -1.27 0.29 -5.47
N ILE A 19 -1.41 -1.03 -5.48
CA ILE A 19 -0.55 -1.89 -4.70
C ILE A 19 -0.08 -3.10 -5.52
N SER A 20 1.17 -3.48 -5.33
CA SER A 20 1.74 -4.61 -6.06
C SER A 20 2.15 -5.72 -5.09
N SER A 21 2.32 -6.93 -5.62
CA SER A 21 2.71 -8.08 -4.81
C SER A 21 4.16 -8.44 -5.04
N GLY A 22 4.85 -8.85 -3.98
CA GLY A 22 6.25 -9.21 -4.09
C GLY A 22 6.45 -10.68 -4.38
N PRO A 23 7.67 -11.09 -4.74
CA PRO A 23 7.99 -12.49 -5.05
C PRO A 23 8.18 -13.33 -3.79
N ILE A 24 8.74 -14.51 -3.96
CA ILE A 24 8.99 -15.41 -2.83
C ILE A 24 10.01 -14.82 -1.86
N GLN A 25 10.91 -13.99 -2.39
CA GLN A 25 11.95 -13.36 -1.59
C GLN A 25 11.35 -12.35 -0.62
N LYS A 26 10.20 -11.78 -0.98
CA LYS A 26 9.54 -10.79 -0.14
C LYS A 26 8.04 -10.73 -0.43
N PRO A 27 7.30 -11.81 -0.12
CA PRO A 27 5.86 -11.87 -0.36
C PRO A 27 5.08 -10.95 0.60
N GLY A 28 4.49 -9.90 0.05
CA GLY A 28 3.74 -8.97 0.87
C GLY A 28 3.01 -7.92 0.04
N ILE A 29 2.45 -6.93 0.72
CA ILE A 29 1.72 -5.86 0.05
C ILE A 29 2.62 -4.66 -0.20
N PHE A 30 2.82 -4.33 -1.48
CA PHE A 30 3.66 -3.20 -1.87
C PHE A 30 2.83 -2.06 -2.45
N ILE A 31 3.50 -0.95 -2.72
CA ILE A 31 2.85 0.22 -3.28
C ILE A 31 3.22 0.42 -4.75
N SER A 32 2.22 0.73 -5.56
CA SER A 32 2.42 0.96 -6.99
C SER A 32 2.32 2.44 -7.32
N HIS A 33 2.27 2.75 -8.60
CA HIS A 33 2.18 4.15 -9.06
C HIS A 33 1.10 4.91 -8.29
N VAL A 34 1.41 6.16 -7.96
CA VAL A 34 0.48 7.01 -7.22
C VAL A 34 -0.06 8.13 -8.10
N LYS A 35 -1.30 8.55 -7.84
CA LYS A 35 -1.91 9.61 -8.62
C LYS A 35 -2.02 10.91 -7.80
N PRO A 36 -1.75 12.06 -8.42
CA PRO A 36 -1.82 13.36 -7.73
C PRO A 36 -3.23 13.66 -7.22
N GLY A 37 -3.35 14.75 -6.47
CA GLY A 37 -4.65 15.13 -5.93
C GLY A 37 -5.32 13.99 -5.19
N SER A 38 -4.52 13.09 -4.64
CA SER A 38 -5.04 11.94 -3.89
C SER A 38 -4.50 11.93 -2.47
N LEU A 39 -5.12 11.12 -1.62
CA LEU A 39 -4.70 11.01 -0.23
C LEU A 39 -3.31 10.40 -0.13
N SER A 40 -3.00 9.46 -1.03
CA SER A 40 -1.70 8.80 -1.04
C SER A 40 -0.58 9.83 -1.10
N ALA A 41 -0.78 10.88 -1.89
CA ALA A 41 0.21 11.94 -2.02
C ALA A 41 0.23 12.81 -0.77
N GLU A 42 -0.95 13.08 -0.24
CA GLU A 42 -1.08 13.90 0.97
C GLU A 42 -0.34 13.25 2.13
N VAL A 43 -0.36 11.93 2.18
CA VAL A 43 0.31 11.19 3.25
C VAL A 43 1.79 11.03 2.95
N GLY A 44 2.13 10.96 1.67
CA GLY A 44 3.53 10.80 1.29
C GLY A 44 3.82 9.43 0.73
N LEU A 45 2.91 8.90 -0.08
CA LEU A 45 3.08 7.58 -0.68
C LEU A 45 3.79 7.68 -2.02
N GLU A 46 4.27 6.54 -2.50
CA GLU A 46 4.99 6.48 -3.77
C GLU A 46 5.40 5.05 -4.09
N ILE A 47 5.84 4.83 -5.33
CA ILE A 47 6.27 3.50 -5.74
C ILE A 47 7.52 3.08 -4.98
N GLY A 48 7.51 1.84 -4.48
CA GLY A 48 8.65 1.33 -3.73
C GLY A 48 8.32 1.11 -2.27
N ASP A 49 7.23 1.71 -1.81
CA ASP A 49 6.80 1.56 -0.42
C ASP A 49 6.25 0.16 -0.17
N GLN A 50 6.04 -0.18 1.09
CA GLN A 50 5.50 -1.49 1.45
C GLN A 50 4.66 -1.41 2.71
N ILE A 51 3.37 -1.69 2.58
CA ILE A 51 2.46 -1.64 3.71
C ILE A 51 2.76 -2.79 4.68
N VAL A 52 3.15 -2.42 5.90
CA VAL A 52 3.49 -3.42 6.92
C VAL A 52 2.38 -3.55 7.97
N GLU A 53 1.28 -2.83 7.77
CA GLU A 53 0.16 -2.88 8.71
C GLU A 53 -1.01 -2.04 8.21
N VAL A 54 -2.22 -2.42 8.62
CA VAL A 54 -3.42 -1.70 8.23
C VAL A 54 -4.51 -1.85 9.27
N ASN A 55 -4.69 -0.80 10.08
CA ASN A 55 -5.71 -0.80 11.12
C ASN A 55 -5.45 -1.92 12.13
N GLY A 56 -4.17 -2.16 12.43
CA GLY A 56 -3.81 -3.20 13.37
C GLY A 56 -3.44 -4.49 12.69
N VAL A 57 -4.05 -4.76 11.55
CA VAL A 57 -3.78 -5.98 10.80
C VAL A 57 -2.39 -5.92 10.16
N ASP A 58 -1.51 -6.82 10.62
CA ASP A 58 -0.15 -6.87 10.09
C ASP A 58 -0.14 -7.28 8.62
N PHE A 59 0.47 -6.44 7.79
CA PHE A 59 0.54 -6.72 6.36
C PHE A 59 1.86 -7.39 6.00
N SER A 60 2.50 -8.00 6.98
CA SER A 60 3.77 -8.69 6.76
C SER A 60 3.56 -9.99 6.00
N ASN A 61 2.46 -10.67 6.31
CA ASN A 61 2.13 -11.93 5.66
C ASN A 61 0.69 -11.91 5.14
N LEU A 62 0.21 -10.71 4.81
CA LEU A 62 -1.14 -10.56 4.30
C LEU A 62 -1.21 -10.85 2.80
N ASP A 63 -2.34 -11.38 2.36
CA ASP A 63 -2.53 -11.71 0.94
C ASP A 63 -2.90 -10.47 0.14
N HIS A 64 -2.67 -10.53 -1.17
CA HIS A 64 -2.97 -9.41 -2.05
C HIS A 64 -4.45 -9.04 -1.97
N LYS A 65 -5.31 -10.01 -2.16
CA LYS A 65 -6.76 -9.80 -2.11
C LYS A 65 -7.16 -9.24 -0.74
N GLU A 66 -6.53 -9.75 0.31
CA GLU A 66 -6.83 -9.29 1.66
C GLU A 66 -6.52 -7.82 1.83
N ALA A 67 -5.36 -7.40 1.30
CA ALA A 67 -4.95 -6.00 1.39
C ALA A 67 -5.97 -5.09 0.72
N VAL A 68 -6.41 -5.47 -0.48
CA VAL A 68 -7.39 -4.69 -1.21
C VAL A 68 -8.75 -4.73 -0.53
N ASN A 69 -9.14 -5.92 -0.07
CA ASN A 69 -10.42 -6.10 0.60
C ASN A 69 -10.56 -5.16 1.79
N VAL A 70 -9.64 -5.27 2.75
CA VAL A 70 -9.67 -4.43 3.93
C VAL A 70 -9.59 -2.96 3.56
N LEU A 71 -8.76 -2.63 2.58
CA LEU A 71 -8.61 -1.25 2.12
C LEU A 71 -9.87 -0.76 1.44
N LYS A 72 -10.60 -1.70 0.81
CA LYS A 72 -11.83 -1.36 0.12
C LYS A 72 -13.01 -1.28 1.09
N SER A 73 -12.96 -2.11 2.12
CA SER A 73 -14.02 -2.14 3.13
C SER A 73 -14.06 -0.84 3.92
N SER A 74 -12.97 -0.53 4.61
CA SER A 74 -12.90 0.68 5.42
C SER A 74 -12.24 1.82 4.64
N ARG A 75 -12.91 2.96 4.58
CA ARG A 75 -12.39 4.12 3.87
C ARG A 75 -11.32 4.82 4.71
N SER A 76 -11.63 5.03 5.98
CA SER A 76 -10.70 5.69 6.90
C SER A 76 -9.96 4.67 7.76
N LEU A 77 -8.80 4.25 7.29
CA LEU A 77 -8.00 3.26 8.02
C LEU A 77 -6.54 3.71 8.12
N THR A 78 -5.92 3.39 9.25
CA THR A 78 -4.52 3.74 9.48
C THR A 78 -3.61 2.63 8.98
N ILE A 79 -2.79 2.94 7.98
CA ILE A 79 -1.88 1.96 7.41
C ILE A 79 -0.42 2.29 7.71
N SER A 80 0.30 1.32 8.25
CA SER A 80 1.71 1.50 8.58
C SER A 80 2.58 1.00 7.43
N ILE A 81 3.33 1.90 6.82
CA ILE A 81 4.21 1.54 5.70
C ILE A 81 5.65 1.93 5.99
N VAL A 82 6.58 1.10 5.55
CA VAL A 82 8.00 1.37 5.74
C VAL A 82 8.66 1.71 4.40
N ALA A 83 9.44 2.77 4.40
CA ALA A 83 10.12 3.22 3.19
C ALA A 83 11.24 2.26 2.80
N ALA A 84 11.32 1.97 1.49
CA ALA A 84 12.34 1.07 0.95
C ALA A 84 11.95 -0.40 1.06
N ALA A 85 10.98 -0.70 1.91
CA ALA A 85 10.54 -2.08 2.09
C ALA A 85 10.13 -2.70 0.75
N GLY A 86 9.81 -1.85 -0.22
CA GLY A 86 9.40 -2.32 -1.53
C GLY A 86 10.40 -1.95 -2.62
N ARG A 87 11.09 -0.83 -2.43
CA ARG A 87 12.06 -0.35 -3.41
C ARG A 87 13.12 -1.40 -3.70
N GLU A 88 13.49 -2.18 -2.68
CA GLU A 88 14.49 -3.22 -2.84
C GLU A 88 14.20 -4.08 -4.06
N LEU A 89 12.96 -4.56 -4.16
CA LEU A 89 12.54 -5.40 -5.28
C LEU A 89 12.43 -4.57 -6.56
N PHE A 90 11.58 -3.55 -6.54
CA PHE A 90 11.37 -2.68 -7.69
C PHE A 90 12.70 -2.27 -8.34
N MET A 91 13.69 -1.98 -7.50
CA MET A 91 15.00 -1.58 -8.00
C MET A 91 15.75 -2.78 -8.58
N THR A 92 15.22 -3.33 -9.66
CA THR A 92 15.83 -4.48 -10.31
C THR A 92 16.76 -4.03 -11.44
N THR B 1 7.94 -14.40 -13.07
CA THR B 1 6.54 -14.35 -13.50
C THR B 1 5.92 -13.01 -13.13
N PRO B 2 4.91 -12.57 -13.90
CA PRO B 2 4.22 -11.30 -13.65
C PRO B 2 3.74 -11.17 -12.21
N LEU B 3 3.46 -9.94 -11.79
CA LEU B 3 2.99 -9.68 -10.44
C LEU B 3 1.64 -8.98 -10.45
N GLU B 4 0.69 -9.53 -9.71
CA GLU B 4 -0.65 -8.95 -9.63
C GLU B 4 -0.61 -7.55 -9.04
N ILE B 5 -1.50 -6.69 -9.53
CA ILE B 5 -1.57 -5.31 -9.05
C ILE B 5 -3.02 -4.83 -8.96
N THR B 6 -3.33 -4.11 -7.88
CA THR B 6 -4.67 -3.59 -7.69
C THR B 6 -4.65 -2.08 -7.49
N GLU B 7 -5.71 -1.41 -7.96
CA GLU B 7 -5.80 0.04 -7.84
C GLU B 7 -6.67 0.43 -6.66
N LEU B 8 -6.23 1.45 -5.91
CA LEU B 8 -6.99 1.92 -4.75
C LEU B 8 -7.19 3.43 -4.81
N LYS A 1 13.46 3.96 7.75
CA LYS A 1 12.68 4.19 9.00
C LYS A 1 11.19 3.94 8.78
N GLU A 2 10.53 3.39 9.79
CA GLU A 2 9.10 3.10 9.70
C GLU A 2 8.30 4.37 9.45
N LYS A 3 7.40 4.32 8.48
CA LYS A 3 6.57 5.47 8.13
C LYS A 3 5.11 5.21 8.49
N LYS A 4 4.44 6.24 8.99
CA LYS A 4 3.03 6.13 9.37
C LYS A 4 2.14 6.90 8.40
N VAL A 5 0.96 6.35 8.12
CA VAL A 5 0.02 7.00 7.21
C VAL A 5 -1.42 6.66 7.57
N PHE A 6 -2.34 7.57 7.22
CA PHE A 6 -3.76 7.38 7.50
C PHE A 6 -4.60 7.82 6.32
N ILE A 7 -5.29 6.88 5.70
CA ILE A 7 -6.13 7.18 4.55
C ILE A 7 -7.59 7.32 4.96
N SER A 8 -8.16 8.51 4.73
CA SER A 8 -9.54 8.78 5.07
C SER A 8 -10.29 9.38 3.90
N LEU A 9 -11.20 8.61 3.31
CA LEU A 9 -11.98 9.06 2.17
C LEU A 9 -12.78 10.31 2.52
N VAL A 10 -12.55 11.38 1.77
CA VAL A 10 -13.24 12.64 2.00
C VAL A 10 -14.71 12.54 1.59
N GLY A 11 -14.95 12.00 0.41
CA GLY A 11 -16.31 11.85 -0.08
C GLY A 11 -16.46 10.69 -1.06
N SER A 12 -15.71 10.73 -2.14
CA SER A 12 -15.75 9.68 -3.15
C SER A 12 -14.54 9.75 -4.08
N ARG A 13 -13.36 9.86 -3.49
CA ARG A 13 -12.12 9.93 -4.27
C ARG A 13 -11.29 8.66 -4.11
N GLY A 14 -11.41 8.03 -2.95
CA GLY A 14 -10.67 6.81 -2.69
C GLY A 14 -9.33 7.07 -2.02
N LEU A 15 -8.25 6.62 -2.65
CA LEU A 15 -6.91 6.82 -2.12
C LEU A 15 -6.02 7.52 -3.14
N GLY A 16 -6.01 7.01 -4.36
CA GLY A 16 -5.19 7.60 -5.40
C GLY A 16 -3.86 6.90 -5.55
N CYS A 17 -3.82 5.62 -5.22
CA CYS A 17 -2.60 4.84 -5.31
C CYS A 17 -2.89 3.38 -5.67
N SER A 18 -1.88 2.69 -6.15
CA SER A 18 -2.02 1.29 -6.53
C SER A 18 -1.15 0.42 -5.62
N ILE A 19 -1.27 -0.90 -5.75
CA ILE A 19 -0.50 -1.82 -4.94
C ILE A 19 -0.08 -3.06 -5.73
N SER A 20 1.18 -3.44 -5.57
CA SER A 20 1.71 -4.61 -6.28
C SER A 20 2.20 -5.65 -5.27
N SER A 21 2.36 -6.88 -5.74
CA SER A 21 2.83 -7.96 -4.89
C SER A 21 4.28 -8.31 -5.20
N GLY A 22 5.02 -8.72 -4.17
CA GLY A 22 6.42 -9.07 -4.36
C GLY A 22 6.61 -10.52 -4.75
N PRO A 23 7.86 -10.96 -4.90
CA PRO A 23 8.18 -12.34 -5.28
C PRO A 23 7.78 -13.34 -4.19
N ILE A 24 8.27 -14.56 -4.30
CA ILE A 24 7.97 -15.61 -3.34
C ILE A 24 8.93 -15.55 -2.15
N GLN A 25 10.15 -15.09 -2.40
CA GLN A 25 11.16 -14.98 -1.35
C GLN A 25 10.78 -13.91 -0.34
N LYS A 26 10.07 -12.88 -0.81
CA LYS A 26 9.64 -11.80 0.07
C LYS A 26 8.25 -11.29 -0.33
N PRO A 27 7.21 -12.06 0.00
CA PRO A 27 5.83 -11.69 -0.32
C PRO A 27 5.29 -10.59 0.59
N GLY A 28 4.52 -9.68 0.02
CA GLY A 28 3.96 -8.59 0.79
C GLY A 28 3.22 -7.59 -0.07
N ILE A 29 2.56 -6.63 0.57
CA ILE A 29 1.81 -5.60 -0.15
C ILE A 29 2.68 -4.39 -0.45
N PHE A 30 2.92 -4.16 -1.73
CA PHE A 30 3.74 -3.02 -2.16
C PHE A 30 2.88 -1.91 -2.73
N ILE A 31 3.51 -0.76 -3.00
CA ILE A 31 2.81 0.38 -3.55
C ILE A 31 3.19 0.61 -5.01
N SER A 32 2.18 0.92 -5.81
CA SER A 32 2.39 1.17 -7.24
C SER A 32 2.25 2.66 -7.54
N HIS A 33 2.20 3.01 -8.82
CA HIS A 33 2.08 4.40 -9.24
C HIS A 33 1.02 5.13 -8.41
N VAL A 34 1.30 6.40 -8.11
CA VAL A 34 0.39 7.22 -7.32
C VAL A 34 -0.26 8.30 -8.18
N LYS A 35 -1.41 8.80 -7.74
CA LYS A 35 -2.11 9.84 -8.48
C LYS A 35 -2.17 11.14 -7.68
N PRO A 36 -2.10 12.29 -8.36
CA PRO A 36 -2.14 13.60 -7.71
C PRO A 36 -3.54 13.96 -7.21
N GLY A 37 -3.61 14.93 -6.30
CA GLY A 37 -4.88 15.34 -5.75
C GLY A 37 -5.65 14.19 -5.12
N SER A 38 -4.94 13.34 -4.39
CA SER A 38 -5.55 12.19 -3.74
C SER A 38 -5.05 12.05 -2.31
N LEU A 39 -5.50 11.00 -1.63
CA LEU A 39 -5.09 10.75 -0.25
C LEU A 39 -3.63 10.31 -0.20
N SER A 40 -3.28 9.33 -1.02
CA SER A 40 -1.92 8.81 -1.07
C SER A 40 -0.91 9.94 -1.28
N ALA A 41 -1.25 10.87 -2.18
CA ALA A 41 -0.38 12.00 -2.47
C ALA A 41 -0.26 12.93 -1.27
N GLU A 42 -1.39 13.15 -0.59
CA GLU A 42 -1.43 14.03 0.56
C GLU A 42 -0.57 13.45 1.70
N VAL A 43 -0.60 12.14 1.84
CA VAL A 43 0.17 11.46 2.87
C VAL A 43 1.64 11.33 2.47
N GLY A 44 1.88 11.10 1.19
CA GLY A 44 3.23 10.96 0.70
C GLY A 44 3.59 9.52 0.38
N LEU A 45 2.99 8.98 -0.68
CA LEU A 45 3.25 7.60 -1.08
C LEU A 45 3.90 7.55 -2.46
N GLU A 46 4.70 6.52 -2.70
CA GLU A 46 5.38 6.34 -3.97
C GLU A 46 5.70 4.88 -4.22
N ILE A 47 5.98 4.54 -5.48
CA ILE A 47 6.31 3.17 -5.85
C ILE A 47 7.50 2.66 -5.07
N GLY A 48 7.42 1.41 -4.61
CA GLY A 48 8.51 0.83 -3.84
C GLY A 48 8.16 0.64 -2.38
N ASP A 49 7.28 1.50 -1.88
CA ASP A 49 6.87 1.43 -0.47
C ASP A 49 6.27 0.06 -0.17
N GLN A 50 6.14 -0.27 1.11
CA GLN A 50 5.57 -1.55 1.52
C GLN A 50 4.79 -1.43 2.82
N ILE A 51 3.48 -1.64 2.73
CA ILE A 51 2.61 -1.56 3.91
C ILE A 51 2.88 -2.70 4.87
N VAL A 52 3.34 -2.36 6.08
CA VAL A 52 3.65 -3.36 7.09
C VAL A 52 2.50 -3.53 8.09
N GLU A 53 1.42 -2.78 7.89
CA GLU A 53 0.27 -2.88 8.79
C GLU A 53 -0.88 -2.01 8.30
N VAL A 54 -2.09 -2.32 8.76
CA VAL A 54 -3.27 -1.56 8.37
C VAL A 54 -4.37 -1.67 9.42
N ASN A 55 -4.53 -0.61 10.21
CA ASN A 55 -5.54 -0.59 11.26
C ASN A 55 -5.26 -1.66 12.33
N GLY A 56 -4.03 -2.16 12.35
CA GLY A 56 -3.67 -3.17 13.33
C GLY A 56 -3.36 -4.52 12.68
N VAL A 57 -3.95 -4.77 11.53
CA VAL A 57 -3.73 -6.02 10.81
C VAL A 57 -2.28 -6.15 10.35
N ASP A 58 -1.69 -7.32 10.58
CA ASP A 58 -0.31 -7.56 10.18
C ASP A 58 -0.22 -7.83 8.68
N PHE A 59 0.57 -7.01 7.99
CA PHE A 59 0.75 -7.15 6.55
C PHE A 59 1.99 -7.99 6.23
N SER A 60 2.46 -8.75 7.21
CA SER A 60 3.64 -9.59 7.01
C SER A 60 3.29 -10.83 6.18
N ASN A 61 2.31 -11.59 6.65
CA ASN A 61 1.88 -12.80 5.95
C ASN A 61 0.53 -12.58 5.28
N LEU A 62 0.22 -11.33 4.96
CA LEU A 62 -1.04 -11.00 4.32
C LEU A 62 -0.95 -11.13 2.80
N ASP A 63 -2.06 -11.46 2.16
CA ASP A 63 -2.10 -11.62 0.71
C ASP A 63 -2.56 -10.33 0.04
N HIS A 64 -2.39 -10.26 -1.28
CA HIS A 64 -2.79 -9.08 -2.04
C HIS A 64 -4.27 -8.80 -1.86
N LYS A 65 -5.10 -9.81 -2.12
CA LYS A 65 -6.55 -9.66 -2.00
C LYS A 65 -6.92 -9.15 -0.60
N GLU A 66 -6.26 -9.70 0.41
CA GLU A 66 -6.52 -9.32 1.79
C GLU A 66 -6.27 -7.83 2.00
N ALA A 67 -5.17 -7.34 1.42
CA ALA A 67 -4.81 -5.94 1.53
C ALA A 67 -5.86 -5.04 0.88
N VAL A 68 -6.27 -5.40 -0.33
CA VAL A 68 -7.27 -4.63 -1.05
C VAL A 68 -8.63 -4.73 -0.38
N ASN A 69 -8.94 -5.90 0.17
CA ASN A 69 -10.22 -6.13 0.84
C ASN A 69 -10.37 -5.21 2.05
N VAL A 70 -9.44 -5.31 2.99
CA VAL A 70 -9.48 -4.49 4.19
C VAL A 70 -9.48 -3.00 3.85
N LEU A 71 -8.67 -2.63 2.86
CA LEU A 71 -8.59 -1.23 2.43
C LEU A 71 -9.90 -0.79 1.80
N LYS A 72 -10.58 -1.72 1.15
CA LYS A 72 -11.85 -1.42 0.50
C LYS A 72 -12.99 -1.40 1.52
N SER A 73 -12.90 -2.28 2.51
CA SER A 73 -13.92 -2.37 3.55
C SER A 73 -14.04 -1.06 4.33
N SER A 74 -12.92 -0.62 4.91
CA SER A 74 -12.91 0.61 5.68
C SER A 74 -12.37 1.78 4.86
N ARG A 75 -12.95 2.96 5.06
CA ARG A 75 -12.53 4.15 4.34
C ARG A 75 -11.45 4.89 5.12
N SER A 76 -11.71 5.11 6.41
CA SER A 76 -10.76 5.81 7.27
C SER A 76 -9.94 4.80 8.08
N LEU A 77 -8.90 4.26 7.46
CA LEU A 77 -8.04 3.27 8.11
C LEU A 77 -6.60 3.76 8.18
N THR A 78 -5.97 3.55 9.33
CA THR A 78 -4.57 3.95 9.52
C THR A 78 -3.65 2.85 9.01
N ILE A 79 -2.85 3.16 7.99
CA ILE A 79 -1.94 2.19 7.42
C ILE A 79 -0.48 2.53 7.72
N SER A 80 0.27 1.52 8.16
CA SER A 80 1.67 1.71 8.48
C SER A 80 2.55 1.17 7.36
N ILE A 81 3.35 2.05 6.76
CA ILE A 81 4.23 1.67 5.67
C ILE A 81 5.67 2.02 5.99
N VAL A 82 6.61 1.26 5.43
CA VAL A 82 8.03 1.50 5.65
C VAL A 82 8.77 1.67 4.33
N ALA A 83 9.22 2.88 4.06
CA ALA A 83 9.93 3.20 2.83
C ALA A 83 11.14 2.28 2.65
N ALA A 84 11.34 1.82 1.41
CA ALA A 84 12.47 0.94 1.07
C ALA A 84 12.14 -0.53 1.35
N ALA A 85 11.17 -0.77 2.22
CA ALA A 85 10.77 -2.14 2.55
C ALA A 85 10.34 -2.90 1.29
N GLY A 86 9.97 -2.14 0.26
CA GLY A 86 9.54 -2.74 -0.99
C GLY A 86 10.45 -2.37 -2.16
N ARG A 87 11.04 -1.18 -2.07
CA ARG A 87 11.92 -0.69 -3.14
C ARG A 87 13.06 -1.67 -3.41
N GLU A 88 13.54 -2.33 -2.35
CA GLU A 88 14.63 -3.30 -2.50
C GLU A 88 14.34 -4.26 -3.64
N LEU A 89 13.15 -4.84 -3.63
CA LEU A 89 12.74 -5.78 -4.66
C LEU A 89 12.48 -5.07 -5.98
N PHE A 90 11.79 -3.93 -5.90
CA PHE A 90 11.46 -3.13 -7.08
C PHE A 90 12.71 -2.82 -7.91
N MET A 91 13.87 -2.83 -7.25
CA MET A 91 15.13 -2.55 -7.93
C MET A 91 15.31 -3.45 -9.15
N THR A 92 15.48 -2.83 -10.32
CA THR A 92 15.66 -3.57 -11.56
C THR A 92 16.99 -4.33 -11.56
N THR B 1 9.40 -11.58 -14.81
CA THR B 1 7.94 -11.67 -14.68
C THR B 1 7.38 -10.46 -13.95
N PRO B 2 6.18 -10.01 -14.34
CA PRO B 2 5.53 -8.85 -13.73
C PRO B 2 4.89 -9.19 -12.38
N LEU B 3 4.30 -8.19 -11.75
CA LEU B 3 3.66 -8.38 -10.46
C LEU B 3 2.19 -7.95 -10.51
N GLU B 4 1.36 -8.61 -9.70
CA GLU B 4 -0.07 -8.29 -9.67
C GLU B 4 -0.32 -6.92 -9.06
N ILE B 5 -0.69 -5.96 -9.91
CA ILE B 5 -0.96 -4.60 -9.47
C ILE B 5 -2.46 -4.36 -9.34
N THR B 6 -2.82 -3.36 -8.54
CA THR B 6 -4.24 -3.03 -8.33
C THR B 6 -4.40 -1.54 -8.03
N GLU B 7 -5.53 -0.98 -8.43
CA GLU B 7 -5.82 0.43 -8.20
C GLU B 7 -6.63 0.62 -6.93
N LEU B 8 -6.25 1.62 -6.14
CA LEU B 8 -6.94 1.91 -4.88
C LEU B 8 -7.32 3.39 -4.80
#